data_7F05
#
_entry.id   7F05
#
_cell.length_a   157.340
_cell.length_b   68.350
_cell.length_c   157.985
_cell.angle_alpha   90.000
_cell.angle_beta   91.200
_cell.angle_gamma   90.000
#
_symmetry.space_group_name_H-M   'I 1 2 1'
#
loop_
_entity.id
_entity.type
_entity.pdbx_description
1 polymer Calsequestrin-2
2 non-polymer 'CALCIUM ION'
3 water water
#
_entity_poly.entity_id   1
_entity_poly.type   'polypeptide(L)'
_entity_poly.pdbx_seq_one_letter_code
;MGSSHHHHHHSSGLVPRGSHMASEEGLNFPTYDGKDRVVSLSEKNFKQVLKKYDLLCLYYHEPVSSDKVTQKQFQLKEIV
LELVAQVLEHKAIGFVMVDAKKEAKLAKKLGFDEEGSLYILKGDRTIEFDGEFAADVLVEFLLDLIEDPVEIISSKLEVQ
AFERIEDYIKLIGFFKSEDSEYYKAFEEAAEHFQPYIKFFATFDKGVAKKLSLKMNEVDFYEPFMDEPIAIPNKPYTEEE
LVEFVKEHQRPTLRRLRPEEMFETWEDDLNGIHIVAFAEKSDPDGYEFLEILKQVARDNTDNPDLSILWIDPDDFPLLVA
YWEKTFKIDLFRPQIGVVNVTDADSVWMEIPDDDDLPTAEELEDWIEDVLSGKINTEDDDEDDDDDDNEDEEDNDDEDDD
DDE
;
_entity_poly.pdbx_strand_id   A,C,B,D
#
loop_
_chem_comp.id
_chem_comp.type
_chem_comp.name
_chem_comp.formula
CA non-polymer 'CALCIUM ION' 'Ca 2'
#
# COMPACT_ATOMS: atom_id res chain seq x y z
N GLU A 24 -27.71 14.47 1.90
CA GLU A 24 -27.33 15.82 2.32
C GLU A 24 -26.31 15.71 3.46
N GLU A 25 -26.03 16.80 4.16
CA GLU A 25 -24.93 16.87 5.09
C GLU A 25 -25.50 16.47 6.42
N GLY A 26 -26.78 16.77 6.59
CA GLY A 26 -27.42 16.47 7.84
C GLY A 26 -28.66 17.27 8.12
N LEU A 27 -29.05 17.23 9.39
CA LEU A 27 -30.25 17.88 9.86
C LEU A 27 -30.01 19.38 10.03
N ASN A 28 -30.74 20.16 9.21
CA ASN A 28 -30.76 21.63 9.25
C ASN A 28 -29.68 22.33 8.42
N PHE A 29 -28.86 21.55 7.72
CA PHE A 29 -27.94 22.17 6.76
C PHE A 29 -28.80 22.68 5.61
N PRO A 30 -28.49 23.89 5.11
CA PRO A 30 -29.37 24.51 4.12
C PRO A 30 -29.23 23.94 2.72
N THR A 31 -30.33 23.92 1.97
CA THR A 31 -30.30 23.52 0.57
C THR A 31 -30.66 24.69 -0.33
N TYR A 32 -30.05 24.72 -1.51
CA TYR A 32 -30.33 25.77 -2.48
C TYR A 32 -31.78 25.70 -2.93
N ASP A 33 -32.50 26.81 -2.81
CA ASP A 33 -33.94 26.82 -3.07
C ASP A 33 -34.31 27.09 -4.52
N GLY A 34 -33.33 27.03 -5.42
CA GLY A 34 -33.60 27.20 -6.83
C GLY A 34 -33.75 28.65 -7.27
N LYS A 35 -33.85 29.54 -6.29
CA LYS A 35 -34.06 30.95 -6.54
C LYS A 35 -32.81 31.55 -7.17
N ASP A 36 -32.98 32.57 -8.00
CA ASP A 36 -31.86 33.13 -8.74
C ASP A 36 -31.48 34.48 -8.16
N ARG A 37 -30.49 34.48 -7.28
CA ARG A 37 -30.02 35.69 -6.61
C ARG A 37 -28.72 36.17 -7.21
N VAL A 38 -27.98 35.26 -7.82
CA VAL A 38 -26.69 35.61 -8.44
C VAL A 38 -26.81 35.65 -9.96
N VAL A 39 -26.80 36.86 -10.51
CA VAL A 39 -26.89 37.03 -11.96
C VAL A 39 -25.66 37.77 -12.49
N SER A 40 -25.51 37.80 -13.81
CA SER A 40 -24.40 38.52 -14.40
C SER A 40 -24.69 40.02 -14.42
N LEU A 41 -23.71 40.82 -14.02
CA LEU A 41 -23.88 42.26 -13.86
C LEU A 41 -23.35 43.08 -15.03
N SER A 42 -24.15 44.02 -15.53
CA SER A 42 -23.68 44.92 -16.57
C SER A 42 -23.53 46.29 -15.92
N GLU A 43 -22.83 47.20 -16.58
CA GLU A 43 -22.52 48.52 -16.02
C GLU A 43 -23.73 49.40 -15.78
N LYS A 44 -24.74 49.25 -16.61
CA LYS A 44 -25.95 50.05 -16.49
C LYS A 44 -26.70 49.83 -15.18
N ASN A 45 -26.62 48.61 -14.63
CA ASN A 45 -27.31 48.26 -13.38
C ASN A 45 -26.40 48.26 -12.15
N PHE A 46 -25.15 48.68 -12.30
CA PHE A 46 -24.20 48.66 -11.19
C PHE A 46 -24.60 49.54 -10.01
N LYS A 47 -24.74 50.84 -10.27
CA LYS A 47 -25.11 51.81 -9.24
C LYS A 47 -26.44 51.45 -8.57
N GLN A 48 -27.32 50.79 -9.33
CA GLN A 48 -28.61 50.35 -8.82
C GLN A 48 -28.49 49.10 -7.95
N VAL A 49 -27.70 48.12 -8.40
CA VAL A 49 -27.47 46.90 -7.64
C VAL A 49 -26.70 47.21 -6.36
N LEU A 50 -25.74 48.13 -6.47
CA LEU A 50 -24.89 48.52 -5.34
C LEU A 50 -25.67 49.08 -4.15
N LYS A 51 -26.75 49.81 -4.42
CA LYS A 51 -27.57 50.39 -3.34
C LYS A 51 -28.39 49.37 -2.56
N LYS A 52 -28.57 48.19 -3.13
CA LYS A 52 -29.50 47.23 -2.57
C LYS A 52 -28.93 46.51 -1.36
N TYR A 53 -27.60 46.40 -1.30
CA TYR A 53 -26.94 45.55 -0.32
C TYR A 53 -25.99 46.30 0.62
N ASP A 54 -25.71 45.66 1.76
CA ASP A 54 -24.70 46.15 2.69
C ASP A 54 -23.32 45.93 2.09
N LEU A 55 -23.09 44.70 1.62
CA LEU A 55 -21.85 44.35 0.94
C LEU A 55 -22.17 43.77 -0.44
N LEU A 56 -21.40 44.17 -1.45
CA LEU A 56 -21.58 43.64 -2.79
C LEU A 56 -20.36 42.84 -3.22
N CYS A 57 -20.58 41.55 -3.50
CA CYS A 57 -19.50 40.67 -3.93
C CYS A 57 -19.58 40.39 -5.43
N LEU A 58 -18.51 40.73 -6.14
CA LEU A 58 -18.48 40.59 -7.59
C LEU A 58 -17.46 39.55 -8.02
N TYR A 59 -17.93 38.45 -8.60
CA TYR A 59 -17.03 37.41 -9.10
C TYR A 59 -16.50 37.79 -10.48
N TYR A 60 -15.26 38.27 -10.52
CA TYR A 60 -14.63 38.69 -11.75
C TYR A 60 -14.02 37.51 -12.51
N HIS A 61 -14.70 37.06 -13.56
CA HIS A 61 -14.27 35.87 -14.29
C HIS A 61 -14.00 36.18 -15.75
N GLU A 62 -13.29 35.26 -16.36
CA GLU A 62 -12.99 35.27 -17.72
C GLU A 62 -14.17 34.73 -18.47
N PRO A 63 -14.30 35.09 -19.71
CA PRO A 63 -15.53 34.74 -20.43
C PRO A 63 -15.64 33.25 -20.61
N VAL A 64 -16.79 32.67 -20.43
CA VAL A 64 -16.89 31.22 -20.36
C VAL A 64 -16.81 30.53 -21.71
N SER A 65 -15.97 29.50 -21.80
CA SER A 65 -15.76 28.80 -23.06
C SER A 65 -17.09 28.25 -23.49
N SER A 66 -17.13 27.59 -24.62
CA SER A 66 -18.33 26.89 -25.04
C SER A 66 -17.92 25.54 -24.66
N ASP A 67 -16.66 25.42 -24.32
CA ASP A 67 -16.13 24.09 -24.12
C ASP A 67 -16.97 23.43 -23.09
N LYS A 68 -17.07 22.13 -23.12
CA LYS A 68 -17.94 21.48 -22.18
C LYS A 68 -17.33 21.32 -20.81
N VAL A 69 -16.04 21.58 -20.56
CA VAL A 69 -15.67 21.00 -19.35
C VAL A 69 -15.36 22.25 -18.61
N THR A 70 -15.33 23.40 -19.29
CA THR A 70 -15.11 24.55 -18.44
C THR A 70 -16.43 25.10 -18.00
N GLN A 71 -17.38 25.08 -18.90
CA GLN A 71 -18.73 25.45 -18.59
C GLN A 71 -19.24 24.77 -17.34
N LYS A 72 -18.91 23.53 -17.18
CA LYS A 72 -19.29 22.78 -16.01
C LYS A 72 -18.56 23.26 -14.76
N GLN A 73 -17.28 23.56 -14.90
CA GLN A 73 -16.47 24.02 -13.79
C GLN A 73 -16.86 25.40 -13.33
N PHE A 74 -17.39 26.19 -14.23
CA PHE A 74 -17.93 27.50 -13.90
C PHE A 74 -19.29 27.42 -13.20
N GLN A 75 -20.11 26.46 -13.61
CA GLN A 75 -21.47 26.34 -13.07
C GLN A 75 -21.41 25.97 -11.59
N LEU A 76 -20.44 25.13 -11.23
CA LEU A 76 -20.20 24.75 -9.83
C LEU A 76 -19.91 25.97 -8.97
N LYS A 77 -19.15 26.91 -9.52
CA LYS A 77 -18.81 28.12 -8.79
C LYS A 77 -20.03 29.00 -8.56
N GLU A 78 -20.93 29.03 -9.55
CA GLU A 78 -22.13 29.84 -9.44
C GLU A 78 -23.07 29.21 -8.43
N ILE A 79 -23.16 27.88 -8.47
CA ILE A 79 -23.96 27.13 -7.51
C ILE A 79 -23.48 27.44 -6.09
N VAL A 80 -22.15 27.50 -5.93
CA VAL A 80 -21.56 27.84 -4.64
C VAL A 80 -21.98 29.25 -4.23
N LEU A 81 -21.85 30.20 -5.14
CA LEU A 81 -22.23 31.58 -4.89
C LEU A 81 -23.73 31.71 -4.60
N GLU A 82 -24.53 30.88 -5.24
CA GLU A 82 -25.97 30.90 -5.05
C GLU A 82 -26.33 30.46 -3.63
N LEU A 83 -25.63 29.45 -3.12
CA LEU A 83 -25.88 28.96 -1.77
C LEU A 83 -25.43 29.97 -0.72
N VAL A 84 -24.31 30.64 -0.98
CA VAL A 84 -23.81 31.68 -0.09
C VAL A 84 -24.76 32.88 -0.07
N ALA A 85 -25.28 33.22 -1.25
CA ALA A 85 -26.22 34.32 -1.38
C ALA A 85 -27.51 34.04 -0.61
N GLN A 86 -27.89 32.78 -0.55
CA GLN A 86 -29.11 32.38 0.13
C GLN A 86 -29.00 32.50 1.64
N VAL A 87 -27.90 31.99 2.19
CA VAL A 87 -27.70 31.98 3.63
C VAL A 87 -27.27 33.35 4.17
N LEU A 88 -26.80 34.23 3.29
CA LEU A 88 -26.36 35.56 3.71
C LEU A 88 -27.31 36.64 3.21
N GLU A 89 -28.48 36.22 2.76
CA GLU A 89 -29.50 37.15 2.27
C GLU A 89 -29.97 38.10 3.38
N HIS A 90 -30.22 37.54 4.56
CA HIS A 90 -30.75 38.33 5.68
CA HIS A 90 -30.75 38.34 5.67
C HIS A 90 -29.74 39.35 6.20
N LYS A 91 -28.48 39.20 5.80
CA LYS A 91 -27.46 40.17 6.21
C LYS A 91 -27.10 41.11 5.08
N ALA A 92 -27.97 41.14 4.06
CA ALA A 92 -27.86 42.05 2.92
C ALA A 92 -26.52 42.02 2.19
N ILE A 93 -26.03 40.83 1.84
CA ILE A 93 -24.85 40.72 1.00
C ILE A 93 -25.24 40.24 -0.40
N GLY A 94 -24.93 41.04 -1.41
CA GLY A 94 -25.28 40.72 -2.78
C GLY A 94 -24.16 40.04 -3.53
N PHE A 95 -24.53 39.19 -4.48
CA PHE A 95 -23.55 38.47 -5.27
C PHE A 95 -23.87 38.56 -6.76
N VAL A 96 -22.96 39.16 -7.52
CA VAL A 96 -23.11 39.27 -8.96
C VAL A 96 -21.87 38.74 -9.66
N MET A 97 -22.00 38.48 -10.95
CA MET A 97 -20.89 37.98 -11.75
C MET A 97 -20.50 39.00 -12.82
N VAL A 98 -19.21 39.20 -12.99
CA VAL A 98 -18.71 40.19 -13.94
C VAL A 98 -17.83 39.55 -15.01
N ASP A 99 -18.30 39.57 -16.25
CA ASP A 99 -17.52 39.06 -17.37
C ASP A 99 -16.36 40.01 -17.63
N ALA A 100 -15.14 39.46 -17.63
CA ALA A 100 -13.93 40.28 -17.75
C ALA A 100 -13.82 40.95 -19.11
N LYS A 101 -14.41 40.32 -20.11
CA LYS A 101 -14.28 40.78 -21.49
C LYS A 101 -15.45 41.68 -21.90
N LYS A 102 -16.66 41.23 -21.62
CA LYS A 102 -17.86 41.96 -22.01
C LYS A 102 -18.08 43.21 -21.15
N GLU A 103 -17.57 43.18 -19.92
CA GLU A 103 -17.71 44.31 -19.00
C GLU A 103 -16.36 44.90 -18.58
N ALA A 104 -15.43 44.98 -19.51
CA ALA A 104 -14.08 45.47 -19.23
C ALA A 104 -14.06 46.89 -18.66
N LYS A 105 -15.02 47.71 -19.07
CA LYS A 105 -15.08 49.10 -18.63
C LYS A 105 -15.41 49.22 -17.15
N LEU A 106 -16.40 48.45 -16.71
CA LEU A 106 -16.80 48.45 -15.31
C LEU A 106 -15.65 47.91 -14.45
N ALA A 107 -15.02 46.85 -14.93
CA ALA A 107 -13.91 46.21 -14.23
C ALA A 107 -12.71 47.13 -14.06
N LYS A 108 -12.41 47.92 -15.08
CA LYS A 108 -11.27 48.84 -15.03
C LYS A 108 -11.54 49.97 -14.06
N LYS A 109 -12.80 50.43 -14.04
CA LYS A 109 -13.21 51.51 -13.15
C LYS A 109 -13.17 51.07 -11.69
N LEU A 110 -13.49 49.81 -11.44
CA LEU A 110 -13.47 49.26 -10.09
C LEU A 110 -12.08 48.74 -9.74
N GLY A 111 -11.24 48.59 -10.76
CA GLY A 111 -9.87 48.15 -10.57
C GLY A 111 -9.71 46.65 -10.51
N PHE A 112 -10.67 45.94 -11.12
CA PHE A 112 -10.58 44.48 -11.16
C PHE A 112 -9.63 44.09 -12.28
N ASP A 113 -8.61 43.31 -11.94
CA ASP A 113 -7.68 42.83 -12.95
C ASP A 113 -7.26 41.38 -12.76
N GLU A 114 -7.63 40.77 -11.64
CA GLU A 114 -7.34 39.36 -11.42
C GLU A 114 -8.57 38.48 -11.61
N GLU A 115 -8.55 37.67 -12.67
CA GLU A 115 -9.64 36.73 -12.98
C GLU A 115 -9.69 35.53 -12.03
N GLY A 116 -10.89 35.23 -11.56
CA GLY A 116 -11.12 34.11 -10.65
C GLY A 116 -11.17 34.59 -9.22
N SER A 117 -10.90 35.88 -9.02
CA SER A 117 -10.95 36.49 -7.70
C SER A 117 -12.33 37.06 -7.40
N LEU A 118 -12.76 36.96 -6.15
CA LEU A 118 -14.02 37.54 -5.72
C LEU A 118 -13.78 38.86 -5.01
N TYR A 119 -14.21 39.95 -5.64
CA TYR A 119 -14.04 41.29 -5.06
C TYR A 119 -15.27 41.70 -4.26
N ILE A 120 -15.03 42.23 -3.06
CA ILE A 120 -16.11 42.68 -2.19
C ILE A 120 -16.06 44.18 -1.98
N LEU A 121 -17.16 44.85 -2.30
CA LEU A 121 -17.25 46.29 -2.10
C LEU A 121 -17.89 46.61 -0.75
N LYS A 122 -17.06 47.09 0.18
CA LYS A 122 -17.52 47.48 1.50
C LYS A 122 -17.25 48.97 1.69
N GLY A 123 -18.27 49.78 1.46
CA GLY A 123 -18.13 51.23 1.46
C GLY A 123 -17.25 51.70 0.31
N ASP A 124 -16.28 52.55 0.60
CA ASP A 124 -15.34 53.01 -0.41
C ASP A 124 -14.21 52.00 -0.64
N ARG A 125 -14.10 51.01 0.25
CA ARG A 125 -13.05 49.98 0.24
C ARG A 125 -13.27 48.74 -0.61
N THR A 126 -12.21 48.19 -1.16
CA THR A 126 -12.31 46.96 -1.94
C THR A 126 -11.47 45.81 -1.37
N ILE A 127 -12.13 44.72 -1.01
CA ILE A 127 -11.45 43.54 -0.47
C ILE A 127 -11.50 42.37 -1.44
N GLU A 128 -10.35 41.73 -1.66
CA GLU A 128 -10.27 40.60 -2.59
C GLU A 128 -10.29 39.25 -1.86
N PHE A 129 -11.15 38.36 -2.32
CA PHE A 129 -11.13 36.97 -1.85
C PHE A 129 -10.46 36.10 -2.91
N ASP A 130 -9.45 35.34 -2.49
CA ASP A 130 -8.71 34.50 -3.42
C ASP A 130 -8.33 33.18 -2.75
N GLY A 131 -9.33 32.43 -2.33
CA GLY A 131 -9.10 31.16 -1.66
C GLY A 131 -10.03 30.07 -2.12
N GLU A 132 -10.19 29.04 -1.30
CA GLU A 132 -11.04 27.89 -1.62
C GLU A 132 -12.48 28.33 -1.89
N PHE A 133 -12.96 28.07 -3.10
CA PHE A 133 -14.28 28.51 -3.51
C PHE A 133 -15.34 27.52 -3.02
N ALA A 134 -15.56 27.52 -1.71
CA ALA A 134 -16.58 26.68 -1.10
C ALA A 134 -17.56 27.54 -0.32
N ALA A 135 -18.79 27.03 -0.15
CA ALA A 135 -19.84 27.79 0.51
C ALA A 135 -19.49 28.14 1.95
N ASP A 136 -19.06 27.15 2.72
CA ASP A 136 -18.75 27.34 4.13
C ASP A 136 -17.54 28.24 4.34
N VAL A 137 -16.53 28.11 3.48
CA VAL A 137 -15.34 28.93 3.56
C VAL A 137 -15.66 30.39 3.28
N LEU A 138 -16.47 30.62 2.25
CA LEU A 138 -16.86 31.98 1.88
C LEU A 138 -17.71 32.65 2.95
N VAL A 139 -18.67 31.91 3.49
CA VAL A 139 -19.57 32.45 4.51
C VAL A 139 -18.83 32.88 5.77
N GLU A 140 -17.98 32.00 6.29
CA GLU A 140 -17.18 32.30 7.48
C GLU A 140 -16.30 33.53 7.23
N PHE A 141 -15.74 33.60 6.03
CA PHE A 141 -14.89 34.73 5.63
C PHE A 141 -15.69 36.03 5.61
N LEU A 142 -16.86 36.00 4.97
CA LEU A 142 -17.67 37.19 4.80
C LEU A 142 -18.28 37.67 6.12
N LEU A 143 -18.61 36.73 7.01
CA LEU A 143 -19.17 37.08 8.31
C LEU A 143 -18.21 37.95 9.12
N ASP A 144 -16.92 37.67 9.00
CA ASP A 144 -15.90 38.47 9.67
C ASP A 144 -15.71 39.81 8.97
N LEU A 145 -15.88 39.82 7.65
CA LEU A 145 -15.69 41.02 6.85
C LEU A 145 -16.79 42.05 7.09
N ILE A 146 -17.98 41.57 7.45
CA ILE A 146 -19.11 42.45 7.73
C ILE A 146 -18.82 43.36 8.92
N GLU A 147 -18.25 42.78 9.96
CA GLU A 147 -18.01 43.50 11.21
C GLU A 147 -16.92 44.56 11.08
N ASP A 148 -16.81 45.40 12.09
CA ASP A 148 -15.75 46.40 12.16
C ASP A 148 -14.40 45.71 12.36
N PRO A 149 -13.37 46.18 11.64
CA PRO A 149 -12.04 45.56 11.64
C PRO A 149 -11.32 45.62 12.97
N VAL A 150 -11.57 46.65 13.77
CA VAL A 150 -10.83 46.86 15.01
C VAL A 150 -11.57 46.36 16.24
N GLU A 151 -10.92 45.49 17.01
CA GLU A 151 -11.45 45.01 18.28
C GLU A 151 -10.86 45.80 19.44
N ILE A 152 -11.69 46.20 20.39
CA ILE A 152 -11.23 46.95 21.55
C ILE A 152 -10.84 46.00 22.69
N ILE A 153 -9.61 46.12 23.14
CA ILE A 153 -9.11 45.27 24.22
C ILE A 153 -9.10 46.02 25.54
N SER A 154 -9.93 45.59 26.48
CA SER A 154 -10.07 46.30 27.75
C SER A 154 -9.88 45.36 28.95
N SER A 155 -10.66 44.28 28.99
CA SER A 155 -10.60 43.38 30.13
C SER A 155 -9.36 42.51 30.09
N LYS A 156 -9.08 41.86 31.22
CA LYS A 156 -7.93 40.95 31.33
C LYS A 156 -8.03 39.76 30.37
N LEU A 157 -9.24 39.22 30.24
CA LEU A 157 -9.46 38.07 29.36
C LEU A 157 -9.33 38.48 27.90
N GLU A 158 -9.64 39.73 27.61
CA GLU A 158 -9.48 40.26 26.26
C GLU A 158 -8.00 40.43 25.93
N VAL A 159 -7.23 40.85 26.91
CA VAL A 159 -5.78 40.94 26.78
C VAL A 159 -5.23 39.54 26.53
N GLN A 160 -5.72 38.59 27.30
CA GLN A 160 -5.34 37.19 27.16
C GLN A 160 -5.68 36.65 25.78
N ALA A 161 -6.83 37.08 25.25
CA ALA A 161 -7.26 36.68 23.91
C ALA A 161 -6.30 37.19 22.84
N PHE A 162 -5.87 38.44 23.00
CA PHE A 162 -4.94 39.06 22.07
C PHE A 162 -3.59 38.36 22.09
N GLU A 163 -3.13 38.03 23.30
CA GLU A 163 -1.81 37.42 23.50
C GLU A 163 -1.71 36.04 22.87
N ARG A 164 -2.83 35.34 22.77
CA ARG A 164 -2.83 33.97 22.28
C ARG A 164 -2.94 33.86 20.77
N ILE A 165 -3.07 35.00 20.09
CA ILE A 165 -3.01 35.02 18.63
C ILE A 165 -1.58 34.85 18.14
N GLU A 166 -1.34 33.77 17.40
CA GLU A 166 0.03 33.40 17.06
C GLU A 166 0.31 33.39 15.55
N ASP A 167 -0.60 32.83 14.76
CA ASP A 167 -0.34 32.64 13.34
C ASP A 167 -0.92 33.76 12.47
N TYR A 168 -1.51 34.76 13.10
CA TYR A 168 -2.00 35.94 12.38
C TYR A 168 -1.10 37.14 12.62
N ILE A 169 -0.94 37.96 11.59
CA ILE A 169 -0.32 39.27 11.77
C ILE A 169 -1.28 40.13 12.58
N LYS A 170 -0.80 40.69 13.67
CA LYS A 170 -1.66 41.50 14.53
C LYS A 170 -0.99 42.80 14.94
N LEU A 171 -1.80 43.85 15.05
CA LEU A 171 -1.33 45.15 15.48
C LEU A 171 -2.19 45.66 16.63
N ILE A 172 -1.57 46.30 17.61
CA ILE A 172 -2.32 46.90 18.70
C ILE A 172 -1.80 48.29 19.01
N GLY A 173 -2.72 49.22 19.24
CA GLY A 173 -2.36 50.60 19.53
C GLY A 173 -3.05 51.12 20.76
N PHE A 174 -2.38 52.04 21.46
CA PHE A 174 -2.94 52.66 22.65
C PHE A 174 -3.35 54.10 22.37
N PHE A 175 -4.64 54.37 22.48
CA PHE A 175 -5.15 55.71 22.22
C PHE A 175 -5.97 56.22 23.39
N LYS A 176 -6.28 57.52 23.38
CA LYS A 176 -7.03 58.14 24.46
C LYS A 176 -8.49 57.68 24.50
N SER A 177 -9.14 57.68 23.34
CA SER A 177 -10.53 57.28 23.23
C SER A 177 -10.92 56.98 21.78
N GLU A 178 -12.17 56.59 21.58
CA GLU A 178 -12.69 56.30 20.25
C GLU A 178 -12.86 57.57 19.43
N ASP A 179 -12.81 58.71 20.10
CA ASP A 179 -12.99 60.00 19.46
C ASP A 179 -11.66 60.58 18.97
N SER A 180 -10.58 59.97 19.45
CA SER A 180 -9.23 60.38 19.04
C SER A 180 -8.99 60.22 17.55
N GLU A 181 -8.43 61.25 16.93
CA GLU A 181 -8.12 61.23 15.50
C GLU A 181 -7.03 60.21 15.19
N TYR A 182 -6.19 59.94 16.19
CA TYR A 182 -5.12 58.97 16.04
C TYR A 182 -5.66 57.55 15.98
N TYR A 183 -6.76 57.32 16.69
CA TYR A 183 -7.44 56.03 16.63
C TYR A 183 -8.14 55.84 15.29
N LYS A 184 -8.76 56.91 14.80
CA LYS A 184 -9.51 56.87 13.56
C LYS A 184 -8.58 56.58 12.38
N ALA A 185 -7.36 57.10 12.44
CA ALA A 185 -6.36 56.82 11.41
C ALA A 185 -5.93 55.35 11.49
N PHE A 186 -5.84 54.85 12.72
CA PHE A 186 -5.51 53.45 12.94
C PHE A 186 -6.65 52.56 12.45
N GLU A 187 -7.87 53.01 12.67
CA GLU A 187 -9.06 52.28 12.23
C GLU A 187 -9.15 52.22 10.71
N GLU A 188 -8.86 53.35 10.06
CA GLU A 188 -8.90 53.44 8.61
C GLU A 188 -7.86 52.53 7.96
N ALA A 189 -6.68 52.47 8.58
CA ALA A 189 -5.61 51.61 8.11
C ALA A 189 -6.01 50.14 8.24
N ALA A 190 -6.78 49.83 9.27
CA ALA A 190 -7.24 48.47 9.51
C ALA A 190 -8.18 47.99 8.41
N GLU A 191 -8.91 48.93 7.82
CA GLU A 191 -9.89 48.61 6.78
C GLU A 191 -9.21 48.14 5.49
N HIS A 192 -7.96 48.52 5.31
CA HIS A 192 -7.20 48.12 4.12
C HIS A 192 -6.94 46.62 4.08
N PHE A 193 -6.72 46.03 5.24
CA PHE A 193 -6.22 44.65 5.32
C PHE A 193 -7.24 43.66 5.89
N GLN A 194 -8.46 44.11 6.08
CA GLN A 194 -9.50 43.24 6.64
C GLN A 194 -9.92 42.18 5.63
N PRO A 195 -10.18 40.95 6.11
CA PRO A 195 -9.95 40.51 7.48
C PRO A 195 -8.70 39.64 7.62
N TYR A 196 -7.69 39.90 6.82
CA TYR A 196 -6.49 39.07 6.80
C TYR A 196 -5.52 39.43 7.92
N ILE A 197 -5.46 40.72 8.25
CA ILE A 197 -4.58 41.19 9.30
C ILE A 197 -5.39 41.82 10.44
N LYS A 198 -5.13 41.35 11.66
CA LYS A 198 -5.94 41.73 12.82
C LYS A 198 -5.45 43.00 13.50
N PHE A 199 -6.34 43.97 13.64
CA PHE A 199 -6.01 45.21 14.32
C PHE A 199 -6.74 45.32 15.65
N PHE A 200 -6.03 45.77 16.68
CA PHE A 200 -6.60 45.91 18.01
C PHE A 200 -6.27 47.29 18.59
N ALA A 201 -7.13 47.76 19.49
CA ALA A 201 -6.93 49.05 20.12
C ALA A 201 -7.36 49.03 21.57
N THR A 202 -6.66 49.79 22.41
CA THR A 202 -7.04 49.90 23.82
C THR A 202 -7.05 51.36 24.25
N PHE A 203 -7.95 51.68 25.18
CA PHE A 203 -8.03 53.01 25.75
C PHE A 203 -7.78 52.92 27.25
N ASP A 204 -7.30 51.76 27.67
CA ASP A 204 -7.04 51.49 29.08
C ASP A 204 -5.55 51.59 29.39
N LYS A 205 -5.22 52.40 30.39
CA LYS A 205 -3.83 52.64 30.77
C LYS A 205 -3.20 51.38 31.36
N GLY A 206 -4.00 50.57 32.03
CA GLY A 206 -3.53 49.32 32.60
C GLY A 206 -3.11 48.33 31.53
N VAL A 207 -3.92 48.22 30.49
CA VAL A 207 -3.61 47.33 29.36
C VAL A 207 -2.39 47.83 28.60
N ALA A 208 -2.32 49.14 28.40
CA ALA A 208 -1.21 49.76 27.70
C ALA A 208 0.10 49.55 28.45
N LYS A 209 -0.01 49.56 29.79
CA LYS A 209 1.17 49.38 30.63
C LYS A 209 1.70 47.96 30.52
N LYS A 210 0.76 47.02 30.52
CA LYS A 210 1.06 45.61 30.40
C LYS A 210 1.67 45.25 29.05
N LEU A 211 1.17 45.87 27.99
CA LEU A 211 1.62 45.57 26.64
C LEU A 211 2.73 46.53 26.22
N SER A 212 3.23 47.31 27.17
CA SER A 212 4.31 48.26 26.95
C SER A 212 3.98 49.23 25.81
N LEU A 213 2.76 49.76 25.82
CA LEU A 213 2.34 50.70 24.80
C LEU A 213 2.27 52.12 25.36
N LYS A 214 2.93 53.04 24.67
CA LYS A 214 2.87 54.46 24.98
C LYS A 214 1.69 55.07 24.24
N MET A 215 1.31 56.30 24.58
CA MET A 215 0.18 56.95 23.94
C MET A 215 0.39 57.11 22.44
N ASN A 216 -0.61 56.65 21.68
CA ASN A 216 -0.61 56.69 20.22
C ASN A 216 0.48 55.83 19.58
N GLU A 217 1.12 54.98 20.38
CA GLU A 217 2.11 54.05 19.86
C GLU A 217 1.43 52.76 19.38
N VAL A 218 1.93 52.21 18.26
CA VAL A 218 1.38 50.98 17.71
C VAL A 218 2.45 49.90 17.54
N ASP A 219 2.18 48.71 18.08
CA ASP A 219 3.11 47.59 17.98
C ASP A 219 2.71 46.60 16.88
N PHE A 220 3.70 46.15 16.12
CA PHE A 220 3.48 45.20 15.03
C PHE A 220 4.01 43.82 15.41
N TYR A 221 3.12 42.83 15.43
CA TYR A 221 3.50 41.46 15.76
C TYR A 221 3.56 40.56 14.52
N GLU A 222 4.77 40.17 14.13
CA GLU A 222 4.94 39.15 13.11
C GLU A 222 4.63 37.79 13.73
N PRO A 223 3.89 36.94 13.00
CA PRO A 223 3.55 35.59 13.48
C PRO A 223 4.76 34.80 13.98
N PHE A 224 4.56 34.13 15.12
CA PHE A 224 5.54 33.22 15.71
C PHE A 224 6.78 33.91 16.27
N MET A 225 6.77 35.24 16.28
CA MET A 225 7.86 36.01 16.89
C MET A 225 7.56 36.27 18.36
N ASP A 226 8.61 36.38 19.17
CA ASP A 226 8.43 36.60 20.60
C ASP A 226 8.19 38.06 20.95
N GLU A 227 8.85 38.95 20.21
CA GLU A 227 8.77 40.37 20.50
C GLU A 227 8.22 41.16 19.31
N PRO A 228 7.33 42.12 19.59
CA PRO A 228 6.75 42.98 18.56
C PRO A 228 7.70 44.07 18.10
N ILE A 229 7.35 44.75 17.01
CA ILE A 229 8.12 45.90 16.55
C ILE A 229 7.30 47.17 16.73
N ALA A 230 7.82 48.09 17.52
CA ALA A 230 7.18 49.39 17.69
C ALA A 230 7.37 50.23 16.43
N ILE A 231 6.25 50.58 15.79
CA ILE A 231 6.30 51.40 14.58
C ILE A 231 6.89 52.76 14.93
N PRO A 232 8.01 53.11 14.28
CA PRO A 232 8.77 54.33 14.59
C PRO A 232 8.03 55.62 14.27
N ASN A 233 8.40 56.71 14.96
CA ASN A 233 7.91 58.04 14.68
C ASN A 233 6.40 58.19 14.87
N LYS A 234 5.92 57.86 16.07
CA LYS A 234 4.53 58.07 16.42
C LYS A 234 4.29 59.56 16.68
N PRO A 235 3.06 60.05 16.50
CA PRO A 235 1.87 59.32 16.05
C PRO A 235 1.88 59.04 14.54
N TYR A 236 0.90 58.26 14.08
CA TYR A 236 0.87 57.81 12.70
C TYR A 236 -0.38 58.30 11.96
N THR A 237 -0.23 58.61 10.69
CA THR A 237 -1.37 58.83 9.80
C THR A 237 -1.83 57.49 9.23
N GLU A 238 -2.93 57.51 8.50
CA GLU A 238 -3.43 56.30 7.85
C GLU A 238 -2.41 55.73 6.86
N GLU A 239 -1.79 56.62 6.10
CA GLU A 239 -0.85 56.22 5.05
C GLU A 239 0.41 55.59 5.63
N GLU A 240 0.89 56.12 6.76
CA GLU A 240 2.09 55.61 7.40
C GLU A 240 1.91 54.17 7.87
N LEU A 241 0.75 53.89 8.46
CA LEU A 241 0.44 52.56 8.96
C LEU A 241 0.31 51.56 7.81
N VAL A 242 -0.41 51.96 6.76
CA VAL A 242 -0.60 51.12 5.59
C VAL A 242 0.75 50.78 4.97
N GLU A 243 1.64 51.76 4.89
CA GLU A 243 2.95 51.56 4.28
C GLU A 243 3.83 50.65 5.12
N PHE A 244 3.78 50.81 6.44
CA PHE A 244 4.56 49.96 7.33
C PHE A 244 4.12 48.51 7.23
N VAL A 245 2.80 48.30 7.27
CA VAL A 245 2.23 46.96 7.18
C VAL A 245 2.58 46.29 5.85
N LYS A 246 2.44 47.03 4.76
CA LYS A 246 2.73 46.52 3.43
C LYS A 246 4.17 46.07 3.28
N GLU A 247 5.08 46.77 3.96
CA GLU A 247 6.50 46.46 3.90
C GLU A 247 6.84 45.24 4.78
N HIS A 248 5.94 44.92 5.70
CA HIS A 248 6.15 43.81 6.63
C HIS A 248 5.00 42.80 6.54
N GLN A 249 4.41 42.69 5.34
CA GLN A 249 3.18 41.91 5.18
C GLN A 249 3.45 40.43 4.87
N ARG A 250 4.71 40.08 4.62
CA ARG A 250 5.07 38.69 4.38
C ARG A 250 5.85 38.10 5.55
N PRO A 251 5.18 37.31 6.40
CA PRO A 251 5.84 36.67 7.54
C PRO A 251 6.88 35.65 7.10
N THR A 252 7.94 35.49 7.90
CA THR A 252 8.95 34.47 7.64
C THR A 252 8.32 33.08 7.67
N LEU A 253 7.41 32.89 8.62
CA LEU A 253 6.65 31.66 8.70
C LEU A 253 5.15 31.97 8.65
N ARG A 254 4.52 31.64 7.54
CA ARG A 254 3.10 31.94 7.37
C ARG A 254 2.29 30.68 7.11
N ARG A 255 1.06 30.67 7.64
CA ARG A 255 0.19 29.51 7.53
C ARG A 255 -0.68 29.59 6.28
N LEU A 256 -0.82 28.46 5.58
CA LEU A 256 -1.72 28.39 4.44
C LEU A 256 -3.15 28.15 4.91
N ARG A 257 -4.01 29.14 4.68
CA ARG A 257 -5.42 29.03 5.06
C ARG A 257 -6.29 28.87 3.82
N PRO A 258 -7.35 28.07 3.93
CA PRO A 258 -8.30 27.79 2.83
C PRO A 258 -8.86 29.06 2.20
N GLU A 259 -9.12 30.08 3.00
CA GLU A 259 -9.69 31.33 2.50
C GLU A 259 -8.63 32.26 1.91
N GLU A 260 -7.37 31.84 1.98
CA GLU A 260 -6.26 32.64 1.45
C GLU A 260 -5.32 31.82 0.56
N MET A 261 -5.67 30.56 0.32
CA MET A 261 -4.73 29.60 -0.25
C MET A 261 -4.13 30.01 -1.60
N PHE A 262 -4.95 30.54 -2.50
CA PHE A 262 -4.45 30.93 -3.82
C PHE A 262 -3.70 32.27 -3.76
N GLU A 263 -4.16 33.16 -2.90
CA GLU A 263 -3.47 34.43 -2.67
C GLU A 263 -2.06 34.19 -2.15
N THR A 264 -1.94 33.27 -1.20
CA THR A 264 -0.65 32.94 -0.60
C THR A 264 0.25 32.18 -1.58
N TRP A 265 -0.33 31.23 -2.30
CA TRP A 265 0.43 30.40 -3.21
C TRP A 265 0.98 31.20 -4.40
N GLU A 266 0.21 32.18 -4.85
CA GLU A 266 0.63 33.04 -5.95
C GLU A 266 1.66 34.06 -5.49
N ASP A 267 1.84 34.18 -4.17
CA ASP A 267 2.85 35.07 -3.61
C ASP A 267 4.15 34.30 -3.39
N ASP A 268 4.67 33.71 -4.46
CA ASP A 268 5.90 32.94 -4.38
C ASP A 268 7.13 33.83 -4.43
N LEU A 269 8.24 33.32 -3.90
CA LEU A 269 9.52 34.01 -3.96
C LEU A 269 10.48 33.29 -4.90
N ASN A 270 10.78 33.94 -6.02
CA ASN A 270 11.67 33.38 -7.04
C ASN A 270 11.18 32.06 -7.60
N GLY A 271 9.87 31.91 -7.74
CA GLY A 271 9.28 30.75 -8.37
C GLY A 271 9.17 29.52 -7.50
N ILE A 272 9.52 29.65 -6.23
CA ILE A 272 9.39 28.53 -5.33
C ILE A 272 8.72 28.84 -4.01
N HIS A 273 8.28 27.79 -3.37
CA HIS A 273 7.79 27.85 -2.00
C HIS A 273 8.50 26.82 -1.13
N ILE A 274 8.93 27.23 0.05
CA ILE A 274 9.39 26.26 1.04
C ILE A 274 8.18 25.78 1.83
N VAL A 275 7.74 24.56 1.52
CA VAL A 275 6.50 24.04 2.07
C VAL A 275 6.76 23.05 3.20
N ALA A 276 6.11 23.30 4.34
CA ALA A 276 6.24 22.43 5.50
C ALA A 276 4.88 21.93 5.98
N PHE A 277 4.69 20.62 5.93
CA PHE A 277 3.46 20.01 6.42
C PHE A 277 3.56 19.67 7.90
N ALA A 278 2.58 20.12 8.67
CA ALA A 278 2.55 19.87 10.11
C ALA A 278 1.13 19.84 10.66
N GLU A 279 0.69 18.66 11.08
CA GLU A 279 -0.60 18.51 11.72
C GLU A 279 -0.50 18.88 13.19
N LYS A 280 -1.00 20.07 13.53
CA LYS A 280 -0.80 20.63 14.87
C LYS A 280 -1.48 19.81 15.96
N SER A 281 -2.61 19.18 15.62
CA SER A 281 -3.31 18.34 16.58
C SER A 281 -2.51 17.08 16.90
N ASP A 282 -1.63 16.70 15.97
CA ASP A 282 -0.73 15.58 16.17
C ASP A 282 0.50 16.04 16.93
N PRO A 283 0.83 15.34 18.02
CA PRO A 283 1.99 15.68 18.88
C PRO A 283 3.30 15.78 18.09
N ASP A 284 3.44 14.94 17.06
CA ASP A 284 4.63 14.98 16.21
C ASP A 284 4.60 16.22 15.31
N GLY A 285 3.40 16.57 14.84
CA GLY A 285 3.23 17.76 14.02
C GLY A 285 3.44 19.03 14.82
N TYR A 286 2.94 19.04 16.04
CA TYR A 286 3.17 20.14 16.97
C TYR A 286 4.66 20.30 17.24
N GLU A 287 5.32 19.17 17.45
CA GLU A 287 6.76 19.11 17.68
C GLU A 287 7.54 19.79 16.56
N PHE A 288 7.26 19.38 15.33
CA PHE A 288 7.96 19.89 14.16
C PHE A 288 7.68 21.37 13.92
N LEU A 289 6.46 21.80 14.23
CA LEU A 289 6.07 23.19 14.06
C LEU A 289 6.85 24.11 14.99
N GLU A 290 7.08 23.66 16.21
CA GLU A 290 7.84 24.42 17.19
C GLU A 290 9.28 24.62 16.74
N ILE A 291 9.85 23.59 16.12
CA ILE A 291 11.19 23.68 15.58
C ILE A 291 11.22 24.67 14.41
N LEU A 292 10.15 24.65 13.61
CA LEU A 292 9.99 25.57 12.49
C LEU A 292 9.96 27.02 12.96
N LYS A 293 9.26 27.26 14.06
CA LYS A 293 9.17 28.60 14.65
C LYS A 293 10.55 29.14 15.00
N GLN A 294 11.40 28.27 15.56
CA GLN A 294 12.75 28.65 15.93
C GLN A 294 13.57 29.00 14.70
N VAL A 295 13.39 28.23 13.63
CA VAL A 295 14.03 28.50 12.35
C VAL A 295 13.59 29.86 11.82
N ALA A 296 12.30 30.14 11.96
CA ALA A 296 11.74 31.41 11.51
C ALA A 296 12.34 32.58 12.30
N ARG A 297 12.45 32.42 13.61
CA ARG A 297 13.02 33.45 14.47
C ARG A 297 14.47 33.73 14.15
N ASP A 298 15.22 32.68 13.81
CA ASP A 298 16.63 32.79 13.54
C ASP A 298 16.92 33.48 12.21
N ASN A 299 15.95 33.44 11.30
CA ASN A 299 16.12 34.03 9.98
C ASN A 299 14.99 35.00 9.63
N THR A 300 14.45 35.67 10.63
CA THR A 300 13.29 36.54 10.45
C THR A 300 13.63 37.81 9.68
N ASP A 301 14.92 38.13 9.59
CA ASP A 301 15.35 39.34 8.91
C ASP A 301 15.74 39.07 7.46
N ASN A 302 15.56 37.84 7.01
CA ASN A 302 15.82 37.46 5.63
C ASN A 302 14.60 37.72 4.76
N PRO A 303 14.69 38.70 3.86
CA PRO A 303 13.56 39.08 3.00
C PRO A 303 13.27 38.06 1.90
N ASP A 304 14.22 37.16 1.65
CA ASP A 304 14.06 36.15 0.62
C ASP A 304 13.51 34.84 1.17
N LEU A 305 13.30 34.80 2.48
CA LEU A 305 12.83 33.58 3.12
C LEU A 305 11.40 33.70 3.63
N SER A 306 10.54 32.79 3.17
CA SER A 306 9.18 32.69 3.67
C SER A 306 8.73 31.23 3.66
N ILE A 307 8.60 30.65 4.84
CA ILE A 307 8.23 29.24 4.97
C ILE A 307 6.71 29.10 5.05
N LEU A 308 6.17 28.22 4.22
CA LEU A 308 4.73 28.00 4.16
C LEU A 308 4.30 26.80 5.00
N TRP A 309 3.63 27.05 6.11
CA TRP A 309 3.12 25.98 6.96
C TRP A 309 1.74 25.54 6.49
N ILE A 310 1.62 24.26 6.16
CA ILE A 310 0.34 23.69 5.78
C ILE A 310 -0.09 22.61 6.77
N ASP A 311 -1.21 22.85 7.45
CA ASP A 311 -1.81 21.83 8.30
C ASP A 311 -2.74 20.99 7.44
N PRO A 312 -2.42 19.69 7.29
CA PRO A 312 -3.20 18.76 6.46
C PRO A 312 -4.68 18.68 6.83
N ASP A 313 -5.01 19.00 8.08
CA ASP A 313 -6.38 18.97 8.56
C ASP A 313 -7.23 20.11 7.96
N ASP A 314 -6.56 21.14 7.44
CA ASP A 314 -7.26 22.26 6.82
C ASP A 314 -7.57 21.96 5.35
N PHE A 315 -6.86 20.97 4.80
CA PHE A 315 -7.09 20.56 3.41
C PHE A 315 -7.11 19.04 3.27
N PRO A 316 -8.13 18.38 3.85
CA PRO A 316 -8.19 16.92 3.82
C PRO A 316 -8.37 16.34 2.43
N LEU A 317 -9.02 17.08 1.54
CA LEU A 317 -9.31 16.59 0.20
C LEU A 317 -8.11 16.75 -0.73
N LEU A 318 -7.03 17.32 -0.22
CA LEU A 318 -5.81 17.52 -1.00
C LEU A 318 -4.69 16.61 -0.51
N VAL A 319 -4.97 15.86 0.55
CA VAL A 319 -3.98 14.99 1.17
C VAL A 319 -3.49 13.91 0.20
N ALA A 320 -4.44 13.23 -0.45
CA ALA A 320 -4.11 12.18 -1.41
C ALA A 320 -3.32 12.73 -2.59
N TYR A 321 -3.75 13.91 -3.08
CA TYR A 321 -3.07 14.57 -4.19
C TYR A 321 -1.63 14.94 -3.81
N TRP A 322 -1.46 15.47 -2.61
CA TRP A 322 -0.14 15.87 -2.13
C TRP A 322 0.79 14.68 -1.95
N GLU A 323 0.27 13.60 -1.40
CA GLU A 323 1.07 12.41 -1.17
C GLU A 323 1.50 11.75 -2.47
N LYS A 324 0.65 11.84 -3.48
CA LYS A 324 0.95 11.27 -4.79
C LYS A 324 1.92 12.16 -5.58
N THR A 325 1.70 13.47 -5.52
CA THR A 325 2.50 14.43 -6.27
C THR A 325 3.87 14.65 -5.64
N PHE A 326 3.92 14.73 -4.32
CA PHE A 326 5.16 15.05 -3.61
C PHE A 326 5.87 13.79 -3.13
N LYS A 327 5.20 12.66 -3.25
CA LYS A 327 5.75 11.35 -2.90
C LYS A 327 6.19 11.32 -1.43
N ILE A 328 5.31 11.77 -0.54
CA ILE A 328 5.59 11.80 0.89
C ILE A 328 4.43 11.25 1.71
N ASP A 329 4.71 10.91 2.96
CA ASP A 329 3.69 10.42 3.88
C ASP A 329 3.23 11.53 4.82
N LEU A 330 1.99 11.99 4.63
CA LEU A 330 1.46 13.12 5.40
C LEU A 330 0.95 12.71 6.78
N PHE A 331 1.18 11.46 7.15
CA PHE A 331 0.90 11.02 8.52
C PHE A 331 2.03 11.51 9.44
N ARG A 332 3.11 11.96 8.81
CA ARG A 332 4.25 12.52 9.53
C ARG A 332 4.54 13.93 9.04
N PRO A 333 5.18 14.75 9.88
CA PRO A 333 5.57 16.10 9.44
C PRO A 333 6.61 16.06 8.32
N GLN A 334 6.45 16.94 7.34
CA GLN A 334 7.36 17.01 6.20
C GLN A 334 7.74 18.45 5.88
N ILE A 335 8.90 18.63 5.25
CA ILE A 335 9.31 19.94 4.76
C ILE A 335 10.07 19.78 3.44
N GLY A 336 9.79 20.66 2.49
CA GLY A 336 10.40 20.59 1.17
C GLY A 336 10.26 21.84 0.35
N VAL A 337 10.86 21.82 -0.84
CA VAL A 337 10.83 22.96 -1.75
C VAL A 337 10.00 22.67 -2.98
N VAL A 338 8.98 23.48 -3.22
CA VAL A 338 8.05 23.26 -4.32
C VAL A 338 8.15 24.31 -5.42
N ASN A 339 8.34 23.85 -6.66
CA ASN A 339 8.39 24.74 -7.81
C ASN A 339 6.97 24.97 -8.31
N VAL A 340 6.55 26.24 -8.34
CA VAL A 340 5.16 26.58 -8.60
C VAL A 340 4.72 26.42 -10.05
N THR A 341 5.67 26.22 -10.96
CA THR A 341 5.33 26.07 -12.37
C THR A 341 4.85 24.67 -12.74
N ASP A 342 5.63 23.65 -12.36
CA ASP A 342 5.30 22.28 -12.73
C ASP A 342 5.00 21.38 -11.54
N ALA A 343 4.90 21.98 -10.35
CA ALA A 343 4.64 21.23 -9.12
C ALA A 343 5.71 20.16 -8.89
N ASP A 344 6.97 20.55 -9.03
CA ASP A 344 8.07 19.61 -8.89
C ASP A 344 8.81 20.00 -7.62
N SER A 345 9.31 18.99 -6.92
CA SER A 345 9.83 19.22 -5.57
C SER A 345 10.90 18.25 -5.10
N VAL A 346 11.69 18.71 -4.12
CA VAL A 346 12.64 17.86 -3.42
C VAL A 346 12.34 17.98 -1.93
N TRP A 347 12.38 16.85 -1.23
CA TRP A 347 11.94 16.82 0.16
C TRP A 347 13.02 16.29 1.11
N MET A 348 13.14 16.95 2.26
CA MET A 348 14.11 16.53 3.28
C MET A 348 13.73 15.16 3.80
N GLU A 349 14.72 14.29 3.92
CA GLU A 349 14.47 12.93 4.34
C GLU A 349 14.21 12.84 5.85
N ILE A 350 12.96 12.70 6.24
CA ILE A 350 12.61 12.53 7.66
C ILE A 350 11.72 11.30 7.86
N PRO A 351 12.34 10.11 7.85
CA PRO A 351 11.60 8.84 7.94
C PRO A 351 11.03 8.57 9.33
N ASP A 352 11.56 9.26 10.34
CA ASP A 352 11.14 9.03 11.72
C ASP A 352 10.81 10.35 12.42
N ASP A 353 9.55 10.52 12.80
CA ASP A 353 9.12 11.74 13.48
C ASP A 353 9.44 11.72 14.97
N ASP A 354 10.14 10.68 15.40
CA ASP A 354 10.71 10.65 16.74
C ASP A 354 12.21 10.90 16.66
N ASP A 355 12.66 11.16 15.44
CA ASP A 355 14.04 11.59 15.20
C ASP A 355 14.02 12.81 14.27
N LEU A 356 13.27 13.82 14.68
CA LEU A 356 13.12 15.04 13.90
C LEU A 356 14.45 15.80 13.83
N PRO A 357 14.68 16.51 12.71
CA PRO A 357 15.89 17.33 12.60
C PRO A 357 15.86 18.52 13.54
N THR A 358 17.02 18.94 14.02
CA THR A 358 17.10 20.11 14.88
C THR A 358 16.91 21.37 14.04
N ALA A 359 16.85 22.51 14.71
CA ALA A 359 16.70 23.79 14.04
C ALA A 359 17.89 24.04 13.11
N GLU A 360 19.08 23.69 13.59
CA GLU A 360 20.30 23.85 12.82
C GLU A 360 20.35 22.93 11.60
N GLU A 361 19.90 21.69 11.78
CA GLU A 361 19.87 20.73 10.67
C GLU A 361 18.86 21.14 9.61
N LEU A 362 17.75 21.72 10.04
CA LEU A 362 16.75 22.26 9.12
C LEU A 362 17.33 23.45 8.38
N GLU A 363 18.00 24.32 9.12
CA GLU A 363 18.62 25.52 8.58
C GLU A 363 19.66 25.19 7.52
N ASP A 364 20.51 24.21 7.81
CA ASP A 364 21.55 23.80 6.87
C ASP A 364 20.94 23.26 5.57
N TRP A 365 19.88 22.48 5.71
CA TRP A 365 19.18 21.93 4.55
C TRP A 365 18.50 23.06 3.76
N ILE A 366 17.88 23.98 4.49
CA ILE A 366 17.26 25.18 3.92
C ILE A 366 18.28 26.11 3.28
N GLU A 367 19.41 26.30 3.96
CA GLU A 367 20.49 27.17 3.48
C GLU A 367 20.91 26.85 2.05
N ASP A 368 20.97 25.55 1.72
CA ASP A 368 21.33 25.11 0.38
C ASP A 368 20.24 25.40 -0.65
N VAL A 369 19.00 25.52 -0.17
CA VAL A 369 17.89 25.82 -1.04
C VAL A 369 18.00 27.24 -1.58
N LEU A 370 18.18 28.20 -0.69
CA LEU A 370 18.40 29.59 -1.08
C LEU A 370 19.59 29.73 -2.01
N SER B 23 13.83 -19.42 -33.93
CA SER B 23 14.33 -20.06 -32.71
C SER B 23 13.66 -21.40 -32.48
N GLU B 24 14.48 -22.42 -32.31
CA GLU B 24 14.03 -23.77 -32.03
C GLU B 24 13.07 -23.87 -30.85
N GLU B 25 13.15 -22.91 -29.94
CA GLU B 25 12.49 -23.03 -28.66
C GLU B 25 11.05 -22.59 -28.80
N GLY B 26 10.83 -21.67 -29.74
CA GLY B 26 9.51 -21.13 -29.98
C GLY B 26 9.52 -19.63 -30.21
N LEU B 27 8.39 -19.11 -30.68
CA LEU B 27 8.19 -17.66 -30.90
C LEU B 27 8.78 -16.75 -29.83
N ASN B 28 9.50 -15.73 -30.32
CA ASN B 28 10.13 -14.68 -29.51
C ASN B 28 11.35 -15.12 -28.71
N PHE B 29 11.66 -16.41 -28.71
CA PHE B 29 12.90 -16.87 -28.08
C PHE B 29 14.10 -16.39 -28.90
N PRO B 30 15.17 -15.97 -28.22
CA PRO B 30 16.30 -15.34 -28.91
C PRO B 30 17.23 -16.33 -29.62
N THR B 31 17.79 -15.87 -30.74
CA THR B 31 18.81 -16.64 -31.46
C THR B 31 20.13 -15.86 -31.48
N TYR B 32 21.24 -16.59 -31.45
CA TYR B 32 22.55 -15.98 -31.50
C TYR B 32 22.77 -15.27 -32.84
N ASP B 33 23.09 -13.98 -32.78
CA ASP B 33 23.22 -13.15 -33.96
C ASP B 33 24.63 -13.08 -34.56
N GLY B 34 25.51 -13.99 -34.13
CA GLY B 34 26.84 -14.07 -34.71
C GLY B 34 27.86 -13.08 -34.20
N LYS B 35 27.40 -12.08 -33.46
CA LYS B 35 28.28 -11.03 -32.95
C LYS B 35 29.20 -11.62 -31.89
N ASP B 36 30.39 -11.06 -31.74
CA ASP B 36 31.38 -11.63 -30.82
C ASP B 36 31.52 -10.76 -29.59
N ARG B 37 30.80 -11.16 -28.54
CA ARG B 37 30.79 -10.43 -27.28
C ARG B 37 31.65 -11.14 -26.24
N VAL B 38 31.82 -12.45 -26.44
CA VAL B 38 32.62 -13.27 -25.54
C VAL B 38 33.95 -13.64 -26.18
N VAL B 39 35.04 -13.06 -25.66
CA VAL B 39 36.37 -13.31 -26.21
C VAL B 39 37.33 -13.87 -25.17
N SER B 40 38.50 -14.34 -25.58
CA SER B 40 39.46 -14.85 -24.61
C SER B 40 40.27 -13.75 -24.03
N LEU B 41 40.45 -13.76 -22.74
CA LEU B 41 41.08 -12.70 -22.03
C LEU B 41 42.51 -13.00 -21.79
N SER B 42 43.36 -12.04 -22.02
CA SER B 42 44.77 -12.20 -21.73
C SER B 42 45.15 -11.17 -20.72
N GLU B 43 45.91 -11.55 -19.73
CA GLU B 43 46.17 -10.57 -18.67
C GLU B 43 46.50 -9.16 -19.16
N LYS B 44 46.99 -9.04 -20.38
CA LYS B 44 47.19 -7.71 -20.95
C LYS B 44 45.92 -6.89 -20.91
N ASN B 45 44.82 -7.45 -21.38
CA ASN B 45 43.56 -6.71 -21.48
C ASN B 45 42.64 -6.77 -20.28
N PHE B 46 43.01 -7.52 -19.26
CA PHE B 46 42.27 -7.43 -18.01
C PHE B 46 42.60 -6.01 -17.72
N LYS B 47 41.84 -5.37 -16.86
CA LYS B 47 42.00 -3.94 -16.55
C LYS B 47 41.75 -3.01 -17.70
N GLN B 48 41.05 -3.44 -18.72
CA GLN B 48 40.57 -2.55 -19.75
C GLN B 48 39.26 -3.16 -20.01
N VAL B 49 39.20 -4.47 -19.86
CA VAL B 49 37.90 -5.13 -20.09
C VAL B 49 36.92 -4.81 -18.96
N LEU B 50 37.49 -4.81 -17.79
CA LEU B 50 36.95 -4.68 -16.45
C LEU B 50 36.26 -3.33 -16.27
N LYS B 51 36.85 -2.33 -16.89
CA LYS B 51 36.36 -0.95 -16.80
C LYS B 51 35.09 -0.79 -17.65
N LYS B 52 34.93 -1.69 -18.60
CA LYS B 52 33.87 -1.61 -19.60
C LYS B 52 32.51 -2.07 -19.07
N TYR B 53 32.52 -2.95 -18.07
CA TYR B 53 31.28 -3.56 -17.59
C TYR B 53 30.99 -3.28 -16.12
N ASP B 54 29.71 -3.39 -15.75
CA ASP B 54 29.31 -3.32 -14.36
C ASP B 54 29.72 -4.61 -13.65
N LEU B 55 29.41 -5.73 -14.29
CA LEU B 55 29.82 -7.04 -13.80
C LEU B 55 30.61 -7.76 -14.89
N LEU B 56 31.72 -8.39 -14.49
CA LEU B 56 32.54 -9.15 -15.43
C LEU B 56 32.56 -10.62 -15.04
N CYS B 57 32.10 -11.48 -15.94
CA CYS B 57 32.08 -12.91 -15.70
C CYS B 57 33.23 -13.58 -16.42
N LEU B 58 34.09 -14.25 -15.66
CA LEU B 58 35.27 -14.90 -16.21
C LEU B 58 35.16 -16.41 -16.06
N TYR B 59 35.02 -17.10 -17.18
CA TYR B 59 34.92 -18.56 -17.17
C TYR B 59 36.30 -19.20 -17.09
N TYR B 60 36.67 -19.68 -15.91
CA TYR B 60 37.94 -20.33 -15.70
C TYR B 60 37.84 -21.77 -16.16
N HIS B 61 38.43 -22.03 -17.32
CA HIS B 61 38.27 -23.30 -18.00
C HIS B 61 39.58 -24.04 -18.16
N GLU B 62 39.47 -25.25 -18.70
CA GLU B 62 40.59 -26.12 -18.90
C GLU B 62 41.36 -25.72 -20.15
N PRO B 63 42.66 -25.98 -20.17
CA PRO B 63 43.49 -25.50 -21.29
C PRO B 63 43.17 -26.14 -22.64
N VAL B 64 42.91 -25.35 -23.64
CA VAL B 64 42.72 -25.90 -24.95
C VAL B 64 44.07 -26.09 -25.65
N SER B 65 44.19 -27.18 -26.33
CA SER B 65 45.42 -27.58 -26.92
C SER B 65 45.07 -28.12 -28.24
N SER B 66 45.97 -28.91 -28.75
CA SER B 66 45.83 -29.60 -29.99
C SER B 66 44.76 -30.62 -29.99
N ASP B 67 44.41 -31.15 -28.83
CA ASP B 67 43.36 -32.13 -28.74
C ASP B 67 42.01 -31.51 -29.14
N LYS B 68 41.38 -32.03 -30.18
CA LYS B 68 40.16 -31.46 -30.75
C LYS B 68 38.96 -31.63 -29.82
N VAL B 69 39.12 -32.47 -28.82
CA VAL B 69 38.11 -32.67 -27.79
C VAL B 69 38.12 -31.53 -26.78
N THR B 70 39.29 -30.92 -26.58
CA THR B 70 39.38 -29.77 -25.69
C THR B 70 38.91 -28.53 -26.43
N GLN B 71 38.92 -28.59 -27.74
CA GLN B 71 38.49 -27.49 -28.54
C GLN B 71 37.01 -27.48 -28.66
N LYS B 72 36.44 -28.66 -28.70
CA LYS B 72 35.00 -28.81 -28.80
C LYS B 72 34.31 -28.44 -27.51
N GLN B 73 34.87 -28.88 -26.39
CA GLN B 73 34.36 -28.49 -25.08
C GLN B 73 34.40 -26.99 -24.91
N PHE B 74 35.51 -26.39 -25.33
CA PHE B 74 35.68 -24.95 -25.24
C PHE B 74 34.63 -24.20 -26.07
N GLN B 75 34.37 -24.70 -27.28
CA GLN B 75 33.41 -24.08 -28.18
C GLN B 75 31.99 -24.26 -27.67
N LEU B 76 31.73 -25.43 -27.09
CA LEU B 76 30.43 -25.72 -26.49
C LEU B 76 30.10 -24.77 -25.34
N LYS B 77 31.10 -24.49 -24.50
CA LYS B 77 30.94 -23.59 -23.36
C LYS B 77 30.77 -22.14 -23.80
N GLU B 78 31.45 -21.78 -24.90
CA GLU B 78 31.41 -20.43 -25.42
C GLU B 78 30.07 -20.07 -26.07
N ILE B 79 29.49 -21.02 -26.81
CA ILE B 79 28.19 -20.82 -27.43
C ILE B 79 27.12 -20.46 -26.40
N VAL B 80 27.15 -21.15 -25.26
CA VAL B 80 26.21 -20.87 -24.18
C VAL B 80 26.41 -19.46 -23.63
N LEU B 81 27.65 -19.12 -23.31
CA LEU B 81 27.98 -17.79 -22.78
C LEU B 81 27.68 -16.68 -23.78
N GLU B 82 27.86 -16.99 -25.07
CA GLU B 82 27.63 -16.00 -26.12
C GLU B 82 26.15 -15.59 -26.17
N LEU B 83 25.27 -16.57 -25.98
CA LEU B 83 23.83 -16.30 -25.98
C LEU B 83 23.45 -15.50 -24.75
N VAL B 84 24.07 -15.81 -23.62
CA VAL B 84 23.84 -15.09 -22.38
C VAL B 84 24.33 -13.65 -22.49
N ALA B 85 25.47 -13.47 -23.14
CA ALA B 85 26.04 -12.14 -23.36
C ALA B 85 25.13 -11.29 -24.24
N GLN B 86 24.44 -11.95 -25.17
CA GLN B 86 23.55 -11.25 -26.10
C GLN B 86 22.32 -10.71 -25.38
N VAL B 87 21.69 -11.54 -24.56
CA VAL B 87 20.48 -11.13 -23.85
C VAL B 87 20.80 -10.24 -22.67
N LEU B 88 22.05 -10.25 -22.22
CA LEU B 88 22.47 -9.41 -21.10
C LEU B 88 23.39 -8.29 -21.51
N GLU B 89 23.47 -8.02 -22.81
CA GLU B 89 24.29 -6.92 -23.31
C GLU B 89 23.77 -5.58 -22.78
N HIS B 90 22.45 -5.42 -22.84
CA HIS B 90 21.78 -4.19 -22.39
C HIS B 90 21.95 -3.83 -20.90
N LYS B 91 22.33 -4.78 -20.06
CA LYS B 91 22.53 -4.50 -18.65
C LYS B 91 24.03 -4.43 -18.29
N ALA B 92 24.87 -4.27 -19.31
CA ALA B 92 26.32 -4.13 -19.16
C ALA B 92 27.01 -5.24 -18.37
N ILE B 93 26.75 -6.49 -18.74
CA ILE B 93 27.48 -7.63 -18.16
C ILE B 93 28.43 -8.22 -19.19
N GLY B 94 29.71 -8.26 -18.86
CA GLY B 94 30.72 -8.77 -19.78
C GLY B 94 31.06 -10.23 -19.53
N PHE B 95 31.43 -10.93 -20.58
CA PHE B 95 31.79 -12.34 -20.48
C PHE B 95 33.10 -12.62 -21.21
N VAL B 96 34.10 -13.06 -20.45
CA VAL B 96 35.39 -13.43 -21.04
C VAL B 96 35.78 -14.82 -20.59
N MET B 97 36.71 -15.46 -21.29
CA MET B 97 37.20 -16.80 -20.96
C MET B 97 38.62 -16.82 -20.49
N VAL B 98 38.92 -17.61 -19.47
CA VAL B 98 40.27 -17.68 -18.91
C VAL B 98 40.86 -19.08 -19.01
N ASP B 99 41.88 -19.21 -19.85
CA ASP B 99 42.61 -20.47 -20.00
C ASP B 99 43.47 -20.72 -18.77
N ALA B 100 43.32 -21.91 -18.16
CA ALA B 100 44.01 -22.23 -16.92
C ALA B 100 45.52 -22.32 -17.10
N LYS B 101 45.95 -22.67 -18.31
CA LYS B 101 47.38 -22.77 -18.60
C LYS B 101 47.97 -21.45 -19.07
N LYS B 102 47.47 -20.92 -20.18
CA LYS B 102 47.98 -19.67 -20.76
C LYS B 102 47.88 -18.44 -19.86
N GLU B 103 46.96 -18.45 -18.90
CA GLU B 103 46.81 -17.31 -18.01
C GLU B 103 46.88 -17.71 -16.53
N ALA B 104 47.72 -18.68 -16.21
CA ALA B 104 47.83 -19.18 -14.84
C ALA B 104 48.22 -18.05 -13.88
N LYS B 105 48.93 -17.05 -14.39
CA LYS B 105 49.43 -15.98 -13.55
C LYS B 105 48.29 -15.02 -13.19
N LEU B 106 47.41 -14.74 -14.16
CA LEU B 106 46.23 -13.93 -13.89
C LEU B 106 45.24 -14.65 -12.97
N ALA B 107 45.03 -15.93 -13.22
CA ALA B 107 44.10 -16.72 -12.43
C ALA B 107 44.53 -16.78 -10.97
N LYS B 108 45.84 -16.81 -10.76
CA LYS B 108 46.41 -16.85 -9.41
C LYS B 108 46.15 -15.54 -8.68
N LYS B 109 46.22 -14.44 -9.42
CA LYS B 109 46.04 -13.12 -8.86
C LYS B 109 44.58 -12.88 -8.47
N LEU B 110 43.67 -13.43 -9.25
CA LEU B 110 42.25 -13.25 -9.00
C LEU B 110 41.74 -14.33 -8.05
N GLY B 111 42.56 -15.34 -7.83
CA GLY B 111 42.22 -16.41 -6.90
C GLY B 111 41.39 -17.50 -7.52
N PHE B 112 41.48 -17.64 -8.84
CA PHE B 112 40.76 -18.70 -9.55
C PHE B 112 41.52 -20.00 -9.38
N ASP B 113 40.83 -21.03 -8.90
CA ASP B 113 41.45 -22.34 -8.72
C ASP B 113 40.56 -23.52 -9.13
N GLU B 114 39.29 -23.24 -9.40
CA GLU B 114 38.36 -24.28 -9.81
C GLU B 114 38.06 -24.22 -11.32
N GLU B 115 38.53 -25.22 -12.07
CA GLU B 115 38.26 -25.27 -13.51
C GLU B 115 36.81 -25.65 -13.80
N GLY B 116 36.18 -24.89 -14.69
CA GLY B 116 34.79 -25.10 -15.05
C GLY B 116 33.87 -24.19 -14.27
N SER B 117 34.44 -23.44 -13.34
CA SER B 117 33.68 -22.49 -12.54
C SER B 117 33.61 -21.13 -13.20
N LEU B 118 32.47 -20.46 -13.07
CA LEU B 118 32.31 -19.12 -13.58
C LEU B 118 32.43 -18.09 -12.46
N TYR B 119 33.51 -17.32 -12.48
CA TYR B 119 33.72 -16.30 -11.46
C TYR B 119 33.18 -14.95 -11.92
N ILE B 120 32.43 -14.29 -11.03
CA ILE B 120 31.85 -12.99 -11.33
C ILE B 120 32.42 -11.91 -10.44
N LEU B 121 33.00 -10.87 -11.04
CA LEU B 121 33.54 -9.76 -10.28
C LEU B 121 32.51 -8.64 -10.18
N LYS B 122 31.91 -8.47 -9.00
CA LYS B 122 30.94 -7.41 -8.78
C LYS B 122 31.34 -6.43 -7.69
N GLY B 123 31.98 -5.33 -8.07
CA GLY B 123 32.38 -4.31 -7.11
C GLY B 123 33.32 -4.83 -6.03
N ASP B 124 34.53 -5.21 -6.42
CA ASP B 124 35.60 -5.65 -5.52
C ASP B 124 35.35 -7.07 -4.99
N ARG B 125 34.15 -7.59 -5.23
CA ARG B 125 33.74 -8.89 -4.71
C ARG B 125 33.85 -9.95 -5.79
N THR B 126 34.05 -11.20 -5.37
CA THR B 126 34.12 -12.31 -6.31
C THR B 126 33.04 -13.35 -6.01
N ILE B 127 32.15 -13.57 -6.97
CA ILE B 127 31.08 -14.54 -6.80
C ILE B 127 31.30 -15.73 -7.74
N GLU B 128 31.23 -16.93 -7.20
CA GLU B 128 31.43 -18.12 -8.02
C GLU B 128 30.12 -18.78 -8.43
N PHE B 129 29.98 -19.05 -9.72
CA PHE B 129 28.86 -19.83 -10.22
C PHE B 129 29.35 -21.24 -10.50
N ASP B 130 28.67 -22.23 -9.92
CA ASP B 130 29.08 -23.62 -10.07
C ASP B 130 27.87 -24.52 -10.18
N GLY B 131 27.05 -24.29 -11.21
CA GLY B 131 25.85 -25.06 -11.43
C GLY B 131 25.66 -25.44 -12.87
N GLU B 132 24.42 -25.74 -13.25
CA GLU B 132 24.09 -26.14 -14.62
C GLU B 132 24.50 -25.06 -15.63
N PHE B 133 25.41 -25.40 -16.53
CA PHE B 133 25.92 -24.44 -17.51
C PHE B 133 24.98 -24.31 -18.70
N ALA B 134 23.82 -23.72 -18.46
CA ALA B 134 22.84 -23.47 -19.50
C ALA B 134 22.52 -21.98 -19.57
N ALA B 135 22.07 -21.52 -20.73
CA ALA B 135 21.80 -20.11 -20.93
C ALA B 135 20.72 -19.59 -19.98
N ASP B 136 19.61 -20.30 -19.89
CA ASP B 136 18.48 -19.87 -19.08
C ASP B 136 18.82 -19.88 -17.59
N VAL B 137 19.59 -20.88 -17.16
CA VAL B 137 20.01 -20.98 -15.77
C VAL B 137 20.95 -19.84 -15.41
N LEU B 138 21.89 -19.55 -16.31
CA LEU B 138 22.87 -18.50 -16.10
C LEU B 138 22.22 -17.12 -16.04
N VAL B 139 21.31 -16.86 -16.97
CA VAL B 139 20.64 -15.57 -17.04
C VAL B 139 19.82 -15.29 -15.77
N GLU B 140 19.01 -16.26 -15.37
CA GLU B 140 18.18 -16.13 -14.18
CA GLU B 140 18.19 -16.13 -14.18
C GLU B 140 19.04 -15.92 -12.93
N PHE B 141 20.16 -16.64 -12.87
CA PHE B 141 21.09 -16.50 -11.76
C PHE B 141 21.71 -15.11 -11.69
N LEU B 142 22.19 -14.64 -12.84
CA LEU B 142 22.89 -13.35 -12.91
C LEU B 142 21.95 -12.17 -12.68
N LEU B 143 20.70 -12.29 -13.12
CA LEU B 143 19.72 -11.22 -12.92
C LEU B 143 19.52 -10.93 -11.44
N ASP B 144 19.56 -11.97 -10.62
CA ASP B 144 19.45 -11.80 -9.18
C ASP B 144 20.73 -11.23 -8.59
N LEU B 145 21.86 -11.59 -9.19
CA LEU B 145 23.17 -11.14 -8.72
C LEU B 145 23.39 -9.66 -9.03
N ILE B 146 22.79 -9.18 -10.12
CA ILE B 146 22.89 -7.79 -10.53
C ILE B 146 22.29 -6.86 -9.48
N GLU B 147 21.14 -7.24 -8.95
CA GLU B 147 20.39 -6.40 -8.02
C GLU B 147 21.10 -6.26 -6.67
N ASP B 148 20.60 -5.33 -5.86
CA ASP B 148 21.11 -5.15 -4.50
C ASP B 148 20.75 -6.37 -3.66
N PRO B 149 21.70 -6.85 -2.84
CA PRO B 149 21.52 -8.07 -2.05
C PRO B 149 20.45 -7.98 -0.96
N VAL B 150 20.24 -6.79 -0.41
CA VAL B 150 19.33 -6.65 0.72
C VAL B 150 17.95 -6.12 0.32
N GLU B 151 16.91 -6.86 0.68
CA GLU B 151 15.53 -6.44 0.47
C GLU B 151 14.96 -5.79 1.74
N ILE B 152 14.25 -4.68 1.56
CA ILE B 152 13.65 -3.98 2.68
C ILE B 152 12.23 -4.49 2.94
N ILE B 153 11.99 -4.97 4.16
CA ILE B 153 10.68 -5.48 4.54
C ILE B 153 9.91 -4.48 5.39
N SER B 154 8.80 -3.97 4.85
CA SER B 154 8.02 -2.94 5.54
C SER B 154 6.54 -3.29 5.67
N SER B 155 5.90 -3.58 4.54
CA SER B 155 4.45 -3.82 4.51
C SER B 155 4.09 -5.20 5.06
N LYS B 156 2.81 -5.42 5.33
CA LYS B 156 2.32 -6.71 5.81
C LYS B 156 2.58 -7.84 4.82
N LEU B 157 2.39 -7.55 3.53
CA LEU B 157 2.58 -8.57 2.50
C LEU B 157 4.06 -8.91 2.32
N GLU B 158 4.93 -7.95 2.59
CA GLU B 158 6.37 -8.19 2.52
C GLU B 158 6.83 -9.07 3.67
N VAL B 159 6.25 -8.85 4.85
CA VAL B 159 6.53 -9.70 6.01
C VAL B 159 6.07 -11.13 5.70
N GLN B 160 4.89 -11.24 5.12
CA GLN B 160 4.32 -12.52 4.72
C GLN B 160 5.21 -13.19 3.67
N ALA B 161 5.78 -12.39 2.77
CA ALA B 161 6.68 -12.89 1.75
C ALA B 161 7.94 -13.48 2.36
N PHE B 162 8.49 -12.77 3.36
CA PHE B 162 9.69 -13.21 4.05
C PHE B 162 9.46 -14.51 4.82
N GLU B 163 8.32 -14.59 5.50
CA GLU B 163 8.02 -15.72 6.38
C GLU B 163 7.86 -17.03 5.61
N ARG B 164 7.36 -16.93 4.38
CA ARG B 164 7.07 -18.13 3.59
C ARG B 164 8.24 -18.60 2.74
N ILE B 165 9.37 -17.91 2.84
CA ILE B 165 10.61 -18.40 2.24
C ILE B 165 11.09 -19.55 3.11
N GLU B 166 11.18 -20.74 2.54
CA GLU B 166 11.37 -21.95 3.34
C GLU B 166 12.68 -22.70 3.09
N ASP B 167 13.05 -22.85 1.82
CA ASP B 167 14.20 -23.69 1.48
C ASP B 167 15.49 -22.88 1.30
N TYR B 168 15.42 -21.58 1.54
CA TYR B 168 16.60 -20.73 1.49
C TYR B 168 17.05 -20.31 2.88
N ILE B 169 18.37 -20.24 3.07
CA ILE B 169 18.92 -19.61 4.26
C ILE B 169 18.61 -18.13 4.20
N LYS B 170 17.97 -17.59 5.24
CA LYS B 170 17.60 -16.19 5.24
C LYS B 170 17.93 -15.49 6.55
N LEU B 171 18.32 -14.23 6.44
CA LEU B 171 18.64 -13.40 7.61
C LEU B 171 17.85 -12.10 7.55
N ILE B 172 17.37 -11.64 8.70
CA ILE B 172 16.69 -10.36 8.76
C ILE B 172 17.18 -9.56 9.96
N GLY B 173 17.39 -8.26 9.75
CA GLY B 173 17.87 -7.38 10.81
C GLY B 173 17.04 -6.13 10.96
N PHE B 174 16.89 -5.65 12.15
CA PHE B 174 16.26 -4.39 12.41
C PHE B 174 17.32 -3.30 12.62
N PHE B 175 17.28 -2.26 11.85
CA PHE B 175 18.20 -1.15 12.01
C PHE B 175 17.45 0.20 12.02
N LYS B 176 18.10 1.29 12.44
CA LYS B 176 17.48 2.61 12.51
C LYS B 176 17.13 3.12 11.11
N SER B 177 18.10 3.01 10.20
CA SER B 177 17.91 3.43 8.82
C SER B 177 19.02 2.80 7.98
N GLU B 178 18.99 3.17 6.72
CA GLU B 178 19.92 2.67 5.77
C GLU B 178 21.22 3.43 5.81
N ASP B 179 21.25 4.42 6.66
CA ASP B 179 22.41 5.25 6.90
C ASP B 179 23.12 4.79 8.17
N SER B 180 22.45 3.92 8.92
CA SER B 180 23.02 3.31 10.11
C SER B 180 24.26 2.52 9.71
N GLU B 181 25.34 2.70 10.46
CA GLU B 181 26.60 2.02 10.14
C GLU B 181 26.48 0.51 10.33
N TYR B 182 25.59 0.10 11.22
CA TYR B 182 25.33 -1.31 11.47
C TYR B 182 24.56 -1.97 10.32
N TYR B 183 23.72 -1.19 9.64
CA TYR B 183 23.03 -1.70 8.46
C TYR B 183 24.02 -1.90 7.32
N LYS B 184 24.94 -0.96 7.18
CA LYS B 184 25.93 -1.01 6.10
C LYS B 184 26.84 -2.22 6.26
N ALA B 185 27.13 -2.58 7.51
CA ALA B 185 27.91 -3.78 7.79
C ALA B 185 27.10 -5.01 7.41
N PHE B 186 25.79 -4.95 7.66
CA PHE B 186 24.87 -6.02 7.29
C PHE B 186 24.76 -6.13 5.77
N GLU B 187 24.73 -4.97 5.11
CA GLU B 187 24.65 -4.91 3.66
C GLU B 187 25.91 -5.48 3.02
N GLU B 188 27.07 -5.13 3.58
CA GLU B 188 28.34 -5.63 3.07
C GLU B 188 28.45 -7.15 3.24
N ALA B 189 27.95 -7.66 4.37
CA ALA B 189 27.95 -9.08 4.63
C ALA B 189 27.05 -9.82 3.64
N ALA B 190 25.98 -9.17 3.22
CA ALA B 190 25.04 -9.75 2.27
C ALA B 190 25.70 -9.97 0.90
N GLU B 191 26.67 -9.12 0.59
CA GLU B 191 27.36 -9.19 -0.70
C GLU B 191 28.24 -10.43 -0.81
N HIS B 192 28.65 -10.97 0.35
CA HIS B 192 29.49 -12.16 0.37
C HIS B 192 28.77 -13.40 -0.16
N PHE B 193 27.47 -13.49 0.13
CA PHE B 193 26.72 -14.72 -0.10
C PHE B 193 25.68 -14.58 -1.20
N GLN B 194 25.69 -13.46 -1.91
CA GLN B 194 24.72 -13.22 -2.97
C GLN B 194 25.01 -14.12 -4.16
N PRO B 195 23.96 -14.68 -4.78
CA PRO B 195 22.57 -14.65 -4.34
C PRO B 195 22.11 -15.96 -3.71
N TYR B 196 23.03 -16.66 -3.05
CA TYR B 196 22.72 -17.98 -2.49
C TYR B 196 21.99 -17.87 -1.16
N ILE B 197 22.34 -16.86 -0.38
CA ILE B 197 21.73 -16.65 0.92
C ILE B 197 21.02 -15.31 0.95
N LYS B 198 19.76 -15.31 1.37
CA LYS B 198 18.85 -14.19 1.30
C LYS B 198 18.93 -13.26 2.51
N PHE B 199 19.29 -12.00 2.29
CA PHE B 199 19.37 -11.06 3.39
C PHE B 199 18.23 -10.04 3.33
N PHE B 200 17.64 -9.77 4.50
CA PHE B 200 16.54 -8.82 4.60
C PHE B 200 16.78 -7.84 5.74
N ALA B 201 16.20 -6.65 5.62
CA ALA B 201 16.36 -5.64 6.66
C ALA B 201 15.09 -4.82 6.81
N THR B 202 14.81 -4.40 8.04
CA THR B 202 13.65 -3.55 8.30
C THR B 202 14.02 -2.35 9.17
N PHE B 203 13.36 -1.23 8.92
CA PHE B 203 13.53 -0.03 9.73
C PHE B 203 12.20 0.33 10.36
N ASP B 204 11.28 -0.61 10.32
CA ASP B 204 9.94 -0.41 10.85
C ASP B 204 9.79 -1.05 12.22
N LYS B 205 9.32 -0.26 13.18
CA LYS B 205 9.19 -0.69 14.56
C LYS B 205 8.12 -1.78 14.69
N GLY B 206 7.07 -1.67 13.87
CA GLY B 206 6.00 -2.64 13.85
C GLY B 206 6.45 -4.01 13.37
N VAL B 207 7.23 -4.01 12.29
CA VAL B 207 7.77 -5.26 11.73
C VAL B 207 8.75 -5.92 12.69
N ALA B 208 9.58 -5.10 13.33
CA ALA B 208 10.59 -5.62 14.25
C ALA B 208 9.96 -6.32 15.47
N LYS B 209 8.86 -5.76 15.96
CA LYS B 209 8.18 -6.31 17.13
C LYS B 209 7.44 -7.61 16.77
N LYS B 210 6.85 -7.66 15.59
CA LYS B 210 6.18 -8.88 15.13
C LYS B 210 7.20 -10.01 14.94
N LEU B 211 8.38 -9.66 14.46
CA LEU B 211 9.43 -10.64 14.21
C LEU B 211 10.38 -10.75 15.40
N SER B 212 9.99 -10.15 16.52
CA SER B 212 10.77 -10.19 17.76
C SER B 212 12.22 -9.71 17.56
N LEU B 213 12.38 -8.60 16.86
CA LEU B 213 13.70 -8.05 16.61
C LEU B 213 13.96 -6.80 17.46
N LYS B 214 15.09 -6.82 18.18
CA LYS B 214 15.54 -5.65 18.90
C LYS B 214 16.43 -4.82 17.98
N MET B 215 16.75 -3.60 18.39
CA MET B 215 17.57 -2.72 17.57
C MET B 215 18.94 -3.36 17.30
N ASN B 216 19.32 -3.36 16.03
CA ASN B 216 20.59 -3.93 15.56
C ASN B 216 20.69 -5.45 15.73
N GLU B 217 19.57 -6.10 16.01
CA GLU B 217 19.52 -7.55 16.11
C GLU B 217 19.32 -8.19 14.73
N VAL B 218 20.03 -9.30 14.49
CA VAL B 218 19.88 -10.04 13.24
C VAL B 218 19.53 -11.50 13.56
N ASP B 219 18.44 -11.99 12.97
CA ASP B 219 18.00 -13.36 13.17
C ASP B 219 18.41 -14.27 12.02
N PHE B 220 18.85 -15.47 12.36
CA PHE B 220 19.28 -16.45 11.35
C PHE B 220 18.27 -17.57 11.24
N TYR B 221 17.68 -17.70 10.05
CA TYR B 221 16.70 -18.76 9.80
C TYR B 221 17.29 -19.89 8.97
N GLU B 222 17.49 -21.04 9.60
CA GLU B 222 17.87 -22.24 8.86
C GLU B 222 16.64 -22.77 8.13
N PRO B 223 16.84 -23.21 6.87
CA PRO B 223 15.74 -23.76 6.06
C PRO B 223 14.92 -24.83 6.77
N PHE B 224 13.60 -24.73 6.64
CA PHE B 224 12.65 -25.72 7.15
C PHE B 224 12.55 -25.74 8.68
N MET B 225 13.23 -24.80 9.34
CA MET B 225 13.13 -24.68 10.78
C MET B 225 12.01 -23.72 11.19
N ASP B 226 11.42 -23.97 12.36
CA ASP B 226 10.31 -23.17 12.86
C ASP B 226 10.81 -21.91 13.56
N GLU B 227 11.95 -22.02 14.24
CA GLU B 227 12.47 -20.92 15.03
C GLU B 227 13.84 -20.47 14.54
N PRO B 228 14.05 -19.15 14.47
CA PRO B 228 15.34 -18.57 14.05
C PRO B 228 16.37 -18.58 15.17
N ILE B 229 17.62 -18.30 14.81
CA ILE B 229 18.68 -18.14 15.79
C ILE B 229 19.15 -16.69 15.82
N ALA B 230 19.00 -16.05 16.99
CA ALA B 230 19.49 -14.69 17.16
C ALA B 230 21.01 -14.71 17.23
N ILE B 231 21.67 -14.04 16.29
CA ILE B 231 23.12 -13.96 16.27
C ILE B 231 23.61 -13.24 17.52
N PRO B 232 24.44 -13.92 18.33
CA PRO B 232 24.91 -13.42 19.63
C PRO B 232 25.81 -12.19 19.53
N ASN B 233 25.86 -11.42 20.61
CA ASN B 233 26.79 -10.30 20.76
C ASN B 233 26.57 -9.20 19.72
N LYS B 234 25.33 -8.70 19.66
CA LYS B 234 24.98 -7.56 18.83
C LYS B 234 25.44 -6.25 19.51
N PRO B 235 25.70 -5.20 18.71
CA PRO B 235 25.61 -5.17 17.24
C PRO B 235 26.75 -5.90 16.55
N TYR B 236 26.66 -6.05 15.23
CA TYR B 236 27.63 -6.87 14.51
C TYR B 236 28.44 -6.07 13.50
N THR B 237 29.70 -6.46 13.36
CA THR B 237 30.52 -5.99 12.26
C THR B 237 30.27 -6.90 11.07
N GLU B 238 30.84 -6.56 9.92
CA GLU B 238 30.73 -7.40 8.74
C GLU B 238 31.32 -8.79 9.00
N GLU B 239 32.44 -8.81 9.70
CA GLU B 239 33.17 -10.06 9.96
C GLU B 239 32.36 -11.00 10.85
N GLU B 240 31.67 -10.46 11.84
CA GLU B 240 30.88 -11.27 12.75
C GLU B 240 29.76 -11.99 12.00
N LEU B 241 29.10 -11.25 11.11
CA LEU B 241 27.99 -11.80 10.32
C LEU B 241 28.48 -12.86 9.33
N VAL B 242 29.55 -12.55 8.61
CA VAL B 242 30.11 -13.48 7.63
C VAL B 242 30.54 -14.80 8.27
N GLU B 243 31.16 -14.71 9.43
CA GLU B 243 31.59 -15.87 10.18
C GLU B 243 30.47 -16.69 10.78
N PHE B 244 29.45 -16.04 11.30
CA PHE B 244 28.31 -16.74 11.81
C PHE B 244 27.70 -17.56 10.69
N VAL B 245 27.49 -16.94 9.57
CA VAL B 245 26.81 -17.57 8.44
C VAL B 245 27.61 -18.75 7.92
N LYS B 246 28.92 -18.56 7.78
CA LYS B 246 29.80 -19.62 7.30
C LYS B 246 29.80 -20.85 8.23
N GLU B 247 29.66 -20.61 9.52
CA GLU B 247 29.66 -21.71 10.48
C GLU B 247 28.31 -22.44 10.47
N HIS B 248 27.30 -21.77 9.91
CA HIS B 248 25.95 -22.31 9.85
C HIS B 248 25.45 -22.39 8.42
N GLN B 249 26.36 -22.56 7.47
CA GLN B 249 26.02 -22.46 6.05
C GLN B 249 25.52 -23.78 5.48
N ARG B 250 25.63 -24.85 6.27
CA ARG B 250 25.12 -26.15 5.85
C ARG B 250 23.87 -26.55 6.64
N PRO B 251 22.69 -26.37 6.02
CA PRO B 251 21.41 -26.74 6.63
C PRO B 251 21.31 -28.24 6.85
N THR B 252 20.57 -28.64 7.88
CA THR B 252 20.30 -30.05 8.14
C THR B 252 19.56 -30.66 6.95
N LEU B 253 18.64 -29.89 6.39
CA LEU B 253 17.94 -30.27 5.17
C LEU B 253 18.12 -29.20 4.10
N ARG B 254 18.90 -29.50 3.07
CA ARG B 254 19.19 -28.53 2.03
C ARG B 254 18.73 -29.02 0.65
N ARG B 255 18.26 -28.09 -0.17
CA ARG B 255 17.75 -28.42 -1.50
C ARG B 255 18.82 -28.30 -2.58
N LEU B 256 18.86 -29.26 -3.49
CA LEU B 256 19.75 -29.19 -4.64
C LEU B 256 19.14 -28.31 -5.72
N ARG B 257 19.77 -27.23 -6.07
CA ARG B 257 19.27 -26.35 -7.09
C ARG B 257 20.14 -26.38 -8.32
N PRO B 258 19.52 -26.24 -9.48
CA PRO B 258 20.23 -26.29 -10.77
C PRO B 258 21.38 -25.29 -10.86
N GLU B 259 21.19 -24.10 -10.29
CA GLU B 259 22.20 -23.06 -10.35
C GLU B 259 23.27 -23.22 -9.27
N GLU B 260 23.11 -24.23 -8.42
CA GLU B 260 24.05 -24.48 -7.32
C GLU B 260 24.49 -25.94 -7.26
N MET B 261 24.03 -26.73 -8.23
CA MET B 261 24.10 -28.19 -8.14
C MET B 261 25.51 -28.76 -7.94
N PHE B 262 26.49 -28.24 -8.66
CA PHE B 262 27.85 -28.76 -8.55
C PHE B 262 28.55 -28.26 -7.29
N GLU B 263 28.27 -27.02 -6.90
CA GLU B 263 28.79 -26.45 -5.67
C GLU B 263 28.31 -27.25 -4.45
N THR B 264 27.03 -27.60 -4.46
CA THR B 264 26.42 -28.34 -3.37
C THR B 264 26.90 -29.79 -3.33
N TRP B 265 26.97 -30.42 -4.50
CA TRP B 265 27.35 -31.83 -4.60
C TRP B 265 28.80 -32.07 -4.17
N GLU B 266 29.67 -31.11 -4.49
CA GLU B 266 31.08 -31.20 -4.11
C GLU B 266 31.28 -30.92 -2.63
N ASP B 267 30.21 -30.44 -1.98
CA ASP B 267 30.23 -30.18 -0.55
C ASP B 267 29.72 -31.39 0.22
N ASP B 268 30.38 -32.53 0.01
CA ASP B 268 30.00 -33.78 0.65
C ASP B 268 30.53 -33.91 2.08
N LEU B 269 29.92 -34.79 2.86
CA LEU B 269 30.40 -35.07 4.21
C LEU B 269 31.01 -36.46 4.26
N ASN B 270 32.34 -36.51 4.38
CA ASN B 270 33.08 -37.77 4.41
C ASN B 270 32.83 -38.65 3.18
N GLY B 271 32.70 -38.02 2.02
CA GLY B 271 32.58 -38.73 0.77
C GLY B 271 31.18 -39.24 0.42
N ILE B 272 30.19 -38.89 1.24
CA ILE B 272 28.83 -39.35 1.01
C ILE B 272 27.80 -38.22 1.09
N HIS B 273 26.72 -38.38 0.33
CA HIS B 273 25.55 -37.53 0.46
C HIS B 273 24.33 -38.37 0.83
N ILE B 274 23.56 -37.91 1.80
CA ILE B 274 22.26 -38.53 2.05
C ILE B 274 21.25 -37.87 1.12
N VAL B 275 20.89 -38.60 0.07
CA VAL B 275 20.07 -38.04 -1.00
C VAL B 275 18.62 -38.47 -0.89
N ALA B 276 17.72 -37.50 -0.90
CA ALA B 276 16.29 -37.77 -0.83
C ALA B 276 15.56 -37.16 -2.01
N PHE B 277 14.96 -38.02 -2.84
CA PHE B 277 14.17 -37.57 -3.98
C PHE B 277 12.73 -37.35 -3.58
N ALA B 278 12.20 -36.17 -3.91
CA ALA B 278 10.82 -35.84 -3.56
C ALA B 278 10.23 -34.84 -4.54
N GLU B 279 9.27 -35.28 -5.33
CA GLU B 279 8.55 -34.41 -6.25
C GLU B 279 7.45 -33.66 -5.51
N LYS B 280 7.70 -32.38 -5.22
CA LYS B 280 6.82 -31.59 -4.36
C LYS B 280 5.43 -31.41 -4.96
N SER B 281 5.34 -31.35 -6.27
CA SER B 281 4.05 -31.22 -6.95
C SER B 281 3.22 -32.50 -6.79
N ASP B 282 3.92 -33.61 -6.57
CA ASP B 282 3.27 -34.88 -6.30
C ASP B 282 2.93 -34.97 -4.81
N PRO B 283 1.65 -35.27 -4.50
CA PRO B 283 1.16 -35.39 -3.12
C PRO B 283 1.98 -36.38 -2.28
N ASP B 284 2.45 -37.45 -2.91
CA ASP B 284 3.28 -38.42 -2.22
C ASP B 284 4.68 -37.86 -1.96
N GLY B 285 5.18 -37.07 -2.90
CA GLY B 285 6.46 -36.41 -2.75
C GLY B 285 6.38 -35.33 -1.68
N TYR B 286 5.29 -34.59 -1.70
CA TYR B 286 5.01 -33.59 -0.66
C TYR B 286 4.93 -34.25 0.70
N GLU B 287 4.23 -35.38 0.75
CA GLU B 287 4.08 -36.17 1.96
C GLU B 287 5.41 -36.54 2.58
N PHE B 288 6.29 -37.12 1.78
CA PHE B 288 7.59 -37.59 2.24
C PHE B 288 8.48 -36.42 2.66
N LEU B 289 8.36 -35.30 1.96
CA LEU B 289 9.15 -34.12 2.25
C LEU B 289 8.80 -33.55 3.63
N GLU B 290 7.50 -33.56 3.95
CA GLU B 290 7.03 -33.07 5.24
C GLU B 290 7.57 -33.93 6.38
N ILE B 291 7.64 -35.24 6.15
CA ILE B 291 8.20 -36.17 7.13
C ILE B 291 9.69 -35.90 7.29
N LEU B 292 10.35 -35.61 6.17
CA LEU B 292 11.77 -35.28 6.17
C LEU B 292 12.05 -34.02 6.97
N LYS B 293 11.19 -33.02 6.81
CA LYS B 293 11.32 -31.77 7.56
C LYS B 293 11.27 -31.99 9.06
N GLN B 294 10.38 -32.87 9.48
CA GLN B 294 10.27 -33.20 10.87
C GLN B 294 11.46 -33.93 11.43
N VAL B 295 12.05 -34.76 10.64
CA VAL B 295 13.31 -35.43 11.00
C VAL B 295 14.43 -34.40 11.09
N ALA B 296 14.43 -33.46 10.15
CA ALA B 296 15.44 -32.40 10.13
C ALA B 296 15.32 -31.50 11.36
N ARG B 297 14.08 -31.14 11.72
CA ARG B 297 13.85 -30.30 12.88
C ARG B 297 14.25 -31.00 14.18
N ASP B 298 14.01 -32.30 14.24
CA ASP B 298 14.30 -33.08 15.44
C ASP B 298 15.80 -33.32 15.62
N ASN B 299 16.55 -33.24 14.52
CA ASN B 299 17.99 -33.49 14.57
C ASN B 299 18.80 -32.35 13.97
N THR B 300 18.30 -31.12 14.11
CA THR B 300 18.93 -29.96 13.49
C THR B 300 20.24 -29.57 14.17
N ASP B 301 20.47 -30.07 15.38
CA ASP B 301 21.66 -29.71 16.13
C ASP B 301 22.79 -30.73 15.93
N ASN B 302 22.55 -31.69 15.04
CA ASN B 302 23.57 -32.66 14.68
C ASN B 302 24.44 -32.11 13.56
N PRO B 303 25.70 -31.79 13.86
CA PRO B 303 26.61 -31.17 12.89
C PRO B 303 27.06 -32.14 11.79
N ASP B 304 26.86 -33.43 12.02
CA ASP B 304 27.27 -34.46 11.07
C ASP B 304 26.13 -34.84 10.11
N LEU B 305 24.96 -34.22 10.29
CA LEU B 305 23.80 -34.56 9.48
C LEU B 305 23.40 -33.46 8.51
N SER B 306 23.37 -33.80 7.23
CA SER B 306 22.86 -32.90 6.20
C SER B 306 22.18 -33.68 5.08
N ILE B 307 20.85 -33.59 5.01
CA ILE B 307 20.09 -34.31 4.01
C ILE B 307 19.89 -33.47 2.75
N LEU B 308 20.20 -34.05 1.60
CA LEU B 308 20.09 -33.35 0.32
C LEU B 308 18.78 -33.69 -0.38
N TRP B 309 17.88 -32.71 -0.43
CA TRP B 309 16.60 -32.87 -1.11
C TRP B 309 16.72 -32.54 -2.60
N ILE B 310 16.40 -33.51 -3.44
CA ILE B 310 16.38 -33.31 -4.89
C ILE B 310 14.98 -33.46 -5.45
N ASP B 311 14.43 -32.39 -6.02
CA ASP B 311 13.17 -32.46 -6.74
C ASP B 311 13.45 -32.82 -8.20
N PRO B 312 12.97 -33.98 -8.64
CA PRO B 312 13.18 -34.49 -10.00
C PRO B 312 12.72 -33.52 -11.09
N ASP B 313 11.76 -32.65 -10.77
CA ASP B 313 11.25 -31.67 -11.72
C ASP B 313 12.27 -30.59 -12.03
N ASP B 314 13.26 -30.44 -11.16
CA ASP B 314 14.31 -29.45 -11.35
C ASP B 314 15.44 -30.02 -12.20
N PHE B 315 15.48 -31.34 -12.32
CA PHE B 315 16.49 -32.02 -13.12
C PHE B 315 15.89 -33.12 -13.98
N PRO B 316 15.06 -32.75 -14.97
CA PRO B 316 14.36 -33.74 -15.80
C PRO B 316 15.32 -34.58 -16.64
N LEU B 317 16.45 -34.01 -17.03
CA LEU B 317 17.40 -34.72 -17.89
C LEU B 317 18.30 -35.67 -17.10
N LEU B 318 18.12 -35.70 -15.79
CA LEU B 318 18.93 -36.58 -14.94
C LEU B 318 18.11 -37.74 -14.37
N VAL B 319 16.82 -37.74 -14.65
CA VAL B 319 15.92 -38.77 -14.13
C VAL B 319 16.32 -40.15 -14.64
N ALA B 320 16.54 -40.27 -15.94
CA ALA B 320 16.92 -41.53 -16.56
C ALA B 320 18.27 -42.04 -16.05
N TYR B 321 19.22 -41.12 -15.92
CA TYR B 321 20.54 -41.45 -15.39
C TYR B 321 20.45 -41.94 -13.96
N TRP B 322 19.67 -41.23 -13.15
CA TRP B 322 19.51 -41.57 -11.74
C TRP B 322 18.83 -42.92 -11.54
N GLU B 323 17.79 -43.17 -12.31
CA GLU B 323 17.04 -44.42 -12.20
C GLU B 323 17.91 -45.60 -12.64
N LYS B 324 18.80 -45.36 -13.60
CA LYS B 324 19.70 -46.39 -14.10
C LYS B 324 20.85 -46.64 -13.12
N THR B 325 21.41 -45.56 -12.59
CA THR B 325 22.55 -45.65 -11.68
C THR B 325 22.15 -46.12 -10.28
N PHE B 326 21.02 -45.62 -9.78
CA PHE B 326 20.61 -45.89 -8.40
C PHE B 326 19.60 -47.03 -8.28
N LYS B 327 19.10 -47.49 -9.41
CA LYS B 327 18.13 -48.60 -9.45
C LYS B 327 16.88 -48.31 -8.64
N ILE B 328 16.31 -47.13 -8.87
CA ILE B 328 15.13 -46.73 -8.13
C ILE B 328 14.06 -46.14 -9.05
N ASP B 329 12.85 -46.08 -8.53
CA ASP B 329 11.72 -45.51 -9.27
C ASP B 329 11.47 -44.08 -8.80
N LEU B 330 11.77 -43.11 -9.65
CA LEU B 330 11.65 -41.71 -9.28
C LEU B 330 10.21 -41.19 -9.43
N PHE B 331 9.28 -42.09 -9.72
CA PHE B 331 7.86 -41.75 -9.68
C PHE B 331 7.36 -41.75 -8.24
N ARG B 332 8.19 -42.29 -7.35
CA ARG B 332 7.88 -42.32 -5.93
C ARG B 332 9.01 -41.64 -5.15
N PRO B 333 8.71 -41.14 -3.94
CA PRO B 333 9.76 -40.56 -3.11
C PRO B 333 10.80 -41.60 -2.68
N GLN B 334 12.06 -41.23 -2.71
CA GLN B 334 13.14 -42.12 -2.32
C GLN B 334 14.14 -41.43 -1.42
N ILE B 335 14.85 -42.20 -0.59
CA ILE B 335 15.94 -41.67 0.21
C ILE B 335 17.05 -42.73 0.31
N GLY B 336 18.30 -42.29 0.20
CA GLY B 336 19.42 -43.21 0.20
C GLY B 336 20.76 -42.53 0.44
N VAL B 337 21.81 -43.34 0.50
CA VAL B 337 23.16 -42.82 0.72
C VAL B 337 23.99 -42.96 -0.55
N VAL B 338 24.49 -41.84 -1.06
CA VAL B 338 25.25 -41.85 -2.32
C VAL B 338 26.72 -41.52 -2.09
N ASN B 339 27.59 -42.41 -2.57
CA ASN B 339 29.02 -42.20 -2.48
C ASN B 339 29.51 -41.38 -3.68
N VAL B 340 30.12 -40.25 -3.40
CA VAL B 340 30.45 -39.27 -4.44
C VAL B 340 31.63 -39.68 -5.33
N THR B 341 32.32 -40.75 -4.96
CA THR B 341 33.47 -41.18 -5.75
C THR B 341 33.07 -41.97 -7.00
N ASP B 342 32.24 -42.99 -6.83
CA ASP B 342 31.86 -43.85 -7.96
C ASP B 342 30.35 -43.79 -8.24
N ALA B 343 29.66 -42.85 -7.61
CA ALA B 343 28.22 -42.71 -7.77
C ALA B 343 27.51 -43.99 -7.36
N ASP B 344 27.87 -44.50 -6.18
CA ASP B 344 27.35 -45.77 -5.69
C ASP B 344 26.44 -45.54 -4.48
N SER B 345 25.40 -46.36 -4.35
CA SER B 345 24.38 -46.09 -3.34
C SER B 345 23.59 -47.30 -2.82
N VAL B 346 23.03 -47.12 -1.62
CA VAL B 346 22.09 -48.06 -1.03
C VAL B 346 20.84 -47.27 -0.66
N TRP B 347 19.68 -47.86 -0.89
CA TRP B 347 18.43 -47.12 -0.75
C TRP B 347 17.46 -47.77 0.23
N MET B 348 16.80 -46.94 1.04
CA MET B 348 15.81 -47.40 2.00
C MET B 348 14.63 -48.04 1.30
N GLU B 349 14.15 -49.16 1.84
CA GLU B 349 13.07 -49.91 1.19
C GLU B 349 11.74 -49.20 1.38
N ILE B 350 11.29 -48.48 0.35
CA ILE B 350 9.97 -47.85 0.38
C ILE B 350 9.17 -48.19 -0.88
N PRO B 351 8.65 -49.41 -0.94
CA PRO B 351 7.93 -49.91 -2.13
C PRO B 351 6.53 -49.31 -2.28
N ASP B 352 6.00 -48.76 -1.19
CA ASP B 352 4.65 -48.21 -1.18
C ASP B 352 4.61 -46.82 -0.58
N ASP B 353 4.27 -45.82 -1.40
CA ASP B 353 4.22 -44.43 -0.92
C ASP B 353 2.91 -44.13 -0.19
N ASP B 354 2.08 -45.15 0.02
CA ASP B 354 0.94 -45.02 0.92
C ASP B 354 1.27 -45.73 2.23
N ASP B 355 2.50 -46.24 2.31
CA ASP B 355 3.03 -46.79 3.55
C ASP B 355 4.43 -46.22 3.79
N LEU B 356 4.52 -44.90 3.79
CA LEU B 356 5.79 -44.21 3.99
C LEU B 356 6.29 -44.43 5.41
N PRO B 357 7.62 -44.44 5.58
CA PRO B 357 8.18 -44.58 6.93
C PRO B 357 7.92 -43.36 7.80
N THR B 358 7.76 -43.58 9.10
CA THR B 358 7.57 -42.48 10.04
C THR B 358 8.88 -41.74 10.27
N ALA B 359 8.83 -40.65 11.02
CA ALA B 359 10.01 -39.87 11.33
C ALA B 359 11.02 -40.71 12.11
N GLU B 360 10.52 -41.53 13.03
CA GLU B 360 11.36 -42.39 13.84
C GLU B 360 12.01 -43.49 13.00
N GLU B 361 11.25 -44.05 12.06
CA GLU B 361 11.77 -45.09 11.18
C GLU B 361 12.83 -44.53 10.25
N LEU B 362 12.66 -43.28 9.83
CA LEU B 362 13.66 -42.58 9.03
C LEU B 362 14.92 -42.35 9.85
N GLU B 363 14.73 -41.94 11.11
CA GLU B 363 15.85 -41.67 12.00
C GLU B 363 16.71 -42.91 12.23
N ASP B 364 16.06 -44.05 12.46
CA ASP B 364 16.76 -45.30 12.70
C ASP B 364 17.61 -45.71 11.49
N TRP B 365 17.04 -45.56 10.29
CA TRP B 365 17.76 -45.90 9.06
C TRP B 365 18.92 -44.93 8.84
N ILE B 366 18.66 -43.64 9.07
CA ILE B 366 19.68 -42.59 8.98
C ILE B 366 20.76 -42.80 10.04
N GLU B 367 20.33 -43.11 11.26
CA GLU B 367 21.26 -43.39 12.34
C GLU B 367 22.26 -44.48 11.93
N ASP B 368 21.75 -45.50 11.24
CA ASP B 368 22.58 -46.61 10.78
C ASP B 368 23.46 -46.22 9.59
N VAL B 369 23.13 -45.11 8.94
CA VAL B 369 23.95 -44.53 7.86
C VAL B 369 25.01 -43.58 8.43
N LEU B 370 24.68 -42.93 9.54
CA LEU B 370 25.61 -42.04 10.22
C LEU B 370 26.66 -42.85 10.99
N SER B 371 26.26 -44.05 11.42
CA SER B 371 27.22 -45.07 11.81
C SER B 371 27.61 -45.83 10.55
N GLY B 372 28.40 -46.89 10.70
CA GLY B 372 28.82 -47.68 9.56
C GLY B 372 27.88 -48.82 9.22
N LYS B 373 26.77 -48.91 9.93
CA LYS B 373 25.79 -49.97 9.74
C LYS B 373 25.16 -49.99 8.33
N ILE B 374 24.92 -48.81 7.78
CA ILE B 374 24.57 -48.67 6.37
C ILE B 374 25.76 -48.00 5.68
N ASN B 375 26.26 -48.60 4.58
CA ASN B 375 27.62 -48.28 4.12
C ASN B 375 27.83 -47.90 2.63
N THR B 376 27.12 -48.57 1.71
CA THR B 376 27.44 -48.57 0.27
C THR B 376 28.80 -49.21 0.00
N GLU B 377 29.68 -48.46 -0.66
CA GLU B 377 31.03 -48.95 -0.98
C GLU B 377 32.01 -47.79 -0.97
N ASN C 28 -6.70 22.26 -7.56
CA ASN C 28 -6.24 20.87 -7.64
C ASN C 28 -7.13 19.99 -6.79
N PHE C 29 -8.27 20.55 -6.39
CA PHE C 29 -9.27 19.82 -5.63
C PHE C 29 -9.89 18.76 -6.53
N PRO C 30 -10.11 17.56 -5.99
CA PRO C 30 -10.56 16.44 -6.82
C PRO C 30 -12.05 16.49 -7.15
N THR C 31 -12.40 16.00 -8.35
CA THR C 31 -13.79 15.85 -8.75
C THR C 31 -14.09 14.37 -8.97
N TYR C 32 -15.33 13.96 -8.70
CA TYR C 32 -15.76 12.58 -8.86
C TYR C 32 -15.66 12.14 -10.33
N ASP C 33 -14.95 11.03 -10.58
CA ASP C 33 -14.68 10.59 -11.94
C ASP C 33 -15.76 9.68 -12.52
N GLY C 34 -16.89 9.59 -11.83
CA GLY C 34 -18.02 8.83 -12.32
C GLY C 34 -17.98 7.33 -12.10
N LYS C 35 -16.84 6.79 -11.70
CA LYS C 35 -16.74 5.35 -11.53
C LYS C 35 -17.54 4.90 -10.32
N ASP C 36 -17.89 3.63 -10.29
CA ASP C 36 -18.78 3.11 -9.26
C ASP C 36 -18.02 2.25 -8.27
N ARG C 37 -17.63 2.88 -7.17
CA ARG C 37 -16.87 2.22 -6.11
C ARG C 37 -17.73 1.90 -4.89
N VAL C 38 -18.83 2.63 -4.73
CA VAL C 38 -19.72 2.40 -3.60
C VAL C 38 -20.97 1.64 -4.04
N VAL C 39 -21.05 0.38 -3.66
CA VAL C 39 -22.18 -0.47 -4.03
C VAL C 39 -22.91 -1.00 -2.81
N SER C 40 -24.07 -1.59 -3.03
CA SER C 40 -24.85 -2.17 -1.94
C SER C 40 -24.26 -3.51 -1.55
N LEU C 41 -24.13 -3.74 -0.24
CA LEU C 41 -23.49 -4.95 0.24
C LEU C 41 -24.50 -5.99 0.67
N SER C 42 -24.26 -7.24 0.28
CA SER C 42 -25.11 -8.36 0.65
C SER C 42 -24.35 -9.20 1.66
N GLU C 43 -25.03 -10.14 2.29
CA GLU C 43 -24.40 -10.93 3.34
C GLU C 43 -23.55 -12.07 2.78
N LYS C 44 -23.86 -12.54 1.58
CA LYS C 44 -23.06 -13.59 0.92
C LYS C 44 -21.66 -13.06 0.60
N ASN C 45 -21.58 -11.76 0.31
CA ASN C 45 -20.33 -11.15 -0.12
C ASN C 45 -19.65 -10.32 0.96
N PHE C 46 -20.19 -10.35 2.17
CA PHE C 46 -19.63 -9.57 3.27
C PHE C 46 -18.20 -10.01 3.59
N LYS C 47 -17.98 -11.31 3.63
CA LYS C 47 -16.68 -11.89 3.95
C LYS C 47 -15.66 -11.58 2.86
N GLN C 48 -16.09 -11.72 1.63
CA GLN C 48 -15.23 -11.44 0.48
C GLN C 48 -14.90 -9.94 0.32
N VAL C 49 -15.79 -9.06 0.76
CA VAL C 49 -15.52 -7.63 0.66
C VAL C 49 -14.64 -7.17 1.82
N LEU C 50 -14.90 -7.70 3.01
CA LEU C 50 -14.15 -7.36 4.21
C LEU C 50 -12.66 -7.67 4.07
N LYS C 51 -12.35 -8.72 3.32
CA LYS C 51 -10.98 -9.15 3.13
C LYS C 51 -10.22 -8.21 2.19
N LYS C 52 -10.98 -7.42 1.41
CA LYS C 52 -10.42 -6.61 0.34
C LYS C 52 -9.77 -5.32 0.83
N TYR C 53 -10.24 -4.79 1.96
CA TYR C 53 -9.80 -3.47 2.41
C TYR C 53 -9.12 -3.47 3.77
N ASP C 54 -8.34 -2.41 4.00
CA ASP C 54 -7.75 -2.15 5.31
C ASP C 54 -8.84 -1.66 6.24
N LEU C 55 -9.65 -0.72 5.76
CA LEU C 55 -10.80 -0.24 6.51
C LEU C 55 -12.07 -0.41 5.68
N LEU C 56 -13.15 -0.88 6.31
CA LEU C 56 -14.43 -1.03 5.62
C LEU C 56 -15.51 -0.15 6.25
N CYS C 57 -16.04 0.78 5.46
CA CYS C 57 -17.08 1.67 5.93
C CYS C 57 -18.44 1.25 5.39
N LEU C 58 -19.39 0.98 6.28
CA LEU C 58 -20.70 0.51 5.89
C LEU C 58 -21.78 1.53 6.27
N TYR C 59 -22.41 2.13 5.26
CA TYR C 59 -23.48 3.08 5.52
C TYR C 59 -24.80 2.35 5.75
N TYR C 60 -25.19 2.25 7.02
CA TYR C 60 -26.43 1.58 7.39
C TYR C 60 -27.63 2.49 7.20
N HIS C 61 -28.39 2.26 6.15
CA HIS C 61 -29.47 3.17 5.78
C HIS C 61 -30.84 2.49 5.80
N GLU C 62 -31.88 3.31 5.97
CA GLU C 62 -33.27 2.88 5.86
C GLU C 62 -33.53 2.36 4.44
N PRO C 63 -34.53 1.47 4.29
CA PRO C 63 -34.78 0.93 2.95
C PRO C 63 -35.16 2.01 1.92
N VAL C 64 -34.58 1.90 0.73
CA VAL C 64 -34.88 2.88 -0.29
C VAL C 64 -36.26 2.53 -0.81
N SER C 65 -37.09 3.56 -0.92
CA SER C 65 -38.47 3.37 -1.23
C SER C 65 -38.70 3.63 -2.68
N SER C 66 -39.94 3.47 -3.09
CA SER C 66 -40.32 3.86 -4.41
C SER C 66 -40.95 5.23 -4.30
N ASP C 67 -40.12 6.18 -3.88
CA ASP C 67 -40.42 7.58 -4.03
C ASP C 67 -39.17 8.34 -4.38
N LYS C 68 -39.30 9.44 -5.12
CA LYS C 68 -38.35 10.53 -5.11
C LYS C 68 -38.37 11.21 -3.73
N VAL C 69 -39.08 10.53 -2.84
CA VAL C 69 -39.35 10.93 -1.45
C VAL C 69 -38.47 10.24 -0.33
N THR C 70 -37.19 10.03 -0.58
CA THR C 70 -36.57 10.39 -1.84
C THR C 70 -35.34 9.62 -2.12
N GLN C 71 -35.44 8.83 -3.15
CA GLN C 71 -34.30 8.16 -3.68
C GLN C 71 -33.22 9.17 -3.98
N LYS C 72 -33.62 10.43 -4.08
CA LYS C 72 -32.73 11.48 -4.43
C LYS C 72 -31.91 11.85 -3.24
N GLN C 73 -32.56 12.02 -2.10
CA GLN C 73 -31.84 12.46 -0.93
C GLN C 73 -30.70 11.50 -0.68
N PHE C 74 -30.93 10.24 -0.92
CA PHE C 74 -30.02 9.19 -0.65
C PHE C 74 -28.82 9.28 -1.56
N GLN C 75 -29.12 9.50 -2.81
CA GLN C 75 -28.10 9.55 -3.86
C GLN C 75 -27.07 10.64 -3.59
N LEU C 76 -27.54 11.75 -3.03
CA LEU C 76 -26.65 12.85 -2.63
C LEU C 76 -25.62 12.35 -1.62
N LYS C 77 -26.09 11.52 -0.68
CA LYS C 77 -25.22 10.93 0.32
C LYS C 77 -24.28 9.91 -0.32
N GLU C 78 -24.75 9.24 -1.37
CA GLU C 78 -23.94 8.27 -2.08
C GLU C 78 -22.85 8.98 -2.87
N ILE C 79 -23.21 10.12 -3.47
CA ILE C 79 -22.25 10.95 -4.19
C ILE C 79 -21.09 11.36 -3.30
N VAL C 80 -21.40 11.73 -2.06
CA VAL C 80 -20.39 12.09 -1.08
C VAL C 80 -19.48 10.90 -0.80
N LEU C 81 -20.08 9.75 -0.55
CA LEU C 81 -19.34 8.52 -0.28
C LEU C 81 -18.46 8.12 -1.47
N GLU C 82 -18.96 8.37 -2.68
CA GLU C 82 -18.22 8.04 -3.89
C GLU C 82 -16.95 8.88 -4.01
N LEU C 83 -17.06 10.17 -3.65
CA LEU C 83 -15.91 11.06 -3.72
C LEU C 83 -14.87 10.72 -2.66
N VAL C 84 -15.34 10.34 -1.47
CA VAL C 84 -14.46 9.93 -0.40
C VAL C 84 -13.75 8.62 -0.76
N ALA C 85 -14.50 7.71 -1.39
CA ALA C 85 -13.95 6.43 -1.82
C ALA C 85 -12.87 6.63 -2.87
N GLN C 86 -13.03 7.67 -3.69
CA GLN C 86 -12.08 7.97 -4.76
C GLN C 86 -10.75 8.50 -4.21
N VAL C 87 -10.85 9.45 -3.27
CA VAL C 87 -9.65 10.09 -2.72
C VAL C 87 -8.94 9.22 -1.69
N LEU C 88 -9.64 8.23 -1.15
CA LEU C 88 -9.06 7.33 -0.16
C LEU C 88 -8.84 5.94 -0.77
N GLU C 89 -8.93 5.87 -2.09
CA GLU C 89 -8.75 4.62 -2.81
C GLU C 89 -7.35 4.04 -2.64
N HIS C 90 -6.33 4.88 -2.79
CA HIS C 90 -4.95 4.44 -2.64
C HIS C 90 -4.62 3.88 -1.25
N LYS C 91 -5.46 4.18 -0.26
CA LYS C 91 -5.23 3.71 1.10
C LYS C 91 -6.13 2.53 1.44
N ALA C 92 -6.69 1.90 0.41
CA ALA C 92 -7.54 0.72 0.57
C ALA C 92 -8.66 0.94 1.59
N ILE C 93 -9.41 2.03 1.42
CA ILE C 93 -10.56 2.27 2.27
C ILE C 93 -11.83 1.97 1.47
N GLY C 94 -12.60 1.00 1.94
CA GLY C 94 -13.79 0.58 1.24
C GLY C 94 -15.08 1.20 1.75
N PHE C 95 -16.03 1.38 0.85
CA PHE C 95 -17.33 1.94 1.19
C PHE C 95 -18.46 1.14 0.58
N VAL C 96 -19.29 0.55 1.43
CA VAL C 96 -20.46 -0.19 0.98
C VAL C 96 -21.71 0.31 1.67
N MET C 97 -22.86 -0.06 1.12
CA MET C 97 -24.14 0.36 1.68
C MET C 97 -24.94 -0.84 2.18
N VAL C 98 -25.55 -0.69 3.35
CA VAL C 98 -26.30 -1.78 3.95
C VAL C 98 -27.76 -1.42 4.14
N ASP C 99 -28.63 -2.07 3.38
CA ASP C 99 -30.07 -1.85 3.51
C ASP C 99 -30.56 -2.44 4.82
N ALA C 100 -31.23 -1.62 5.62
CA ALA C 100 -31.66 -2.04 6.95
C ALA C 100 -32.69 -3.16 6.88
N LYS C 101 -33.46 -3.19 5.78
CA LYS C 101 -34.47 -4.22 5.60
C LYS C 101 -33.95 -5.47 4.90
N LYS C 102 -33.48 -5.31 3.67
CA LYS C 102 -32.99 -6.44 2.87
C LYS C 102 -31.79 -7.17 3.49
N GLU C 103 -31.04 -6.49 4.34
CA GLU C 103 -29.91 -7.12 5.03
C GLU C 103 -30.00 -7.00 6.54
N ALA C 104 -31.22 -7.10 7.05
CA ALA C 104 -31.47 -6.94 8.48
C ALA C 104 -30.70 -7.98 9.31
N LYS C 105 -30.44 -9.15 8.73
CA LYS C 105 -29.79 -10.23 9.48
C LYS C 105 -28.30 -9.98 9.62
N LEU C 106 -27.67 -9.47 8.56
CA LEU C 106 -26.27 -9.08 8.62
C LEU C 106 -26.11 -7.92 9.58
N ALA C 107 -27.05 -6.99 9.51
CA ALA C 107 -27.05 -5.80 10.35
C ALA C 107 -27.16 -6.17 11.82
N LYS C 108 -27.96 -7.18 12.10
CA LYS C 108 -28.12 -7.69 13.45
C LYS C 108 -26.85 -8.37 13.93
N LYS C 109 -26.16 -9.01 12.99
CA LYS C 109 -24.93 -9.73 13.30
C LYS C 109 -23.81 -8.75 13.64
N LEU C 110 -23.76 -7.65 12.89
CA LEU C 110 -22.70 -6.65 13.05
C LEU C 110 -23.04 -5.65 14.15
N GLY C 111 -24.30 -5.65 14.58
CA GLY C 111 -24.73 -4.77 15.65
C GLY C 111 -25.14 -3.38 15.18
N PHE C 112 -25.52 -3.27 13.91
CA PHE C 112 -25.98 -2.00 13.37
C PHE C 112 -27.44 -1.82 13.82
N ASP C 113 -27.73 -0.68 14.47
CA ASP C 113 -29.08 -0.40 14.91
C ASP C 113 -29.52 1.07 14.73
N GLU C 114 -28.58 1.93 14.35
CA GLU C 114 -28.87 3.34 14.10
C GLU C 114 -28.98 3.72 12.62
N GLU C 115 -30.11 4.16 12.16
CA GLU C 115 -30.33 4.54 10.79
C GLU C 115 -29.65 5.85 10.43
N GLY C 116 -28.88 5.87 9.37
CA GLY C 116 -28.17 7.06 8.93
C GLY C 116 -26.73 7.14 9.40
N SER C 117 -26.33 6.18 10.22
CA SER C 117 -24.97 6.13 10.76
C SER C 117 -24.00 5.37 9.86
N LEU C 118 -22.76 5.85 9.81
CA LEU C 118 -21.72 5.17 9.05
C LEU C 118 -20.82 4.36 9.99
N TYR C 119 -20.89 3.04 9.88
CA TYR C 119 -20.09 2.16 10.72
C TYR C 119 -18.78 1.77 10.04
N ILE C 120 -17.68 1.86 10.78
CA ILE C 120 -16.37 1.53 10.26
C ILE C 120 -15.77 0.32 10.97
N LEU C 121 -15.42 -0.71 10.20
CA LEU C 121 -14.81 -1.90 10.75
C LEU C 121 -13.29 -1.82 10.69
N LYS C 122 -12.67 -1.67 11.86
CA LYS C 122 -11.21 -1.61 11.95
C LYS C 122 -10.72 -2.80 12.78
N GLY C 123 -10.29 -3.85 12.09
CA GLY C 123 -9.92 -5.09 12.73
C GLY C 123 -11.13 -5.77 13.35
N ASP C 124 -11.08 -6.04 14.65
CA ASP C 124 -12.24 -6.61 15.35
C ASP C 124 -13.21 -5.54 15.83
N ARG C 125 -12.83 -4.27 15.68
CA ARG C 125 -13.60 -3.18 16.29
C ARG C 125 -14.55 -2.48 15.31
N THR C 126 -15.62 -1.92 15.86
CA THR C 126 -16.61 -1.19 15.09
C THR C 126 -16.74 0.25 15.60
N ILE C 127 -16.43 1.21 14.72
CA ILE C 127 -16.52 2.63 15.07
C ILE C 127 -17.65 3.30 14.29
N GLU C 128 -18.47 4.07 15.01
CA GLU C 128 -19.60 4.75 14.38
C GLU C 128 -19.27 6.21 14.06
N PHE C 129 -19.54 6.61 12.83
CA PHE C 129 -19.48 8.01 12.44
C PHE C 129 -20.90 8.58 12.39
N ASP C 130 -21.12 9.66 13.13
CA ASP C 130 -22.45 10.26 13.21
C ASP C 130 -22.35 11.78 13.24
N GLY C 131 -21.78 12.34 12.19
CA GLY C 131 -21.58 13.78 12.11
C GLY C 131 -21.92 14.33 10.74
N GLU C 132 -21.37 15.51 10.43
CA GLU C 132 -21.60 16.18 9.17
C GLU C 132 -21.19 15.29 8.00
N PHE C 133 -22.16 14.93 7.16
CA PHE C 133 -21.92 14.02 6.04
C PHE C 133 -21.34 14.77 4.85
N ALA C 134 -20.09 15.22 5.00
CA ALA C 134 -19.39 15.92 3.93
C ALA C 134 -18.09 15.19 3.59
N ALA C 135 -17.62 15.39 2.37
CA ALA C 135 -16.42 14.70 1.90
C ALA C 135 -15.19 15.04 2.72
N ASP C 136 -14.97 16.33 2.94
CA ASP C 136 -13.78 16.78 3.66
C ASP C 136 -13.82 16.37 5.13
N VAL C 137 -15.01 16.40 5.72
CA VAL C 137 -15.18 15.99 7.10
C VAL C 137 -14.91 14.50 7.27
N LEU C 138 -15.44 13.70 6.35
CA LEU C 138 -15.27 12.25 6.39
C LEU C 138 -13.81 11.85 6.20
N VAL C 139 -13.16 12.47 5.21
CA VAL C 139 -11.76 12.14 4.91
C VAL C 139 -10.83 12.43 6.08
N GLU C 140 -10.97 13.62 6.66
CA GLU C 140 -10.18 13.98 7.79
C GLU C 140 -10.37 13.07 8.97
N PHE C 141 -11.59 12.68 9.19
CA PHE C 141 -11.97 11.77 10.26
C PHE C 141 -11.35 10.38 10.03
N LEU C 142 -11.48 9.86 8.82
CA LEU C 142 -11.00 8.52 8.50
C LEU C 142 -9.48 8.43 8.50
N LEU C 143 -8.82 9.51 8.10
CA LEU C 143 -7.36 9.56 8.08
C LEU C 143 -6.77 9.37 9.48
N ASP C 144 -7.44 9.92 10.48
CA ASP C 144 -7.02 9.76 11.87
C ASP C 144 -7.36 8.36 12.38
N LEU C 145 -8.45 7.81 11.88
CA LEU C 145 -8.93 6.50 12.32
C LEU C 145 -8.01 5.39 11.81
N ILE C 146 -7.37 5.62 10.67
CA ILE C 146 -6.44 4.67 10.08
C ILE C 146 -5.24 4.44 11.00
N GLU C 147 -4.72 5.53 11.56
CA GLU C 147 -3.51 5.47 12.38
C GLU C 147 -3.73 4.76 13.71
N ASP C 148 -2.64 4.47 14.40
CA ASP C 148 -2.69 3.87 15.73
C ASP C 148 -3.29 4.86 16.72
N PRO C 149 -4.19 4.37 17.60
CA PRO C 149 -4.91 5.23 18.54
C PRO C 149 -4.04 5.89 19.62
N VAL C 150 -2.96 5.22 20.01
CA VAL C 150 -2.12 5.72 21.11
C VAL C 150 -0.88 6.45 20.62
N GLU C 151 -0.71 7.69 21.07
CA GLU C 151 0.49 8.47 20.78
C GLU C 151 1.47 8.36 21.94
N ILE C 152 2.75 8.17 21.61
CA ILE C 152 3.79 8.08 22.63
C ILE C 152 4.38 9.45 22.94
N ILE C 153 4.32 9.84 24.21
CA ILE C 153 4.83 11.13 24.65
C ILE C 153 6.20 10.97 25.31
N SER C 154 7.23 11.50 24.67
CA SER C 154 8.59 11.33 25.17
C SER C 154 9.35 12.64 25.31
N SER C 155 9.41 13.41 24.22
CA SER C 155 10.20 14.64 24.19
C SER C 155 9.53 15.78 24.97
N LYS C 156 10.30 16.84 25.19
CA LYS C 156 9.81 18.03 25.88
C LYS C 156 8.64 18.66 25.12
N LEU C 157 8.75 18.72 23.80
CA LEU C 157 7.72 19.33 22.97
C LEU C 157 6.47 18.47 22.90
N GLU C 158 6.65 17.15 23.02
CA GLU C 158 5.52 16.22 23.02
C GLU C 158 4.73 16.32 24.31
N VAL C 159 5.43 16.51 25.42
CA VAL C 159 4.78 16.75 26.71
C VAL C 159 3.99 18.04 26.61
N GLN C 160 4.62 19.06 26.03
CA GLN C 160 3.97 20.35 25.80
C GLN C 160 2.76 20.21 24.90
N ALA C 161 2.87 19.34 23.89
CA ALA C 161 1.78 19.08 22.96
C ALA C 161 0.57 18.48 23.66
N PHE C 162 0.83 17.52 24.55
CA PHE C 162 -0.23 16.86 25.31
C PHE C 162 -0.94 17.83 26.24
N GLU C 163 -0.17 18.68 26.90
CA GLU C 163 -0.68 19.61 27.89
C GLU C 163 -1.60 20.68 27.28
N ARG C 164 -1.37 20.99 26.00
CA ARG C 164 -2.11 22.06 25.35
C ARG C 164 -3.45 21.58 24.77
N ILE C 165 -3.71 20.27 24.89
CA ILE C 165 -5.00 19.71 24.53
C ILE C 165 -6.05 20.05 25.59
N GLU C 166 -7.07 20.80 25.20
CA GLU C 166 -8.01 21.37 26.18
C GLU C 166 -9.45 20.89 26.00
N ASP C 167 -9.92 20.83 24.75
CA ASP C 167 -11.33 20.53 24.49
C ASP C 167 -11.59 19.07 24.16
N TYR C 168 -10.55 18.24 24.22
CA TYR C 168 -10.70 16.81 24.02
C TYR C 168 -10.56 16.05 25.33
N ILE C 169 -11.35 14.99 25.49
CA ILE C 169 -11.11 14.05 26.58
C ILE C 169 -9.82 13.32 26.29
N LYS C 170 -8.88 13.35 27.24
CA LYS C 170 -7.58 12.73 27.02
C LYS C 170 -7.13 11.91 28.23
N LEU C 171 -6.45 10.80 27.95
CA LEU C 171 -5.92 9.93 28.98
C LEU C 171 -4.44 9.69 28.73
N ILE C 172 -3.65 9.66 29.80
CA ILE C 172 -2.23 9.34 29.67
C ILE C 172 -1.79 8.36 30.76
N GLY C 173 -0.99 7.38 30.37
CA GLY C 173 -0.51 6.37 31.30
C GLY C 173 0.99 6.20 31.25
N PHE C 174 1.58 5.84 32.37
CA PHE C 174 3.02 5.59 32.47
C PHE C 174 3.27 4.10 32.60
N PHE C 175 3.97 3.53 31.62
CA PHE C 175 4.22 2.09 31.61
C PHE C 175 5.73 1.82 31.46
N LYS C 176 6.14 0.56 31.65
CA LYS C 176 7.54 0.21 31.55
C LYS C 176 8.00 0.24 30.10
N SER C 177 7.14 -0.28 29.22
CA SER C 177 7.44 -0.36 27.79
C SER C 177 6.22 -0.76 26.97
N GLU C 178 6.43 -0.86 25.66
CA GLU C 178 5.40 -1.25 24.71
C GLU C 178 5.06 -2.73 24.85
N ASP C 179 5.94 -3.48 25.53
CA ASP C 179 5.77 -4.92 25.68
C ASP C 179 4.95 -5.25 26.92
N SER C 180 4.77 -4.27 27.79
CA SER C 180 3.97 -4.44 29.00
C SER C 180 2.51 -4.76 28.69
N GLU C 181 1.96 -5.76 29.38
CA GLU C 181 0.57 -6.14 29.22
C GLU C 181 -0.37 -5.02 29.68
N TYR C 182 0.13 -4.21 30.61
CA TYR C 182 -0.65 -3.10 31.12
C TYR C 182 -0.78 -1.99 30.09
N TYR C 183 0.25 -1.84 29.26
CA TYR C 183 0.18 -0.92 28.13
C TYR C 183 -0.77 -1.46 27.06
N LYS C 184 -0.69 -2.76 26.82
CA LYS C 184 -1.50 -3.41 25.80
C LYS C 184 -2.98 -3.32 26.15
N ALA C 185 -3.29 -3.41 27.43
CA ALA C 185 -4.65 -3.25 27.90
C ALA C 185 -5.11 -1.81 27.69
N PHE C 186 -4.19 -0.88 27.93
CA PHE C 186 -4.46 0.54 27.71
C PHE C 186 -4.64 0.86 26.23
N GLU C 187 -3.82 0.23 25.40
CA GLU C 187 -3.90 0.41 23.95
C GLU C 187 -5.19 -0.15 23.38
N GLU C 188 -5.58 -1.33 23.84
CA GLU C 188 -6.81 -1.97 23.36
C GLU C 188 -8.04 -1.16 23.78
N ALA C 189 -7.99 -0.59 24.99
CA ALA C 189 -9.07 0.24 25.50
C ALA C 189 -9.21 1.50 24.66
N ALA C 190 -8.08 1.99 24.15
CA ALA C 190 -8.06 3.18 23.30
C ALA C 190 -8.80 2.94 21.99
N GLU C 191 -8.79 1.68 21.55
CA GLU C 191 -9.41 1.30 20.28
C GLU C 191 -10.93 1.43 20.33
N HIS C 192 -11.49 1.38 21.54
CA HIS C 192 -12.92 1.51 21.74
C HIS C 192 -13.42 2.91 21.39
N PHE C 193 -12.60 3.91 21.68
CA PHE C 193 -13.03 5.31 21.61
C PHE C 193 -12.36 6.11 20.51
N GLN C 194 -11.62 5.43 19.64
CA GLN C 194 -10.92 6.11 18.55
C GLN C 194 -11.90 6.61 17.50
N PRO C 195 -11.68 7.83 16.98
CA PRO C 195 -10.68 8.81 17.41
C PRO C 195 -11.28 9.96 18.21
N TYR C 196 -12.34 9.69 18.95
CA TYR C 196 -13.05 10.74 19.67
C TYR C 196 -12.36 11.09 20.98
N ILE C 197 -11.76 10.10 21.61
CA ILE C 197 -11.05 10.31 22.87
C ILE C 197 -9.58 9.99 22.71
N LYS C 198 -8.72 10.92 23.11
CA LYS C 198 -7.29 10.82 22.85
C LYS C 198 -6.56 10.06 23.94
N PHE C 199 -5.85 9.00 23.55
CA PHE C 199 -5.07 8.22 24.50
C PHE C 199 -3.58 8.42 24.28
N PHE C 200 -2.84 8.60 25.37
CA PHE C 200 -1.40 8.80 25.31
C PHE C 200 -0.67 7.89 26.28
N ALA C 201 0.59 7.58 25.98
CA ALA C 201 1.38 6.72 26.85
C ALA C 201 2.84 7.17 26.86
N THR C 202 3.49 7.02 28.02
CA THR C 202 4.90 7.35 28.15
C THR C 202 5.66 6.23 28.86
N PHE C 203 6.94 6.06 28.51
CA PHE C 203 7.77 5.04 29.15
C PHE C 203 8.97 5.69 29.85
N ASP C 204 8.95 7.00 29.96
CA ASP C 204 10.03 7.78 30.55
C ASP C 204 9.67 8.23 31.95
N LYS C 205 10.58 8.06 32.91
CA LYS C 205 10.31 8.46 34.30
C LYS C 205 10.33 9.98 34.41
N GLY C 206 11.08 10.62 33.52
CA GLY C 206 11.11 12.07 33.43
C GLY C 206 9.75 12.68 33.09
N VAL C 207 9.08 12.11 32.10
CA VAL C 207 7.75 12.57 31.71
C VAL C 207 6.74 12.27 32.81
N ALA C 208 6.86 11.09 33.41
CA ALA C 208 5.94 10.65 34.45
C ALA C 208 6.02 11.54 35.69
N LYS C 209 7.23 12.00 36.01
CA LYS C 209 7.44 12.86 37.16
C LYS C 209 6.86 14.25 36.90
N LYS C 210 7.01 14.73 35.68
CA LYS C 210 6.44 16.02 35.29
C LYS C 210 4.91 15.98 35.31
N LEU C 211 4.36 14.85 34.88
CA LEU C 211 2.91 14.69 34.82
C LEU C 211 2.38 13.98 36.07
N SER C 212 3.25 13.81 37.05
CA SER C 212 2.90 13.19 38.32
C SER C 212 2.24 11.82 38.14
N LEU C 213 2.81 11.01 37.27
CA LEU C 213 2.29 9.66 37.01
C LEU C 213 3.15 8.59 37.64
N LYS C 214 2.51 7.70 38.39
CA LYS C 214 3.18 6.53 38.94
C LYS C 214 3.12 5.40 37.93
N MET C 215 3.87 4.35 38.12
CA MET C 215 3.93 3.28 37.17
C MET C 215 2.58 2.60 37.04
N ASN C 216 2.15 2.40 35.80
CA ASN C 216 0.85 1.81 35.43
C ASN C 216 -0.34 2.67 35.87
N GLU C 217 -0.08 3.90 36.28
CA GLU C 217 -1.14 4.85 36.61
C GLU C 217 -1.64 5.56 35.35
N VAL C 218 -2.94 5.75 35.26
CA VAL C 218 -3.52 6.47 34.13
C VAL C 218 -4.35 7.64 34.64
N ASP C 219 -4.08 8.83 34.11
CA ASP C 219 -4.81 10.02 34.50
C ASP C 219 -5.88 10.36 33.47
N PHE C 220 -7.06 10.72 33.96
CA PHE C 220 -8.19 11.05 33.11
C PHE C 220 -8.43 12.56 33.15
N TYR C 221 -8.30 13.20 31.99
CA TYR C 221 -8.50 14.65 31.90
C TYR C 221 -9.84 14.98 31.28
N GLU C 222 -10.76 15.51 32.09
CA GLU C 222 -12.00 16.05 31.58
C GLU C 222 -11.69 17.40 30.93
N PRO C 223 -12.29 17.66 29.76
CA PRO C 223 -12.09 18.92 29.03
C PRO C 223 -12.29 20.16 29.90
N PHE C 224 -11.38 21.12 29.77
CA PHE C 224 -11.46 22.43 30.41
C PHE C 224 -11.27 22.38 31.93
N MET C 225 -10.94 21.20 32.45
CA MET C 225 -10.65 21.06 33.87
C MET C 225 -9.16 21.28 34.12
N ASP C 226 -8.83 21.79 35.29
CA ASP C 226 -7.44 22.07 35.64
C ASP C 226 -6.73 20.81 36.10
N GLU C 227 -7.46 19.93 36.76
CA GLU C 227 -6.84 18.74 37.35
C GLU C 227 -7.41 17.44 36.78
N PRO C 228 -6.53 16.46 36.49
CA PRO C 228 -6.98 15.15 36.01
C PRO C 228 -7.50 14.27 37.15
N ILE C 229 -8.13 13.16 36.81
CA ILE C 229 -8.56 12.18 37.80
C ILE C 229 -7.76 10.90 37.64
N ALA C 230 -7.03 10.53 38.68
CA ALA C 230 -6.27 9.28 38.65
C ALA C 230 -7.26 8.12 38.74
N ILE C 231 -7.30 7.30 37.69
CA ILE C 231 -8.20 6.15 37.66
C ILE C 231 -7.82 5.15 38.75
N PRO C 232 -8.77 4.86 39.65
CA PRO C 232 -8.52 4.01 40.81
C PRO C 232 -8.22 2.57 40.42
N ASN C 233 -7.57 1.85 41.34
CA ASN C 233 -7.32 0.43 41.21
C ASN C 233 -6.40 0.09 40.05
N LYS C 234 -5.24 0.70 40.00
CA LYS C 234 -4.23 0.33 39.01
C LYS C 234 -3.55 -0.95 39.46
N PRO C 235 -3.03 -1.76 38.52
CA PRO C 235 -3.07 -1.56 37.08
C PRO C 235 -4.46 -1.84 36.53
N TYR C 236 -4.68 -1.56 35.26
CA TYR C 236 -6.03 -1.69 34.70
C TYR C 236 -6.07 -2.75 33.63
N THR C 237 -7.18 -3.46 33.57
CA THR C 237 -7.46 -4.33 32.45
C THR C 237 -8.13 -3.47 31.39
N GLU C 238 -8.38 -4.05 30.22
CA GLU C 238 -9.07 -3.31 29.16
C GLU C 238 -10.45 -2.88 29.64
N GLU C 239 -11.11 -3.78 30.37
CA GLU C 239 -12.47 -3.56 30.84
C GLU C 239 -12.57 -2.42 31.85
N GLU C 240 -11.59 -2.32 32.74
CA GLU C 240 -11.59 -1.26 33.76
C GLU C 240 -11.52 0.13 33.13
N LEU C 241 -10.64 0.28 32.15
CA LEU C 241 -10.45 1.57 31.48
C LEU C 241 -11.67 1.95 30.67
N VAL C 242 -12.20 0.99 29.91
CA VAL C 242 -13.39 1.21 29.10
C VAL C 242 -14.57 1.62 29.97
N GLU C 243 -14.72 0.95 31.09
CA GLU C 243 -15.84 1.26 31.90
C GLU C 243 -15.71 2.57 32.67
N PHE C 244 -14.52 2.94 33.09
CA PHE C 244 -14.30 4.24 33.73
C PHE C 244 -14.60 5.40 32.77
N VAL C 245 -14.10 5.28 31.55
CA VAL C 245 -14.32 6.30 30.53
C VAL C 245 -15.81 6.46 30.23
N LYS C 246 -16.50 5.33 30.11
CA LYS C 246 -17.94 5.32 29.86
C LYS C 246 -18.72 6.04 30.96
N GLU C 247 -18.22 5.94 32.19
CA GLU C 247 -18.87 6.57 33.34
C GLU C 247 -18.60 8.08 33.37
N HIS C 248 -17.56 8.51 32.66
CA HIS C 248 -17.17 9.90 32.64
C HIS C 248 -17.10 10.45 31.21
N GLN C 249 -17.93 9.92 30.32
CA GLN C 249 -17.81 10.22 28.90
C GLN C 249 -18.56 11.48 28.46
N ARG C 250 -19.40 12.01 29.35
CA ARG C 250 -20.09 13.26 29.03
C ARG C 250 -19.58 14.40 29.92
N PRO C 251 -18.70 15.24 29.36
CA PRO C 251 -18.10 16.39 30.04
C PRO C 251 -19.11 17.47 30.43
N THR C 252 -18.82 18.18 31.51
CA THR C 252 -19.66 19.30 31.94
C THR C 252 -19.70 20.38 30.86
N LEU C 253 -18.55 20.61 30.24
CA LEU C 253 -18.47 21.52 29.10
C LEU C 253 -17.87 20.81 27.90
N ARG C 254 -18.71 20.54 26.90
CA ARG C 254 -18.26 19.82 25.71
C ARG C 254 -18.48 20.63 24.44
N ARG C 255 -17.54 20.49 23.50
CA ARG C 255 -17.58 21.23 22.25
C ARG C 255 -18.31 20.46 21.16
N LEU C 256 -19.14 21.16 20.39
CA LEU C 256 -19.82 20.56 19.25
C LEU C 256 -18.88 20.51 18.05
N ARG C 257 -18.54 19.30 17.61
CA ARG C 257 -17.65 19.12 16.48
C ARG C 257 -18.44 18.63 15.26
N PRO C 258 -18.08 19.12 14.06
CA PRO C 258 -18.74 18.73 12.82
C PRO C 258 -18.80 17.21 12.62
N GLU C 259 -17.73 16.52 12.99
CA GLU C 259 -17.65 15.07 12.80
C GLU C 259 -18.35 14.31 13.93
N GLU C 260 -18.85 15.03 14.93
CA GLU C 260 -19.52 14.41 16.07
C GLU C 260 -20.87 15.04 16.38
N MET C 261 -21.28 15.99 15.54
CA MET C 261 -22.39 16.88 15.88
C MET C 261 -23.71 16.17 16.19
N PHE C 262 -24.07 15.17 15.40
CA PHE C 262 -25.33 14.46 15.61
C PHE C 262 -25.23 13.46 16.76
N GLU C 263 -24.07 12.84 16.92
CA GLU C 263 -23.82 11.97 18.06
C GLU C 263 -23.99 12.75 19.35
N THR C 264 -23.43 13.95 19.38
CA THR C 264 -23.50 14.81 20.55
C THR C 264 -24.90 15.37 20.77
N TRP C 265 -25.54 15.81 19.69
CA TRP C 265 -26.86 16.44 19.78
C TRP C 265 -27.94 15.44 20.22
N GLU C 266 -27.80 14.20 19.79
CA GLU C 266 -28.76 13.15 20.16
C GLU C 266 -28.54 12.70 21.59
N ASP C 267 -27.43 13.12 22.19
CA ASP C 267 -27.15 12.81 23.59
C ASP C 267 -27.66 13.93 24.48
N ASP C 268 -28.96 14.22 24.37
CA ASP C 268 -29.60 15.27 25.13
C ASP C 268 -30.00 14.83 26.54
N LEU C 269 -30.13 15.80 27.43
CA LEU C 269 -30.61 15.54 28.79
C LEU C 269 -32.00 16.14 29.00
N ASN C 270 -32.99 15.28 29.15
CA ASN C 270 -34.39 15.68 29.31
C ASN C 270 -34.92 16.54 28.17
N GLY C 271 -34.50 16.23 26.96
CA GLY C 271 -35.02 16.88 25.77
C GLY C 271 -34.45 18.25 25.49
N ILE C 272 -33.47 18.66 26.28
CA ILE C 272 -32.87 19.99 26.10
C ILE C 272 -31.35 19.97 26.08
N HIS C 273 -30.78 20.93 25.38
CA HIS C 273 -29.35 21.22 25.43
C HIS C 273 -29.13 22.64 25.91
N ILE C 274 -28.19 22.82 26.84
CA ILE C 274 -27.76 24.17 27.18
C ILE C 274 -26.68 24.56 26.20
N VAL C 275 -27.07 25.42 25.25
CA VAL C 275 -26.21 25.75 24.12
C VAL C 275 -25.54 27.10 24.31
N ALA C 276 -24.21 27.12 24.18
CA ALA C 276 -23.46 28.36 24.30
C ALA C 276 -22.64 28.62 23.04
N PHE C 277 -22.96 29.71 22.37
CA PHE C 277 -22.22 30.12 21.18
C PHE C 277 -21.05 31.01 21.57
N ALA C 278 -19.86 30.66 21.09
CA ALA C 278 -18.67 31.43 21.40
C ALA C 278 -17.63 31.30 20.28
N GLU C 279 -17.42 32.40 19.57
CA GLU C 279 -16.38 32.45 18.53
C GLU C 279 -15.04 32.71 19.18
N LYS C 280 -14.23 31.66 19.30
CA LYS C 280 -12.99 31.72 20.06
C LYS C 280 -11.98 32.70 19.47
N SER C 281 -12.01 32.86 18.15
CA SER C 281 -11.13 33.81 17.48
C SER C 281 -11.50 35.24 17.83
N ASP C 282 -12.76 35.43 18.21
CA ASP C 282 -13.24 36.73 18.67
C ASP C 282 -12.93 36.89 20.16
N PRO C 283 -12.26 37.99 20.52
CA PRO C 283 -11.88 38.26 21.92
C PRO C 283 -13.06 38.24 22.88
N ASP C 284 -14.24 38.66 22.41
CA ASP C 284 -15.44 38.62 23.24
C ASP C 284 -15.93 37.19 23.39
N GLY C 285 -15.81 36.40 22.34
CA GLY C 285 -16.18 35.00 22.39
C GLY C 285 -15.23 34.23 23.27
N TYR C 286 -13.95 34.54 23.14
CA TYR C 286 -12.92 33.97 24.00
C TYR C 286 -13.18 34.33 25.45
N GLU C 287 -13.55 35.59 25.67
CA GLU C 287 -13.88 36.11 27.00
C GLU C 287 -14.97 35.28 27.66
N PHE C 288 -16.06 35.08 26.94
CA PHE C 288 -17.22 34.36 27.45
C PHE C 288 -16.90 32.89 27.69
N LEU C 289 -16.06 32.31 26.85
CA LEU C 289 -15.69 30.91 26.97
C LEU C 289 -14.90 30.66 28.26
N GLU C 290 -14.02 31.59 28.60
CA GLU C 290 -13.23 31.49 29.82
C GLU C 290 -14.11 31.53 31.05
N ILE C 291 -15.15 32.36 31.00
CA ILE C 291 -16.11 32.45 32.08
C ILE C 291 -16.91 31.15 32.20
N LEU C 292 -17.29 30.60 31.07
CA LEU C 292 -17.93 29.33 31.00
C LEU C 292 -17.11 28.20 31.60
N LYS C 293 -15.81 28.19 31.39
CA LYS C 293 -14.89 27.21 31.97
C LYS C 293 -14.93 27.30 33.50
N GLN C 294 -15.00 28.53 34.01
CA GLN C 294 -15.06 28.75 35.45
C GLN C 294 -16.34 28.17 36.05
N VAL C 295 -17.45 28.37 35.35
CA VAL C 295 -18.73 27.80 35.76
C VAL C 295 -18.68 26.28 35.70
N ALA C 296 -18.06 25.75 34.63
CA ALA C 296 -17.94 24.32 34.44
C ALA C 296 -17.10 23.66 35.53
N ARG C 297 -15.98 24.28 35.89
CA ARG C 297 -15.11 23.73 36.91
C ARG C 297 -15.79 23.72 38.28
N ASP C 298 -16.58 24.75 38.54
CA ASP C 298 -17.25 24.90 39.83
C ASP C 298 -18.44 23.93 39.97
N ASN C 299 -18.97 23.47 38.85
CA ASN C 299 -20.13 22.59 38.85
C ASN C 299 -19.86 21.31 38.06
N THR C 300 -18.62 20.85 38.07
CA THR C 300 -18.21 19.70 37.28
C THR C 300 -18.77 18.38 37.80
N ASP C 301 -19.22 18.37 39.04
CA ASP C 301 -19.73 17.15 39.65
C ASP C 301 -21.25 17.04 39.56
N ASN C 302 -21.88 17.98 38.87
CA ASN C 302 -23.32 17.93 38.64
C ASN C 302 -23.64 17.08 37.42
N PRO C 303 -24.26 15.91 37.64
CA PRO C 303 -24.56 14.97 36.57
C PRO C 303 -25.69 15.43 35.64
N ASP C 304 -26.43 16.44 36.07
CA ASP C 304 -27.53 16.96 35.29
C ASP C 304 -27.08 18.12 34.41
N LEU C 305 -25.81 18.48 34.52
CA LEU C 305 -25.27 19.61 33.78
C LEU C 305 -24.27 19.21 32.70
N SER C 306 -24.58 19.57 31.47
CA SER C 306 -23.65 19.40 30.35
C SER C 306 -23.84 20.55 29.37
N ILE C 307 -22.86 21.46 29.32
CA ILE C 307 -22.97 22.63 28.46
C ILE C 307 -22.35 22.36 27.09
N LEU C 308 -23.11 22.66 26.05
CA LEU C 308 -22.64 22.45 24.68
C LEU C 308 -22.08 23.73 24.09
N TRP C 309 -20.76 23.77 23.92
CA TRP C 309 -20.10 24.92 23.31
C TRP C 309 -20.08 24.78 21.80
N ILE C 310 -20.67 25.76 21.12
CA ILE C 310 -20.65 25.80 19.65
C ILE C 310 -19.90 27.01 19.14
N ASP C 311 -18.80 26.77 18.44
CA ASP C 311 -18.08 27.84 17.75
C ASP C 311 -18.69 28.01 16.36
N PRO C 312 -19.29 29.18 16.11
CA PRO C 312 -19.95 29.49 14.82
C PRO C 312 -19.03 29.32 13.62
N ASP C 313 -17.72 29.42 13.83
CA ASP C 313 -16.76 29.27 12.76
C ASP C 313 -16.66 27.82 12.28
N ASP C 314 -17.11 26.89 13.12
CA ASP C 314 -17.09 25.48 12.76
C ASP C 314 -18.35 25.09 11.99
N PHE C 315 -19.37 25.93 12.06
CA PHE C 315 -20.61 25.68 11.34
C PHE C 315 -21.15 26.96 10.70
N PRO C 316 -20.42 27.51 9.71
CA PRO C 316 -20.82 28.77 9.06
C PRO C 316 -22.14 28.67 8.30
N LEU C 317 -22.46 27.48 7.79
CA LEU C 317 -23.66 27.30 6.99
C LEU C 317 -24.90 27.12 7.86
N LEU C 318 -24.71 27.13 9.18
CA LEU C 318 -25.82 26.99 10.12
C LEU C 318 -26.10 28.29 10.85
N VAL C 319 -25.28 29.31 10.58
CA VAL C 319 -25.40 30.60 11.23
C VAL C 319 -26.75 31.26 10.94
N ALA C 320 -27.12 31.29 9.67
CA ALA C 320 -28.39 31.90 9.25
C ALA C 320 -29.58 31.18 9.87
N TYR C 321 -29.51 29.85 9.89
CA TYR C 321 -30.57 29.04 10.50
C TYR C 321 -30.68 29.33 11.98
N TRP C 322 -29.53 29.42 12.66
CA TRP C 322 -29.50 29.67 14.09
C TRP C 322 -30.02 31.06 14.45
N GLU C 323 -29.62 32.06 13.68
CA GLU C 323 -30.03 33.43 13.95
C GLU C 323 -31.53 33.62 13.70
N LYS C 324 -32.06 32.91 12.73
CA LYS C 324 -33.49 33.01 12.42
C LYS C 324 -34.33 32.23 13.41
N THR C 325 -33.88 31.02 13.75
CA THR C 325 -34.63 30.14 14.65
C THR C 325 -34.55 30.59 16.11
N PHE C 326 -33.37 31.02 16.54
CA PHE C 326 -33.14 31.35 17.94
C PHE C 326 -33.30 32.83 18.24
N LYS C 327 -33.43 33.64 17.18
CA LYS C 327 -33.61 35.09 17.32
C LYS C 327 -32.45 35.74 18.08
N ILE C 328 -31.22 35.41 17.70
CA ILE C 328 -30.04 35.95 18.38
C ILE C 328 -28.99 36.46 17.40
N ASP C 329 -28.06 37.27 17.91
CA ASP C 329 -26.96 37.79 17.12
C ASP C 329 -25.69 37.00 17.41
N LEU C 330 -25.25 36.21 16.44
CA LEU C 330 -24.09 35.34 16.64
C LEU C 330 -22.77 36.07 16.44
N PHE C 331 -22.82 37.38 16.27
CA PHE C 331 -21.62 38.20 16.28
C PHE C 331 -21.14 38.41 17.71
N ARG C 332 -22.00 38.06 18.65
CA ARG C 332 -21.68 38.14 20.07
C ARG C 332 -21.88 36.77 20.73
N PRO C 333 -21.18 36.52 21.84
CA PRO C 333 -21.40 35.26 22.57
C PRO C 333 -22.80 35.15 23.15
N GLN C 334 -23.40 33.98 23.06
CA GLN C 334 -24.75 33.74 23.57
C GLN C 334 -24.82 32.43 24.33
N ILE C 335 -25.76 32.31 25.26
CA ILE C 335 -26.02 31.05 25.93
C ILE C 335 -27.51 30.88 26.21
N GLY C 336 -28.02 29.67 25.98
CA GLY C 336 -29.43 29.40 26.15
C GLY C 336 -29.76 27.92 26.18
N VAL C 337 -31.03 27.62 26.39
CA VAL C 337 -31.50 26.23 26.44
C VAL C 337 -32.36 25.92 25.22
N VAL C 338 -31.96 24.91 24.46
CA VAL C 338 -32.64 24.55 23.22
C VAL C 338 -33.36 23.22 23.34
N ASN C 339 -34.64 23.22 23.01
CA ASN C 339 -35.46 22.02 23.06
C ASN C 339 -35.29 21.22 21.77
N VAL C 340 -34.85 19.97 21.92
CA VAL C 340 -34.43 19.16 20.78
C VAL C 340 -35.59 18.64 19.94
N THR C 341 -36.82 18.79 20.43
CA THR C 341 -37.98 18.28 19.67
C THR C 341 -38.41 19.23 18.56
N ASP C 342 -38.62 20.51 18.90
CA ASP C 342 -39.11 21.47 17.93
C ASP C 342 -38.13 22.61 17.69
N ALA C 343 -36.91 22.48 18.21
CA ALA C 343 -35.88 23.51 18.09
C ALA C 343 -36.33 24.85 18.66
N ASP C 344 -36.88 24.82 19.87
CA ASP C 344 -37.40 26.02 20.50
C ASP C 344 -36.51 26.35 21.69
N SER C 345 -36.33 27.65 21.94
CA SER C 345 -35.34 28.06 22.92
C SER C 345 -35.61 29.42 23.58
N VAL C 346 -35.06 29.59 24.76
CA VAL C 346 -35.05 30.88 25.45
C VAL C 346 -33.60 31.18 25.81
N TRP C 347 -33.20 32.44 25.68
CA TRP C 347 -31.79 32.81 25.79
C TRP C 347 -31.50 33.84 26.87
N MET C 348 -30.38 33.64 27.57
CA MET C 348 -29.96 34.58 28.61
C MET C 348 -29.69 35.92 27.97
N GLU C 349 -30.18 36.98 28.62
CA GLU C 349 -30.07 38.31 28.04
C GLU C 349 -28.66 38.88 28.22
N ILE C 350 -27.88 38.85 27.15
CA ILE C 350 -26.55 39.45 27.14
C ILE C 350 -26.46 40.39 25.95
N PRO C 351 -27.07 41.58 26.07
CA PRO C 351 -27.14 42.55 24.98
C PRO C 351 -25.80 43.21 24.71
N ASP C 352 -24.89 43.13 25.70
CA ASP C 352 -23.58 43.74 25.57
C ASP C 352 -22.45 42.79 25.94
N ASP C 353 -21.59 42.48 24.98
CA ASP C 353 -20.46 41.59 25.24
C ASP C 353 -19.28 42.30 25.92
N ASP C 354 -19.48 43.56 26.29
CA ASP C 354 -18.53 44.26 27.16
C ASP C 354 -19.12 44.38 28.56
N ASP C 355 -20.30 43.79 28.73
CA ASP C 355 -20.93 43.68 30.03
C ASP C 355 -21.41 42.23 30.19
N LEU C 356 -20.47 41.30 30.04
CA LEU C 356 -20.77 39.88 30.15
C LEU C 356 -21.18 39.53 31.56
N PRO C 357 -22.04 38.52 31.72
CA PRO C 357 -22.43 38.09 33.07
C PRO C 357 -21.27 37.45 33.81
N THR C 358 -21.25 37.60 35.12
CA THR C 358 -20.21 36.97 35.92
C THR C 358 -20.45 35.47 36.02
N ALA C 359 -19.50 34.76 36.61
CA ALA C 359 -19.63 33.32 36.77
C ALA C 359 -20.85 32.96 37.61
N GLU C 360 -21.09 33.74 38.66
CA GLU C 360 -22.24 33.50 39.53
C GLU C 360 -23.56 33.75 38.82
N GLU C 361 -23.61 34.79 38.00
CA GLU C 361 -24.81 35.12 37.25
C GLU C 361 -25.11 34.03 36.23
N LEU C 362 -24.07 33.42 35.69
CA LEU C 362 -24.22 32.28 34.80
C LEU C 362 -24.76 31.06 35.55
N GLU C 363 -24.22 30.79 36.73
CA GLU C 363 -24.67 29.65 37.53
C GLU C 363 -26.14 29.78 37.91
N ASP C 364 -26.53 30.97 38.36
CA ASP C 364 -27.91 31.23 38.75
C ASP C 364 -28.86 31.03 37.57
N TRP C 365 -28.46 31.50 36.40
CA TRP C 365 -29.26 31.32 35.20
C TRP C 365 -29.33 29.86 34.80
N ILE C 366 -28.20 29.16 34.87
CA ILE C 366 -28.15 27.74 34.54
C ILE C 366 -28.98 26.92 35.52
N GLU C 367 -28.81 27.19 36.81
CA GLU C 367 -29.56 26.52 37.85
C GLU C 367 -31.07 26.68 37.65
N ASP C 368 -31.48 27.86 37.19
CA ASP C 368 -32.90 28.11 36.96
C ASP C 368 -33.41 27.31 35.77
N VAL C 369 -32.51 27.02 34.82
CA VAL C 369 -32.87 26.17 33.69
C VAL C 369 -33.03 24.72 34.15
N LEU C 370 -32.02 24.23 34.85
CA LEU C 370 -32.04 22.88 35.42
C LEU C 370 -33.21 22.64 36.36
N SER C 371 -33.68 23.71 37.01
CA SER C 371 -34.80 23.59 37.94
C SER C 371 -36.13 23.92 37.27
N GLY C 372 -36.08 24.12 35.95
CA GLY C 372 -37.29 24.39 35.19
C GLY C 372 -37.87 25.78 35.41
N LYS C 373 -37.16 26.62 36.15
CA LYS C 373 -37.60 27.99 36.36
C LYS C 373 -37.55 28.73 35.03
N ILE C 374 -36.59 28.39 34.20
CA ILE C 374 -36.56 28.91 32.84
C ILE C 374 -36.73 27.75 31.86
N ASN C 375 -37.89 27.69 31.19
CA ASN C 375 -38.16 26.66 30.21
C ASN C 375 -38.51 27.23 28.83
N THR C 376 -38.87 26.37 27.88
CA THR C 376 -39.07 26.75 26.49
C THR C 376 -40.41 27.19 25.82
N GLU D 24 31.69 -34.83 -8.19
CA GLU D 24 32.14 -36.19 -8.01
C GLU D 24 31.72 -37.09 -9.15
N GLU D 25 30.53 -37.65 -9.02
CA GLU D 25 29.89 -38.49 -10.00
C GLU D 25 28.52 -38.63 -9.41
N GLY D 26 27.49 -38.80 -10.23
CA GLY D 26 26.15 -38.88 -9.73
C GLY D 26 25.37 -37.65 -10.12
N LEU D 27 25.90 -36.87 -11.03
CA LEU D 27 25.18 -35.80 -11.68
C LEU D 27 25.55 -35.61 -13.15
N ASN D 28 25.64 -36.68 -13.93
CA ASN D 28 26.01 -36.61 -15.33
C ASN D 28 24.87 -36.25 -16.28
N PHE D 29 24.90 -35.05 -16.83
CA PHE D 29 23.94 -34.67 -17.87
C PHE D 29 24.21 -35.44 -19.15
N PRO D 30 23.13 -35.92 -19.80
CA PRO D 30 23.27 -36.76 -20.99
C PRO D 30 23.57 -35.94 -22.25
N THR D 31 24.34 -36.53 -23.16
CA THR D 31 24.60 -35.93 -24.46
C THR D 31 24.02 -36.82 -25.54
N TYR D 32 23.59 -36.22 -26.65
CA TYR D 32 23.02 -36.97 -27.76
C TYR D 32 24.04 -37.95 -28.34
N ASP D 33 23.65 -39.23 -28.38
CA ASP D 33 24.58 -40.28 -28.81
C ASP D 33 24.55 -40.53 -30.32
N GLY D 34 23.85 -39.68 -31.06
CA GLY D 34 23.84 -39.77 -32.52
C GLY D 34 22.96 -40.85 -33.17
N LYS D 35 22.35 -41.67 -32.38
CA LYS D 35 21.47 -42.64 -32.93
C LYS D 35 20.20 -41.93 -33.36
N ASP D 36 19.59 -42.38 -34.43
CA ASP D 36 18.37 -41.78 -34.90
C ASP D 36 17.26 -42.46 -34.22
N ARG D 37 16.59 -41.84 -33.27
CA ARG D 37 15.39 -42.52 -32.81
C ARG D 37 14.11 -41.88 -33.37
N VAL D 38 14.23 -40.62 -33.79
CA VAL D 38 13.11 -39.88 -34.36
C VAL D 38 13.21 -39.79 -35.88
N VAL D 39 12.35 -40.53 -36.57
CA VAL D 39 12.33 -40.54 -38.03
C VAL D 39 10.96 -40.11 -38.53
N SER D 40 10.84 -39.87 -39.84
CA SER D 40 9.57 -39.47 -40.42
C SER D 40 8.62 -40.66 -40.61
N LEU D 41 7.37 -40.48 -40.28
CA LEU D 41 6.45 -41.55 -40.35
C LEU D 41 5.40 -41.38 -41.45
N SER D 42 5.11 -42.49 -42.14
CA SER D 42 4.09 -42.55 -43.18
C SER D 42 3.02 -43.49 -42.72
N GLU D 43 1.86 -43.46 -43.33
CA GLU D 43 0.69 -44.09 -42.74
C GLU D 43 0.54 -45.62 -42.74
N LYS D 44 1.26 -46.33 -43.60
CA LYS D 44 1.26 -47.79 -43.64
C LYS D 44 1.87 -48.30 -42.38
N ASN D 45 2.94 -47.65 -42.00
CA ASN D 45 3.73 -48.01 -40.84
C ASN D 45 3.21 -47.42 -39.53
N PHE D 46 2.06 -46.75 -39.56
CA PHE D 46 1.50 -46.13 -38.36
C PHE D 46 1.17 -47.13 -37.26
N LYS D 47 0.26 -48.05 -37.56
CA LYS D 47 -0.18 -49.07 -36.61
C LYS D 47 1.01 -49.94 -36.17
N GLN D 48 1.96 -50.15 -37.08
CA GLN D 48 3.20 -50.83 -36.75
C GLN D 48 4.08 -50.02 -35.79
N VAL D 49 4.05 -48.70 -35.90
CA VAL D 49 4.83 -47.83 -35.01
C VAL D 49 4.10 -47.65 -33.68
N LEU D 50 2.78 -47.51 -33.74
CA LEU D 50 1.97 -47.35 -32.53
C LEU D 50 2.16 -48.54 -31.60
N LYS D 51 2.50 -49.68 -32.19
CA LYS D 51 2.69 -50.93 -31.45
C LYS D 51 3.93 -50.91 -30.56
N LYS D 52 5.01 -50.31 -31.04
CA LYS D 52 6.31 -50.43 -30.38
C LYS D 52 6.44 -49.61 -29.09
N TYR D 53 5.41 -48.86 -28.74
CA TYR D 53 5.55 -47.92 -27.63
C TYR D 53 4.35 -47.86 -26.69
N ASP D 54 4.60 -47.39 -25.47
CA ASP D 54 3.55 -47.08 -24.51
C ASP D 54 2.88 -45.77 -24.90
N LEU D 55 3.70 -44.76 -25.19
CA LEU D 55 3.22 -43.47 -25.68
C LEU D 55 3.89 -43.12 -27.00
N LEU D 56 3.11 -42.62 -27.95
CA LEU D 56 3.65 -42.18 -29.22
C LEU D 56 3.47 -40.69 -29.40
N CYS D 57 4.59 -39.98 -29.53
CA CYS D 57 4.56 -38.53 -29.71
C CYS D 57 4.80 -38.21 -31.18
N LEU D 58 3.85 -37.51 -31.78
CA LEU D 58 3.92 -37.20 -33.20
C LEU D 58 4.07 -35.70 -33.41
N TYR D 59 5.21 -35.28 -33.91
CA TYR D 59 5.43 -33.88 -34.19
C TYR D 59 4.77 -33.51 -35.51
N TYR D 60 3.61 -32.88 -35.42
CA TYR D 60 2.85 -32.49 -36.60
C TYR D 60 3.45 -31.19 -37.13
N HIS D 61 4.22 -31.32 -38.19
CA HIS D 61 5.00 -30.21 -38.70
C HIS D 61 4.61 -29.86 -40.14
N GLU D 62 5.08 -28.70 -40.61
CA GLU D 62 4.82 -28.25 -41.97
C GLU D 62 5.86 -28.81 -42.94
N PRO D 63 5.53 -28.90 -44.24
CA PRO D 63 6.54 -29.43 -45.16
C PRO D 63 7.75 -28.49 -45.23
N VAL D 64 8.94 -28.99 -44.94
CA VAL D 64 10.15 -28.17 -45.01
C VAL D 64 10.60 -28.01 -46.46
N SER D 65 10.84 -26.76 -46.88
CA SER D 65 11.18 -26.50 -48.26
C SER D 65 12.60 -25.98 -48.45
N SER D 66 13.57 -26.89 -48.46
CA SER D 66 14.94 -26.62 -48.88
C SER D 66 15.59 -25.29 -48.45
N THR D 70 14.46 -22.80 -41.82
CA THR D 70 15.06 -23.54 -42.91
C THR D 70 15.27 -25.03 -42.59
N GLN D 71 16.04 -25.66 -43.45
CA GLN D 71 16.65 -26.94 -43.31
C GLN D 71 17.28 -27.09 -41.94
N LYS D 72 18.36 -26.36 -41.74
CA LYS D 72 19.13 -26.29 -40.49
C LYS D 72 18.30 -25.72 -39.32
N GLN D 73 17.18 -25.07 -39.61
CA GLN D 73 16.28 -24.62 -38.55
C GLN D 73 15.42 -25.77 -38.01
N PHE D 74 14.81 -26.52 -38.91
CA PHE D 74 13.94 -27.64 -38.54
C PHE D 74 14.66 -28.75 -37.81
N GLN D 75 15.88 -29.05 -38.22
CA GLN D 75 16.66 -30.14 -37.63
C GLN D 75 16.95 -29.82 -36.17
N LEU D 76 17.07 -28.53 -35.85
CA LEU D 76 17.29 -28.09 -34.48
C LEU D 76 16.18 -28.60 -33.57
N LYS D 77 14.94 -28.55 -34.05
CA LYS D 77 13.81 -29.10 -33.29
C LYS D 77 13.86 -30.62 -33.26
N GLU D 78 14.41 -31.22 -34.31
CA GLU D 78 14.51 -32.67 -34.36
C GLU D 78 15.56 -33.13 -33.37
N ILE D 79 16.65 -32.39 -33.28
CA ILE D 79 17.71 -32.65 -32.31
C ILE D 79 17.15 -32.67 -30.89
N VAL D 80 16.27 -31.71 -30.61
CA VAL D 80 15.60 -31.64 -29.31
C VAL D 80 14.76 -32.88 -29.06
N LEU D 81 13.97 -33.26 -30.05
CA LEU D 81 13.14 -34.46 -29.97
C LEU D 81 14.00 -35.72 -29.81
N GLU D 82 15.17 -35.71 -30.45
CA GLU D 82 16.08 -36.84 -30.37
C GLU D 82 16.63 -37.06 -28.97
N LEU D 83 16.95 -35.96 -28.29
CA LEU D 83 17.49 -36.03 -26.95
C LEU D 83 16.43 -36.52 -25.96
N VAL D 84 15.20 -36.07 -26.16
CA VAL D 84 14.08 -36.51 -25.34
C VAL D 84 13.81 -38.00 -25.57
N ALA D 85 13.90 -38.41 -26.84
CA ALA D 85 13.71 -39.80 -27.22
C ALA D 85 14.78 -40.71 -26.60
N GLN D 86 15.99 -40.16 -26.46
CA GLN D 86 17.11 -40.91 -25.91
C GLN D 86 16.95 -41.18 -24.42
N VAL D 87 16.59 -40.15 -23.67
CA VAL D 87 16.46 -40.26 -22.23
C VAL D 87 15.17 -40.95 -21.81
N LEU D 88 14.21 -41.03 -22.73
CA LEU D 88 12.94 -41.67 -22.43
C LEU D 88 12.79 -43.00 -23.17
N GLU D 89 13.91 -43.49 -23.71
CA GLU D 89 13.92 -44.77 -24.41
C GLU D 89 13.53 -45.91 -23.49
N HIS D 90 14.14 -45.93 -22.30
CA HIS D 90 13.85 -46.96 -21.30
C HIS D 90 12.39 -46.99 -20.85
N LYS D 91 11.67 -45.90 -21.09
CA LYS D 91 10.27 -45.82 -20.66
C LYS D 91 9.31 -46.02 -21.82
N ALA D 92 9.84 -46.56 -22.91
CA ALA D 92 9.06 -46.88 -24.11
C ALA D 92 8.21 -45.71 -24.59
N ILE D 93 8.82 -44.54 -24.74
CA ILE D 93 8.13 -43.40 -25.31
C ILE D 93 8.64 -43.14 -26.72
N GLY D 94 7.74 -43.20 -27.69
CA GLY D 94 8.12 -43.03 -29.08
C GLY D 94 7.94 -41.63 -29.63
N PHE D 95 8.80 -41.26 -30.58
CA PHE D 95 8.74 -39.96 -31.20
C PHE D 95 8.85 -40.07 -32.72
N VAL D 96 7.80 -39.67 -33.42
CA VAL D 96 7.81 -39.66 -34.87
C VAL D 96 7.39 -38.30 -35.41
N MET D 97 7.66 -38.07 -36.69
CA MET D 97 7.33 -36.80 -37.32
C MET D 97 6.28 -36.98 -38.42
N VAL D 98 5.30 -36.08 -38.47
CA VAL D 98 4.22 -36.18 -39.44
C VAL D 98 4.15 -34.95 -40.35
N ASP D 99 4.46 -35.14 -41.63
CA ASP D 99 4.39 -34.07 -42.61
C ASP D 99 2.92 -33.71 -42.88
N ALA D 100 2.60 -32.43 -42.77
CA ALA D 100 1.21 -31.98 -42.84
C ALA D 100 0.58 -32.22 -44.23
N LYS D 101 1.42 -32.18 -45.26
CA LYS D 101 0.97 -32.43 -46.62
C LYS D 101 1.12 -33.89 -47.02
N LYS D 102 2.36 -34.37 -46.96
CA LYS D 102 2.73 -35.71 -47.37
C LYS D 102 1.96 -36.76 -46.59
N GLU D 103 1.53 -36.40 -45.38
CA GLU D 103 0.71 -37.30 -44.60
C GLU D 103 -0.58 -36.65 -44.12
N ALA D 104 -1.15 -35.82 -44.99
CA ALA D 104 -2.36 -35.08 -44.68
C ALA D 104 -3.55 -35.97 -44.32
N LYS D 105 -3.59 -37.17 -44.90
CA LYS D 105 -4.73 -38.06 -44.74
C LYS D 105 -4.67 -38.73 -43.36
N LEU D 106 -3.45 -39.06 -42.94
CA LEU D 106 -3.21 -39.60 -41.60
C LEU D 106 -3.56 -38.56 -40.55
N ALA D 107 -3.18 -37.31 -40.79
CA ALA D 107 -3.44 -36.21 -39.88
C ALA D 107 -4.94 -35.93 -39.69
N LYS D 108 -5.70 -36.07 -40.77
CA LYS D 108 -7.15 -35.86 -40.72
C LYS D 108 -7.85 -36.93 -39.90
N LYS D 109 -7.30 -38.14 -39.95
CA LYS D 109 -7.86 -39.27 -39.23
C LYS D 109 -7.62 -39.10 -37.74
N LEU D 110 -6.43 -38.60 -37.41
CA LEU D 110 -6.00 -38.44 -36.02
C LEU D 110 -6.52 -37.14 -35.41
N GLY D 111 -6.99 -36.23 -36.25
CA GLY D 111 -7.53 -34.96 -35.78
C GLY D 111 -6.49 -33.87 -35.53
N PHE D 112 -5.35 -34.00 -36.19
CA PHE D 112 -4.27 -33.05 -36.05
C PHE D 112 -4.48 -31.84 -36.91
N ASP D 113 -4.61 -30.65 -36.33
CA ASP D 113 -4.59 -29.43 -37.13
C ASP D 113 -3.61 -28.34 -36.82
N GLU D 114 -3.10 -28.23 -35.60
CA GLU D 114 -2.18 -27.15 -35.24
C GLU D 114 -0.79 -27.54 -35.63
N GLU D 115 -0.24 -26.90 -36.62
CA GLU D 115 1.15 -27.14 -36.98
C GLU D 115 2.18 -26.67 -35.96
N GLY D 116 3.18 -27.49 -35.68
CA GLY D 116 4.25 -27.20 -34.74
C GLY D 116 3.95 -27.76 -33.36
N SER D 117 2.75 -28.33 -33.21
CA SER D 117 2.35 -28.93 -31.94
C SER D 117 2.77 -30.39 -31.87
N LEU D 118 3.13 -30.84 -30.67
CA LEU D 118 3.47 -32.24 -30.47
C LEU D 118 2.28 -32.98 -29.88
N TYR D 119 1.71 -33.89 -30.68
CA TYR D 119 0.57 -34.67 -30.23
C TYR D 119 1.03 -35.97 -29.62
N ILE D 120 0.47 -36.31 -28.47
CA ILE D 120 0.85 -37.55 -27.79
C ILE D 120 -0.34 -38.50 -27.73
N LEU D 121 -0.15 -39.68 -28.29
CA LEU D 121 -1.17 -40.71 -28.26
C LEU D 121 -0.93 -41.65 -27.09
N LYS D 122 -1.78 -41.55 -26.07
CA LYS D 122 -1.70 -42.44 -24.94
C LYS D 122 -2.97 -43.27 -24.92
N GLY D 123 -2.93 -44.39 -25.63
CA GLY D 123 -4.10 -45.24 -25.77
C GLY D 123 -5.22 -44.45 -26.41
N ASP D 124 -6.41 -44.51 -25.84
CA ASP D 124 -7.56 -43.86 -26.44
C ASP D 124 -7.57 -42.34 -26.46
N ARG D 125 -6.65 -41.68 -25.78
CA ARG D 125 -6.67 -40.21 -25.81
C ARG D 125 -5.56 -39.54 -26.62
N THR D 126 -5.84 -38.32 -27.07
CA THR D 126 -4.87 -37.51 -27.80
C THR D 126 -4.57 -36.23 -27.00
N ILE D 127 -3.31 -36.08 -26.60
CA ILE D 127 -2.89 -34.93 -25.81
C ILE D 127 -1.97 -34.02 -26.62
N GLU D 128 -2.26 -32.74 -26.58
CA GLU D 128 -1.47 -31.77 -27.33
C GLU D 128 -0.45 -31.04 -26.48
N PHE D 129 0.81 -31.03 -26.94
CA PHE D 129 1.84 -30.19 -26.32
C PHE D 129 2.07 -28.96 -27.18
N ASP D 130 1.96 -27.78 -26.58
CA ASP D 130 2.11 -26.51 -27.29
C ASP D 130 2.85 -25.48 -26.44
N GLY D 131 4.07 -25.80 -26.03
CA GLY D 131 4.84 -24.92 -25.18
C GLY D 131 6.28 -24.81 -25.61
N GLU D 132 7.13 -24.40 -24.67
CA GLU D 132 8.56 -24.24 -24.93
C GLU D 132 9.19 -25.54 -25.44
N PHE D 133 9.72 -25.49 -26.65
CA PHE D 133 10.29 -26.67 -27.29
C PHE D 133 11.72 -26.94 -26.80
N ALA D 134 11.83 -27.35 -25.54
CA ALA D 134 13.13 -27.68 -24.97
C ALA D 134 13.13 -29.11 -24.44
N ALA D 135 14.32 -29.71 -24.39
CA ALA D 135 14.46 -31.11 -23.97
C ALA D 135 13.98 -31.32 -22.54
N ASP D 136 14.46 -30.49 -21.62
CA ASP D 136 14.13 -30.63 -20.21
C ASP D 136 12.66 -30.36 -19.93
N VAL D 137 12.08 -29.39 -20.64
CA VAL D 137 10.67 -29.05 -20.50
C VAL D 137 9.80 -30.20 -20.95
N LEU D 138 10.13 -30.79 -22.09
CA LEU D 138 9.37 -31.90 -22.66
C LEU D 138 9.43 -33.14 -21.78
N VAL D 139 10.62 -33.47 -21.30
CA VAL D 139 10.82 -34.66 -20.47
C VAL D 139 10.01 -34.58 -19.18
N GLU D 140 10.13 -33.47 -18.47
CA GLU D 140 9.38 -33.25 -17.23
C GLU D 140 7.88 -33.33 -17.51
N PHE D 141 7.46 -32.77 -18.63
CA PHE D 141 6.07 -32.80 -19.05
C PHE D 141 5.58 -34.23 -19.30
N LEU D 142 6.36 -34.99 -20.06
CA LEU D 142 5.98 -36.34 -20.44
C LEU D 142 6.01 -37.31 -19.26
N LEU D 143 6.93 -37.10 -18.33
CA LEU D 143 7.05 -37.94 -17.14
C LEU D 143 5.76 -37.90 -16.33
N ASP D 144 5.13 -36.74 -16.28
CA ASP D 144 3.86 -36.58 -15.59
C ASP D 144 2.72 -37.21 -16.40
N LEU D 145 2.86 -37.17 -17.72
CA LEU D 145 1.83 -37.67 -18.63
C LEU D 145 1.74 -39.20 -18.61
N ILE D 146 2.87 -39.85 -18.34
CA ILE D 146 2.93 -41.31 -18.29
C ILE D 146 2.06 -41.88 -17.18
N GLU D 147 2.12 -41.26 -16.00
CA GLU D 147 1.41 -41.76 -14.83
C GLU D 147 -0.11 -41.61 -14.94
N ASP D 148 -0.81 -42.25 -14.01
CA ASP D 148 -2.27 -42.14 -13.91
C ASP D 148 -2.68 -40.72 -13.50
N PRO D 149 -3.74 -40.19 -14.12
CA PRO D 149 -4.17 -38.80 -13.92
C PRO D 149 -4.69 -38.50 -12.52
N VAL D 150 -5.29 -39.49 -11.85
CA VAL D 150 -5.93 -39.25 -10.57
C VAL D 150 -5.05 -39.68 -9.39
N GLU D 151 -4.81 -38.73 -8.48
CA GLU D 151 -4.09 -39.01 -7.24
C GLU D 151 -5.07 -39.27 -6.11
N ILE D 152 -4.81 -40.28 -5.32
CA ILE D 152 -5.67 -40.63 -4.19
C ILE D 152 -5.24 -39.90 -2.93
N ILE D 153 -6.17 -39.14 -2.35
CA ILE D 153 -5.90 -38.38 -1.14
C ILE D 153 -6.49 -39.10 0.08
N SER D 154 -5.62 -39.56 0.97
CA SER D 154 -6.06 -40.33 2.12
C SER D 154 -5.53 -39.77 3.45
N SER D 155 -4.21 -39.61 3.53
CA SER D 155 -3.58 -39.16 4.77
C SER D 155 -3.77 -37.67 4.99
N LYS D 156 -3.46 -37.21 6.20
CA LYS D 156 -3.55 -35.80 6.56
C LYS D 156 -2.63 -34.94 5.70
N LEU D 157 -1.42 -35.44 5.47
CA LEU D 157 -0.42 -34.70 4.71
C LEU D 157 -0.80 -34.62 3.22
N GLU D 158 -1.53 -35.62 2.74
CA GLU D 158 -2.00 -35.63 1.37
C GLU D 158 -3.11 -34.60 1.19
N VAL D 159 -3.95 -34.46 2.20
CA VAL D 159 -4.97 -33.42 2.23
C VAL D 159 -4.30 -32.06 2.20
N GLN D 160 -3.26 -31.91 3.02
CA GLN D 160 -2.48 -30.68 3.06
C GLN D 160 -1.83 -30.38 1.71
N ALA D 161 -1.38 -31.44 1.03
CA ALA D 161 -0.78 -31.32 -0.29
C ALA D 161 -1.78 -30.77 -1.31
N PHE D 162 -3.00 -31.30 -1.25
CA PHE D 162 -4.07 -30.87 -2.16
C PHE D 162 -4.46 -29.42 -1.94
N GLU D 163 -4.57 -29.02 -0.67
CA GLU D 163 -5.06 -27.69 -0.33
C GLU D 163 -4.12 -26.57 -0.76
N ARG D 164 -2.83 -26.84 -0.79
CA ARG D 164 -1.83 -25.82 -1.09
C ARG D 164 -1.53 -25.69 -2.58
N ILE D 165 -2.19 -26.50 -3.40
CA ILE D 165 -2.12 -26.32 -4.85
C ILE D 165 -2.96 -25.09 -5.18
N GLU D 166 -2.32 -24.06 -5.73
CA GLU D 166 -2.97 -22.76 -5.85
C GLU D 166 -3.15 -22.28 -7.29
N ASP D 167 -2.14 -22.46 -8.13
CA ASP D 167 -2.18 -21.90 -9.48
C ASP D 167 -2.62 -22.91 -10.53
N TYR D 168 -2.98 -24.10 -10.08
CA TYR D 168 -3.50 -25.13 -10.98
C TYR D 168 -5.00 -25.31 -10.79
N ILE D 169 -5.71 -25.56 -11.90
CA ILE D 169 -7.09 -26.01 -11.81
C ILE D 169 -7.12 -27.41 -11.22
N LYS D 170 -7.87 -27.60 -10.15
CA LYS D 170 -7.92 -28.90 -9.49
C LYS D 170 -9.34 -29.33 -9.13
N LEU D 171 -9.59 -30.62 -9.24
CA LEU D 171 -10.88 -31.19 -8.87
C LEU D 171 -10.70 -32.35 -7.90
N ILE D 172 -11.59 -32.47 -6.93
CA ILE D 172 -11.56 -33.59 -6.00
C ILE D 172 -12.95 -34.18 -5.80
N GLY D 173 -13.03 -35.50 -5.77
CA GLY D 173 -14.30 -36.20 -5.61
C GLY D 173 -14.27 -37.23 -4.50
N PHE D 174 -15.40 -37.43 -3.86
CA PHE D 174 -15.54 -38.42 -2.79
C PHE D 174 -16.35 -39.63 -3.26
N PHE D 175 -15.73 -40.79 -3.29
CA PHE D 175 -16.41 -42.00 -3.77
C PHE D 175 -16.31 -43.16 -2.78
N LYS D 176 -17.07 -44.22 -3.05
CA LYS D 176 -17.11 -45.39 -2.17
C LYS D 176 -15.81 -46.19 -2.21
N SER D 177 -15.26 -46.36 -3.41
CA SER D 177 -14.04 -47.14 -3.61
C SER D 177 -13.47 -46.96 -5.02
N GLU D 178 -12.36 -47.62 -5.32
CA GLU D 178 -11.74 -47.51 -6.64
C GLU D 178 -12.56 -48.26 -7.70
N ASP D 179 -13.44 -49.15 -7.24
CA ASP D 179 -14.30 -49.93 -8.11
C ASP D 179 -15.66 -49.26 -8.33
N SER D 180 -15.94 -48.19 -7.60
CA SER D 180 -17.19 -47.45 -7.78
C SER D 180 -17.26 -46.91 -9.22
N GLU D 181 -18.41 -47.10 -9.86
CA GLU D 181 -18.58 -46.68 -11.24
C GLU D 181 -18.49 -45.15 -11.37
N TYR D 182 -18.84 -44.45 -10.30
CA TYR D 182 -18.79 -43.00 -10.28
C TYR D 182 -17.34 -42.49 -10.19
N TYR D 183 -16.48 -43.27 -9.55
CA TYR D 183 -15.06 -42.94 -9.53
C TYR D 183 -14.44 -43.16 -10.90
N LYS D 184 -14.83 -44.24 -11.56
CA LYS D 184 -14.28 -44.59 -12.86
C LYS D 184 -14.65 -43.55 -13.90
N ALA D 185 -15.85 -42.97 -13.77
CA ALA D 185 -16.28 -41.90 -14.66
C ALA D 185 -15.46 -40.65 -14.39
N PHE D 186 -15.14 -40.42 -13.12
CA PHE D 186 -14.31 -39.30 -12.72
C PHE D 186 -12.89 -39.47 -13.23
N GLU D 187 -12.40 -40.72 -13.17
CA GLU D 187 -11.07 -41.05 -13.65
C GLU D 187 -10.98 -40.88 -15.16
N GLU D 188 -12.02 -41.34 -15.87
CA GLU D 188 -12.05 -41.23 -17.33
C GLU D 188 -12.08 -39.78 -17.78
N ALA D 189 -12.83 -38.95 -17.04
CA ALA D 189 -12.92 -37.53 -17.33
C ALA D 189 -11.57 -36.85 -17.12
N ALA D 190 -10.81 -37.35 -16.16
CA ALA D 190 -9.49 -36.81 -15.83
C ALA D 190 -8.51 -37.02 -16.97
N GLU D 191 -8.72 -38.07 -17.75
CA GLU D 191 -7.83 -38.42 -18.84
C GLU D 191 -7.86 -37.40 -19.98
N HIS D 192 -8.96 -36.67 -20.07
CA HIS D 192 -9.13 -35.66 -21.11
C HIS D 192 -8.16 -34.48 -20.95
N PHE D 193 -7.87 -34.10 -19.71
CA PHE D 193 -7.16 -32.85 -19.44
C PHE D 193 -5.75 -33.02 -18.88
N GLN D 194 -5.22 -34.21 -18.97
CA GLN D 194 -3.93 -34.54 -18.42
C GLN D 194 -2.85 -33.94 -19.25
N PRO D 195 -1.77 -33.42 -18.68
CA PRO D 195 -1.57 -33.13 -17.25
C PRO D 195 -1.77 -31.67 -16.87
N TYR D 196 -2.68 -30.99 -17.56
CA TYR D 196 -2.90 -29.56 -17.33
C TYR D 196 -3.81 -29.31 -16.14
N ILE D 197 -4.79 -30.20 -15.96
CA ILE D 197 -5.74 -30.05 -14.87
C ILE D 197 -5.67 -31.21 -13.89
N LYS D 198 -5.55 -30.90 -12.61
CA LYS D 198 -5.29 -31.89 -11.57
C LYS D 198 -6.57 -32.51 -11.02
N PHE D 199 -6.67 -33.83 -11.08
CA PHE D 199 -7.82 -34.53 -10.55
C PHE D 199 -7.42 -35.35 -9.31
N PHE D 200 -8.26 -35.28 -8.28
CA PHE D 200 -8.00 -36.02 -7.05
C PHE D 200 -9.25 -36.78 -6.60
N ALA D 201 -9.04 -37.86 -5.86
CA ALA D 201 -10.16 -38.65 -5.36
C ALA D 201 -9.87 -39.22 -3.99
N THR D 202 -10.90 -39.30 -3.16
CA THR D 202 -10.77 -39.89 -1.84
C THR D 202 -11.89 -40.89 -1.59
N PHE D 203 -11.58 -41.91 -0.81
CA PHE D 203 -12.57 -42.90 -0.42
C PHE D 203 -12.67 -42.85 1.09
N ASP D 204 -12.18 -41.78 1.67
CA ASP D 204 -12.15 -41.57 3.10
C ASP D 204 -13.14 -40.53 3.51
N LYS D 205 -13.99 -40.87 4.44
CA LYS D 205 -15.06 -40.00 4.82
C LYS D 205 -14.58 -38.94 5.74
N GLY D 206 -13.42 -39.17 6.33
CA GLY D 206 -12.79 -38.19 7.16
C GLY D 206 -12.23 -37.09 6.30
N VAL D 207 -11.69 -37.45 5.15
CA VAL D 207 -11.19 -36.49 4.22
C VAL D 207 -12.35 -35.72 3.66
N ALA D 208 -13.39 -36.45 3.32
CA ALA D 208 -14.58 -35.88 2.70
C ALA D 208 -15.26 -34.86 3.60
N LYS D 209 -15.28 -35.13 4.89
CA LYS D 209 -15.89 -34.24 5.87
C LYS D 209 -15.09 -32.94 6.01
N LYS D 210 -13.78 -33.07 6.10
CA LYS D 210 -12.87 -31.91 6.02
C LYS D 210 -13.09 -31.01 4.81
N LEU D 211 -13.21 -31.63 3.65
CA LEU D 211 -13.28 -30.90 2.40
C LEU D 211 -14.73 -30.63 2.00
N SER D 212 -15.65 -30.90 2.93
CA SER D 212 -17.08 -30.68 2.73
C SER D 212 -17.62 -31.37 1.48
N LEU D 213 -17.22 -32.63 1.29
CA LEU D 213 -17.66 -33.41 0.15
C LEU D 213 -18.68 -34.47 0.57
N LYS D 214 -19.81 -34.48 -0.11
CA LYS D 214 -20.79 -35.52 0.10
C LYS D 214 -20.48 -36.69 -0.84
N MET D 215 -21.14 -37.81 -0.70
CA MET D 215 -20.80 -38.96 -1.51
C MET D 215 -21.05 -38.70 -2.97
N ASN D 216 -20.08 -39.02 -3.77
CA ASN D 216 -20.14 -38.78 -5.22
C ASN D 216 -20.17 -37.31 -5.63
N GLU D 217 -19.90 -36.42 -4.67
CA GLU D 217 -19.81 -34.98 -4.96
C GLU D 217 -18.40 -34.62 -5.44
N VAL D 218 -18.31 -33.74 -6.44
CA VAL D 218 -17.02 -33.29 -6.95
C VAL D 218 -16.92 -31.76 -6.89
N ASP D 219 -15.84 -31.27 -6.28
CA ASP D 219 -15.61 -29.83 -6.16
C ASP D 219 -14.62 -29.34 -7.21
N PHE D 220 -14.93 -28.19 -7.80
CA PHE D 220 -14.08 -27.58 -8.81
C PHE D 220 -13.37 -26.35 -8.25
N TYR D 221 -12.04 -26.39 -8.22
CA TYR D 221 -11.26 -25.27 -7.71
C TYR D 221 -10.60 -24.45 -8.81
N GLU D 222 -11.09 -23.24 -9.02
CA GLU D 222 -10.43 -22.27 -9.89
C GLU D 222 -9.22 -21.71 -9.16
N PRO D 223 -8.08 -21.56 -9.85
CA PRO D 223 -6.87 -20.99 -9.26
C PRO D 223 -7.09 -19.66 -8.53
N PHE D 224 -6.50 -19.56 -7.34
CA PHE D 224 -6.48 -18.32 -6.55
C PHE D 224 -7.84 -17.92 -5.96
N MET D 225 -8.84 -18.78 -6.09
CA MET D 225 -10.15 -18.54 -5.50
C MET D 225 -10.25 -19.08 -4.07
N ASP D 226 -11.08 -18.44 -3.26
CA ASP D 226 -11.24 -18.82 -1.86
C ASP D 226 -12.21 -20.00 -1.71
N GLU D 227 -13.25 -20.02 -2.55
CA GLU D 227 -14.27 -21.04 -2.46
C GLU D 227 -14.38 -21.85 -3.75
N PRO D 228 -14.49 -23.18 -3.61
CA PRO D 228 -14.68 -24.07 -4.76
C PRO D 228 -16.12 -24.06 -5.26
N ILE D 229 -16.35 -24.62 -6.44
CA ILE D 229 -17.71 -24.78 -6.94
C ILE D 229 -18.09 -26.25 -6.99
N ALA D 230 -19.12 -26.61 -6.24
CA ALA D 230 -19.64 -27.97 -6.27
C ALA D 230 -20.38 -28.21 -7.58
N ILE D 231 -19.90 -29.16 -8.37
CA ILE D 231 -20.55 -29.49 -9.64
C ILE D 231 -21.95 -30.02 -9.35
N PRO D 232 -22.97 -29.35 -9.91
CA PRO D 232 -24.38 -29.65 -9.63
C PRO D 232 -24.83 -31.02 -10.12
N ASN D 233 -25.88 -31.56 -9.50
CA ASN D 233 -26.53 -32.79 -9.96
C ASN D 233 -25.63 -34.03 -9.91
N LYS D 234 -25.13 -34.32 -8.71
CA LYS D 234 -24.36 -35.53 -8.49
C LYS D 234 -25.31 -36.75 -8.48
N PRO D 235 -24.80 -37.94 -8.86
CA PRO D 235 -23.46 -38.23 -9.36
C PRO D 235 -23.29 -37.82 -10.84
N TYR D 236 -22.07 -37.92 -11.36
CA TYR D 236 -21.77 -37.45 -12.70
C TYR D 236 -21.30 -38.56 -13.63
N THR D 237 -21.65 -38.46 -14.90
CA THR D 237 -21.04 -39.30 -15.94
C THR D 237 -19.76 -38.63 -16.41
N GLU D 238 -19.01 -39.32 -17.27
CA GLU D 238 -17.77 -38.77 -17.82
C GLU D 238 -18.03 -37.49 -18.62
N GLU D 239 -19.11 -37.50 -19.40
CA GLU D 239 -19.44 -36.39 -20.28
C GLU D 239 -19.81 -35.13 -19.50
N GLU D 240 -20.51 -35.31 -18.39
CA GLU D 240 -20.94 -34.21 -17.54
C GLU D 240 -19.74 -33.46 -16.96
N LEU D 241 -18.76 -34.22 -16.49
CA LEU D 241 -17.56 -33.64 -15.89
C LEU D 241 -16.70 -32.89 -16.92
N VAL D 242 -16.51 -33.52 -18.08
CA VAL D 242 -15.72 -32.92 -19.15
C VAL D 242 -16.33 -31.59 -19.61
N GLU D 243 -17.64 -31.56 -19.74
CA GLU D 243 -18.34 -30.37 -20.22
C GLU D 243 -18.29 -29.24 -19.19
N PHE D 244 -18.41 -29.58 -17.92
CA PHE D 244 -18.33 -28.59 -16.84
C PHE D 244 -16.93 -27.97 -16.82
N VAL D 245 -15.92 -28.82 -16.90
CA VAL D 245 -14.54 -28.36 -16.90
C VAL D 245 -14.26 -27.45 -18.09
N LYS D 246 -14.76 -27.82 -19.26
CA LYS D 246 -14.57 -27.02 -20.48
C LYS D 246 -15.15 -25.62 -20.34
N GLU D 247 -16.27 -25.49 -19.63
CA GLU D 247 -16.90 -24.19 -19.45
C GLU D 247 -16.19 -23.35 -18.39
N HIS D 248 -15.38 -24.00 -17.57
CA HIS D 248 -14.68 -23.30 -16.50
C HIS D 248 -13.17 -23.49 -16.57
N GLN D 249 -12.69 -23.64 -17.78
CA GLN D 249 -11.32 -24.00 -18.03
C GLN D 249 -10.39 -22.82 -18.16
N ARG D 250 -10.93 -21.63 -18.20
CA ARG D 250 -10.13 -20.41 -18.28
C ARG D 250 -10.23 -19.61 -16.99
N PRO D 251 -9.21 -19.71 -16.13
CA PRO D 251 -9.18 -18.97 -14.86
C PRO D 251 -9.11 -17.47 -15.07
N THR D 252 -9.69 -16.71 -14.14
CA THR D 252 -9.61 -15.25 -14.18
C THR D 252 -8.15 -14.82 -14.06
N LEU D 253 -7.41 -15.52 -13.21
CA LEU D 253 -5.98 -15.32 -13.08
C LEU D 253 -5.24 -16.62 -13.32
N ARG D 254 -4.55 -16.71 -14.45
CA ARG D 254 -3.84 -17.93 -14.81
C ARG D 254 -2.35 -17.66 -15.02
N ARG D 255 -1.54 -18.62 -14.64
CA ARG D 255 -0.09 -18.49 -14.72
C ARG D 255 0.43 -18.98 -16.07
N LEU D 256 1.36 -18.23 -16.65
CA LEU D 256 1.99 -18.66 -17.88
C LEU D 256 3.11 -19.65 -17.57
N ARG D 257 2.93 -20.89 -18.01
CA ARG D 257 3.94 -21.93 -17.81
C ARG D 257 4.62 -22.28 -19.12
N PRO D 258 5.93 -22.56 -19.07
CA PRO D 258 6.75 -22.92 -20.23
C PRO D 258 6.17 -24.05 -21.07
N GLU D 259 5.55 -25.03 -20.42
CA GLU D 259 5.00 -26.17 -21.14
C GLU D 259 3.62 -25.87 -21.71
N GLU D 260 3.11 -24.67 -21.43
CA GLU D 260 1.79 -24.27 -21.91
C GLU D 260 1.79 -22.89 -22.56
N MET D 261 2.97 -22.28 -22.68
CA MET D 261 3.07 -20.85 -22.99
C MET D 261 2.39 -20.42 -24.29
N PHE D 262 2.57 -21.20 -25.36
CA PHE D 262 1.98 -20.85 -26.65
C PHE D 262 0.50 -21.20 -26.69
N GLU D 263 0.14 -22.28 -26.01
CA GLU D 263 -1.26 -22.68 -25.87
C GLU D 263 -2.06 -21.57 -25.20
N THR D 264 -1.48 -21.03 -24.13
CA THR D 264 -2.11 -19.99 -23.34
C THR D 264 -2.14 -18.67 -24.09
N TRP D 265 -1.03 -18.32 -24.72
CA TRP D 265 -0.93 -17.04 -25.42
C TRP D 265 -1.87 -16.96 -26.62
N GLU D 266 -2.07 -18.09 -27.29
CA GLU D 266 -2.99 -18.14 -28.43
C GLU D 266 -4.43 -18.12 -27.96
N ASP D 267 -4.62 -18.29 -26.66
CA ASP D 267 -5.96 -18.24 -26.06
C ASP D 267 -6.26 -16.82 -25.58
N ASP D 268 -6.18 -15.86 -26.50
CA ASP D 268 -6.45 -14.47 -26.16
C ASP D 268 -7.95 -14.21 -26.17
N LEU D 269 -8.36 -13.14 -25.49
CA LEU D 269 -9.76 -12.75 -25.48
C LEU D 269 -9.95 -11.47 -26.28
N ASN D 270 -10.56 -11.59 -27.45
CA ASN D 270 -10.80 -10.46 -28.35
C ASN D 270 -9.50 -9.73 -28.72
N GLY D 271 -8.44 -10.50 -28.92
CA GLY D 271 -7.18 -9.94 -29.39
C GLY D 271 -6.28 -9.33 -28.32
N ILE D 272 -6.64 -9.46 -27.05
CA ILE D 272 -5.82 -8.86 -26.00
C ILE D 272 -5.49 -9.83 -24.86
N HIS D 273 -4.33 -9.61 -24.26
CA HIS D 273 -3.96 -10.26 -23.01
C HIS D 273 -3.66 -9.21 -21.95
N ILE D 274 -4.22 -9.38 -20.76
CA ILE D 274 -3.80 -8.57 -19.62
C ILE D 274 -2.62 -9.25 -18.96
N VAL D 275 -1.42 -8.72 -19.20
CA VAL D 275 -0.20 -9.37 -18.76
C VAL D 275 0.37 -8.71 -17.51
N ALA D 276 0.61 -9.52 -16.48
CA ALA D 276 1.18 -9.04 -15.24
C ALA D 276 2.45 -9.78 -14.87
N PHE D 277 3.56 -9.05 -14.82
CA PHE D 277 4.84 -9.64 -14.42
C PHE D 277 5.03 -9.58 -12.91
N ALA D 278 5.36 -10.71 -12.31
CA ALA D 278 5.57 -10.77 -10.87
C ALA D 278 6.54 -11.89 -10.48
N GLU D 279 7.71 -11.51 -10.01
CA GLU D 279 8.70 -12.47 -9.51
C GLU D 279 8.34 -12.85 -8.08
N LYS D 280 7.78 -14.04 -7.90
CA LYS D 280 7.23 -14.45 -6.61
C LYS D 280 8.29 -14.56 -5.53
N SER D 281 9.50 -14.94 -5.90
CA SER D 281 10.61 -15.04 -4.95
C SER D 281 11.01 -13.65 -4.45
N ASP D 282 10.71 -12.64 -5.25
CA ASP D 282 10.96 -11.25 -4.86
C ASP D 282 9.78 -10.76 -4.03
N PRO D 283 10.07 -10.21 -2.83
CA PRO D 283 9.04 -9.71 -1.91
C PRO D 283 8.09 -8.70 -2.54
N ASP D 284 8.61 -7.87 -3.44
CA ASP D 284 7.79 -6.90 -4.15
C ASP D 284 6.91 -7.60 -5.19
N GLY D 285 7.45 -8.63 -5.81
CA GLY D 285 6.71 -9.42 -6.77
C GLY D 285 5.61 -10.23 -6.08
N TYR D 286 5.95 -10.78 -4.92
CA TYR D 286 4.98 -11.49 -4.09
C TYR D 286 3.85 -10.55 -3.69
N GLU D 287 4.23 -9.33 -3.32
CA GLU D 287 3.27 -8.29 -2.95
C GLU D 287 2.24 -8.04 -4.05
N PHE D 288 2.74 -7.80 -5.26
CA PHE D 288 1.88 -7.48 -6.39
C PHE D 288 0.99 -8.65 -6.78
N LEU D 289 1.52 -9.87 -6.63
CA LEU D 289 0.77 -11.07 -6.97
C LEU D 289 -0.44 -11.23 -6.05
N GLU D 290 -0.25 -10.91 -4.77
CA GLU D 290 -1.34 -10.98 -3.80
C GLU D 290 -2.45 -9.99 -4.14
N ILE D 291 -2.05 -8.81 -4.59
CA ILE D 291 -3.00 -7.79 -5.02
C ILE D 291 -3.72 -8.27 -6.28
N LEU D 292 -2.96 -8.93 -7.16
CA LEU D 292 -3.52 -9.51 -8.39
C LEU D 292 -4.60 -10.54 -8.07
N LYS D 293 -4.34 -11.37 -7.07
CA LYS D 293 -5.29 -12.39 -6.63
C LYS D 293 -6.60 -11.75 -6.21
N GLN D 294 -6.51 -10.62 -5.52
CA GLN D 294 -7.68 -9.90 -5.05
C GLN D 294 -8.51 -9.36 -6.23
N VAL D 295 -7.81 -8.87 -7.24
CA VAL D 295 -8.46 -8.40 -8.46
C VAL D 295 -9.21 -9.54 -9.15
N ALA D 296 -8.57 -10.70 -9.18
CA ALA D 296 -9.16 -11.89 -9.78
C ALA D 296 -10.41 -12.35 -9.02
N ARG D 297 -10.32 -12.34 -7.70
CA ARG D 297 -11.43 -12.75 -6.85
C ARG D 297 -12.63 -11.81 -6.98
N ASP D 298 -12.36 -10.54 -7.14
CA ASP D 298 -13.38 -9.54 -7.20
C ASP D 298 -14.08 -9.54 -8.57
N ASN D 299 -13.50 -10.12 -9.60
CA ASN D 299 -14.08 -10.18 -10.94
C ASN D 299 -14.05 -11.58 -11.53
N THR D 300 -14.16 -12.59 -10.67
CA THR D 300 -14.03 -13.98 -11.10
C THR D 300 -15.21 -14.47 -11.94
N ASP D 301 -16.33 -13.76 -11.86
CA ASP D 301 -17.52 -14.17 -12.60
C ASP D 301 -17.64 -13.41 -13.92
N ASN D 302 -16.63 -12.58 -14.22
CA ASN D 302 -16.56 -11.88 -15.49
C ASN D 302 -15.87 -12.73 -16.54
N PRO D 303 -16.62 -13.18 -17.55
CA PRO D 303 -16.10 -14.08 -18.58
C PRO D 303 -15.14 -13.39 -19.55
N ASP D 304 -15.12 -12.06 -19.53
CA ASP D 304 -14.27 -11.29 -20.43
C ASP D 304 -12.92 -10.96 -19.81
N LEU D 305 -12.71 -11.38 -18.56
CA LEU D 305 -11.47 -11.06 -17.86
C LEU D 305 -10.61 -12.29 -17.62
N SER D 306 -9.38 -12.23 -18.13
CA SER D 306 -8.39 -13.26 -17.85
C SER D 306 -7.00 -12.65 -17.76
N ILE D 307 -6.46 -12.58 -16.55
CA ILE D 307 -5.16 -11.97 -16.31
C ILE D 307 -4.05 -13.00 -16.42
N LEU D 308 -3.03 -12.70 -17.20
CA LEU D 308 -1.90 -13.61 -17.39
C LEU D 308 -0.73 -13.26 -16.50
N TRP D 309 -0.48 -14.10 -15.49
CA TRP D 309 0.65 -13.91 -14.60
C TRP D 309 1.91 -14.55 -15.16
N ILE D 310 2.94 -13.74 -15.37
CA ILE D 310 4.23 -14.25 -15.84
C ILE D 310 5.32 -14.01 -14.81
N ASP D 311 5.89 -15.10 -14.28
CA ASP D 311 7.05 -15.01 -13.43
C ASP D 311 8.30 -15.04 -14.29
N PRO D 312 9.08 -13.95 -14.27
CA PRO D 312 10.31 -13.81 -15.08
C PRO D 312 11.31 -14.93 -14.85
N ASP D 313 11.25 -15.56 -13.68
CA ASP D 313 12.15 -16.67 -13.36
C ASP D 313 11.85 -17.91 -14.18
N ASP D 314 10.64 -17.99 -14.72
CA ASP D 314 10.24 -19.12 -15.55
C ASP D 314 10.62 -18.90 -17.01
N PHE D 315 10.90 -17.65 -17.37
CA PHE D 315 11.29 -17.32 -18.74
C PHE D 315 12.47 -16.35 -18.78
N PRO D 316 13.65 -16.81 -18.33
CA PRO D 316 14.83 -15.93 -18.25
C PRO D 316 15.31 -15.46 -19.62
N LEU D 317 15.09 -16.27 -20.65
CA LEU D 317 15.57 -15.97 -21.99
C LEU D 317 14.67 -14.99 -22.74
N LEU D 318 13.57 -14.60 -22.10
CA LEU D 318 12.61 -13.68 -22.71
C LEU D 318 12.64 -12.33 -22.01
N VAL D 319 13.47 -12.22 -20.96
CA VAL D 319 13.55 -11.00 -20.16
C VAL D 319 14.03 -9.82 -20.99
N ALA D 320 15.09 -10.01 -21.77
CA ALA D 320 15.63 -8.95 -22.61
C ALA D 320 14.63 -8.53 -23.69
N TYR D 321 13.98 -9.52 -24.29
CA TYR D 321 12.96 -9.23 -25.31
C TYR D 321 11.80 -8.43 -24.73
N TRP D 322 11.34 -8.84 -23.56
CA TRP D 322 10.22 -8.18 -22.90
C TRP D 322 10.55 -6.74 -22.49
N GLU D 323 11.74 -6.54 -21.92
CA GLU D 323 12.15 -5.22 -21.47
C GLU D 323 12.36 -4.24 -22.62
N LYS D 324 12.82 -4.75 -23.76
CA LYS D 324 13.04 -3.91 -24.94
C LYS D 324 11.74 -3.56 -25.64
N THR D 325 10.88 -4.55 -25.79
CA THR D 325 9.63 -4.39 -26.53
C THR D 325 8.62 -3.59 -25.73
N PHE D 326 8.55 -3.86 -24.43
CA PHE D 326 7.54 -3.24 -23.58
C PHE D 326 8.04 -2.01 -22.82
N LYS D 327 9.35 -1.78 -22.87
CA LYS D 327 9.98 -0.64 -22.21
C LYS D 327 9.69 -0.63 -20.70
N ILE D 328 9.91 -1.75 -20.04
CA ILE D 328 9.65 -1.88 -18.62
C ILE D 328 10.84 -2.49 -17.88
N ASP D 329 10.86 -2.31 -16.57
CA ASP D 329 11.91 -2.89 -15.73
C ASP D 329 11.37 -4.13 -15.02
N LEU D 330 11.87 -5.30 -15.41
CA LEU D 330 11.37 -6.56 -14.87
C LEU D 330 12.00 -6.90 -13.52
N PHE D 331 12.79 -5.98 -12.98
CA PHE D 331 13.28 -6.11 -11.61
C PHE D 331 12.17 -5.71 -10.64
N ARG D 332 11.13 -5.09 -11.19
CA ARG D 332 9.96 -4.68 -10.42
C ARG D 332 8.70 -5.29 -11.05
N PRO D 333 7.64 -5.43 -10.25
CA PRO D 333 6.36 -5.93 -10.80
C PRO D 333 5.76 -4.97 -11.82
N GLN D 334 5.21 -5.52 -12.90
CA GLN D 334 4.60 -4.71 -13.95
C GLN D 334 3.25 -5.29 -14.36
N ILE D 335 2.36 -4.43 -14.86
CA ILE D 335 1.09 -4.88 -15.41
C ILE D 335 0.67 -4.00 -16.59
N GLY D 336 0.13 -4.63 -17.62
CA GLY D 336 -0.29 -3.89 -18.81
C GLY D 336 -1.22 -4.68 -19.70
N VAL D 337 -1.70 -4.03 -20.74
CA VAL D 337 -2.60 -4.66 -21.70
C VAL D 337 -1.91 -4.83 -23.04
N VAL D 338 -1.81 -6.08 -23.52
CA VAL D 338 -1.13 -6.33 -24.78
C VAL D 338 -2.11 -6.79 -25.84
N ASN D 339 -2.18 -6.03 -26.94
CA ASN D 339 -3.05 -6.38 -28.05
C ASN D 339 -2.33 -7.27 -29.07
N VAL D 340 -2.78 -8.51 -29.21
CA VAL D 340 -2.06 -9.44 -30.09
C VAL D 340 -2.47 -9.21 -31.54
N THR D 341 -3.56 -8.45 -31.71
CA THR D 341 -4.11 -8.12 -33.02
C THR D 341 -3.35 -6.95 -33.66
N ASP D 342 -3.03 -5.93 -32.87
CA ASP D 342 -2.42 -4.72 -33.43
C ASP D 342 -0.93 -4.64 -33.06
N ALA D 343 -0.41 -5.71 -32.46
CA ALA D 343 1.01 -5.78 -32.08
C ALA D 343 1.37 -4.58 -31.23
N ASP D 344 0.50 -4.25 -30.28
CA ASP D 344 0.65 -3.07 -29.44
C ASP D 344 0.35 -3.30 -27.95
N SER D 345 0.99 -2.53 -27.08
CA SER D 345 0.81 -2.70 -25.65
C SER D 345 0.99 -1.37 -24.91
N VAL D 346 0.28 -1.23 -23.80
CA VAL D 346 0.43 -0.09 -22.89
C VAL D 346 0.62 -0.60 -21.46
N TRP D 347 1.50 0.03 -20.70
CA TRP D 347 1.83 -0.47 -19.38
C TRP D 347 1.58 0.56 -18.28
N MET D 348 1.00 0.08 -17.17
CA MET D 348 0.69 0.93 -16.04
C MET D 348 1.94 1.49 -15.37
N GLU D 349 1.89 2.78 -15.06
CA GLU D 349 3.00 3.48 -14.44
C GLU D 349 3.13 3.11 -12.97
N ILE D 350 4.08 2.21 -12.67
CA ILE D 350 4.39 1.82 -11.30
C ILE D 350 5.89 1.99 -11.06
N PRO D 351 6.33 3.23 -10.89
CA PRO D 351 7.76 3.54 -10.75
C PRO D 351 8.33 3.11 -9.41
N ASP D 352 7.47 2.88 -8.43
CA ASP D 352 7.90 2.50 -7.10
C ASP D 352 7.10 1.30 -6.60
N ASP D 353 7.79 0.17 -6.41
CA ASP D 353 7.13 -1.04 -5.95
C ASP D 353 6.96 -1.05 -4.42
N ASP D 354 7.29 0.06 -3.79
CA ASP D 354 6.95 0.28 -2.39
C ASP D 354 5.79 1.26 -2.30
N ASP D 355 5.27 1.65 -3.47
CA ASP D 355 4.06 2.44 -3.55
C ASP D 355 3.14 1.81 -4.60
N LEU D 356 2.87 0.52 -4.40
CA LEU D 356 2.03 -0.24 -5.33
C LEU D 356 0.57 0.21 -5.31
N PRO D 357 -0.10 0.12 -6.46
CA PRO D 357 -1.53 0.42 -6.56
C PRO D 357 -2.38 -0.63 -5.84
N THR D 358 -3.51 -0.23 -5.30
CA THR D 358 -4.44 -1.17 -4.67
C THR D 358 -5.17 -1.98 -5.73
N ALA D 359 -5.96 -2.96 -5.30
CA ALA D 359 -6.73 -3.79 -6.21
C ALA D 359 -7.71 -2.98 -7.04
N GLU D 360 -8.36 -2.00 -6.40
CA GLU D 360 -9.33 -1.15 -7.07
C GLU D 360 -8.65 -0.25 -8.11
N GLU D 361 -7.48 0.27 -7.77
CA GLU D 361 -6.73 1.11 -8.70
C GLU D 361 -6.26 0.32 -9.91
N LEU D 362 -5.96 -0.96 -9.70
CA LEU D 362 -5.60 -1.85 -10.79
C LEU D 362 -6.81 -2.02 -11.71
N GLU D 363 -7.97 -2.22 -11.08
CA GLU D 363 -9.23 -2.40 -11.80
C GLU D 363 -9.59 -1.18 -12.64
N ASP D 364 -9.46 0.01 -12.05
CA ASP D 364 -9.77 1.26 -12.74
C ASP D 364 -8.88 1.51 -13.94
N TRP D 365 -7.58 1.22 -13.79
CA TRP D 365 -6.62 1.42 -14.86
C TRP D 365 -6.92 0.49 -16.04
N ILE D 366 -7.25 -0.76 -15.74
CA ILE D 366 -7.61 -1.72 -16.78
C ILE D 366 -8.86 -1.25 -17.51
N GLU D 367 -9.86 -0.86 -16.73
CA GLU D 367 -11.11 -0.33 -17.28
C GLU D 367 -10.90 0.86 -18.21
N ASP D 368 -10.00 1.75 -17.84
CA ASP D 368 -9.74 2.94 -18.65
C ASP D 368 -9.00 2.65 -19.95
N VAL D 369 -8.17 1.61 -19.94
CA VAL D 369 -7.46 1.19 -21.14
C VAL D 369 -8.40 0.51 -22.14
N LEU D 370 -9.12 -0.50 -21.66
CA LEU D 370 -10.10 -1.22 -22.46
C LEU D 370 -11.17 -0.32 -23.07
N SER D 371 -11.43 0.81 -22.44
CA SER D 371 -12.43 1.76 -22.95
C SER D 371 -11.81 2.86 -23.82
N GLY D 372 -10.48 2.95 -23.79
CA GLY D 372 -9.75 3.90 -24.62
C GLY D 372 -9.46 5.23 -23.95
N LYS D 373 -9.87 5.36 -22.68
CA LYS D 373 -9.61 6.58 -21.93
C LYS D 373 -8.09 6.79 -21.79
N ILE D 374 -7.32 5.71 -21.97
CA ILE D 374 -5.87 5.75 -21.81
C ILE D 374 -5.16 5.28 -23.08
N ASN D 375 -4.34 6.14 -23.67
CA ASN D 375 -4.18 7.50 -23.17
C ASN D 375 -4.63 8.52 -24.22
CA CA E . -15.79 22.35 4.18
CA CA F . -3.42 12.48 11.92
CA CA G . 1.72 11.06 15.04
CA CA H . 4.18 9.92 17.86
CA CA I . 7.93 12.59 17.93
CA CA J . -14.71 33.83 12.21
CA CA K . -11.41 32.62 10.48
CA CA L . -5.69 34.25 -7.97
CA CA M . -4.89 37.68 -5.74
CA CA N . -13.48 54.37 6.40
CA CA O . -6.42 15.19 11.95
CA CA P . 18.72 12.43 13.39
CA CA Q . 10.29 38.26 9.40
CA CA R . 4.51 60.05 12.15
CA CA S . 7.21 49.64 23.79
CA CA T . -27.73 32.41 -11.31
CA CA U . -10.27 20.73 10.09
CA CA V . 3.54 34.47 -8.98
CA CA W . 5.42 37.65 23.42
CA CA X . -4.53 43.61 -7.99
CA CA Y . 32.93 -24.77 -6.51
CA CA Z . 33.13 -27.26 -9.34
CA CA AA . 16.27 -25.21 -18.64
CA CA BA . 15.06 -14.76 -9.64
CA CA CA . 15.07 -10.85 -8.87
CA CA DA . 30.06 -3.01 -0.88
CA CA EA . 14.78 -11.50 19.43
CA CA FA . 20.79 -27.40 11.63
CA CA GA . 29.50 -7.57 18.31
CA CA HA . 34.42 -32.63 -1.50
CA CA IA . 5.26 -36.82 -11.49
CA CA JA . 6.45 -33.10 -12.43
CA CA KA . 2.26 -39.98 -6.80
CA CA LA . -0.76 -41.34 -4.47
CA CA MA . 0.83 -41.45 -0.15
CA CA NA . 33.65 -15.62 -29.58
CA CA OA . 13.55 -20.75 -12.69
CA CA PA . 16.34 -18.22 -8.80
CA CA QA . 38.28 -22.08 -4.29
CA CA RA . 30.96 -31.84 -9.65
CA CA SA . 10.47 -27.64 -13.83
CA CA TA . 16.19 -42.37 17.77
CA CA UA . -22.55 3.80 -6.46
CA CA VA . -27.71 9.72 14.45
CA CA WA . -25.20 7.59 17.10
CA CA XA . -6.48 -4.88 18.76
CA CA YA . -1.11 11.92 40.60
CA CA ZA . -17.64 16.92 34.97
CA CA AB . -16.51 37.18 13.89
CA CA BB . -16.32 40.92 18.88
CA CA CB . -15.14 43.65 21.28
CA CA DB . -15.89 42.28 25.76
CA CA EB . -7.25 -3.12 38.46
CA CA FB . -24.90 42.16 35.20
CA CA GB . -26.61 1.83 18.25
CA CA HB . -9.44 16.24 13.04
CA CA IB . -20.20 28.06 42.83
CA CA JB . -13.39 27.56 10.32
CA CA KB . -23.82 30.30 42.93
CA CA LB . -42.31 25.47 23.57
CA CA MB . 12.61 -6.31 -5.22
CA CA NB . 12.00 -4.18 -2.11
CA CA OB . 7.40 -3.19 -1.82
CA CA PB . 16.36 -38.12 -37.17
CA CA QB . -2.74 -25.54 -29.69
CA CA RB . 0.34 -23.47 -31.56
CA CA SB . -9.74 -45.12 -19.83
CA CA TB . -20.13 -29.46 -0.51
CA CA UB . -26.64 -36.44 -12.20
CA CA VB . -13.33 -17.09 -12.87
CA CA WB . -14.43 -4.17 -7.76
CA CA XB . -15.34 -1.15 -11.33
CA CA YB . 5.34 -29.79 -13.59
CA CA ZB . -4.90 -1.25 -26.44
#